data_4Z74
#
_entry.id   4Z74
#
_cell.length_a   87.011
_cell.length_b   105.199
_cell.length_c   255.872
_cell.angle_alpha   90.00
_cell.angle_beta   90.00
_cell.angle_gamma   90.00
#
_symmetry.space_group_name_H-M   'P 21 21 21'
#
loop_
_entity.id
_entity.type
_entity.pdbx_description
1 polymer 'Inorganic pyrophosphatase'
2 non-polymer 'PYROPHOSPHATE 2-'
3 non-polymer 'CALCIUM ION'
4 water water
#
_entity_poly.entity_id   1
_entity_poly.type   'polypeptide(L)'
_entity_poly.pdbx_seq_one_letter_code
;MAHHHHHHAMQFDVTIEIPKGQRNKYEVDHETGRVRLDRYLYTPMAYPTDYGFIEDTLGDDGDPLDALVLLPQPVFPGVL
VAARPVGMFRMVDEHGGDDKVLCVPAGDPRWDHVQDIGDVPAFELDAIKHFFVHYKDLEPGKFVKAADWVDRAEAEAEVQ
RSVERFKAGTH
;
_entity_poly.pdbx_strand_id   A,B,C,D,F,G,E,H,I,J,K,L
#
loop_
_chem_comp.id
_chem_comp.type
_chem_comp.name
_chem_comp.formula
CA non-polymer 'CALCIUM ION' 'Ca 2'
POP non-polymer 'PYROPHOSPHATE 2-' 'H2 O7 P2 -2'
#
# COMPACT_ATOMS: atom_id res chain seq x y z
N ALA A 9 -3.39 30.73 -36.66
CA ALA A 9 -3.74 29.44 -37.34
C ALA A 9 -5.20 29.10 -37.10
N MET A 10 -5.91 28.73 -38.17
CA MET A 10 -7.35 28.48 -38.11
C MET A 10 -7.69 27.29 -37.21
N GLN A 11 -8.78 27.44 -36.45
CA GLN A 11 -9.39 26.31 -35.76
C GLN A 11 -10.87 26.59 -35.48
N PHE A 12 -11.58 25.55 -35.10
CA PHE A 12 -13.02 25.59 -34.90
C PHE A 12 -13.48 24.35 -34.14
N ASP A 13 -14.74 24.38 -33.71
CA ASP A 13 -15.35 23.22 -33.05
C ASP A 13 -16.06 22.34 -34.07
N VAL A 14 -15.74 21.04 -34.03
CA VAL A 14 -16.45 20.03 -34.80
C VAL A 14 -17.37 19.27 -33.87
N THR A 15 -18.65 19.18 -34.22
CA THR A 15 -19.60 18.29 -33.55
C THR A 15 -19.60 16.97 -34.29
N ILE A 16 -19.21 15.89 -33.60
CA ILE A 16 -19.23 14.55 -34.18
C ILE A 16 -20.64 13.98 -34.13
N GLU A 17 -21.16 13.63 -35.31
CA GLU A 17 -22.45 12.95 -35.46
C GLU A 17 -22.27 11.44 -35.41
N ILE A 18 -21.27 10.93 -36.13
CA ILE A 18 -21.04 9.49 -36.29
C ILE A 18 -19.60 9.13 -35.89
N PRO A 19 -19.44 8.26 -34.88
CA PRO A 19 -18.10 7.74 -34.57
C PRO A 19 -17.56 6.80 -35.65
N LYS A 20 -16.24 6.65 -35.67
CA LYS A 20 -15.57 5.69 -36.56
C LYS A 20 -16.02 4.26 -36.25
N GLY A 21 -16.29 3.49 -37.29
CA GLY A 21 -16.74 2.10 -37.16
C GLY A 21 -18.25 1.89 -37.16
N GLN A 22 -19.00 2.94 -37.46
CA GLN A 22 -20.46 2.92 -37.37
C GLN A 22 -21.15 2.71 -38.70
N ARG A 23 -22.11 1.81 -38.72
CA ARG A 23 -23.02 1.61 -39.86
C ARG A 23 -24.33 2.40 -39.69
N ASN A 24 -24.68 2.74 -38.46
CA ASN A 24 -25.80 3.66 -38.20
C ASN A 24 -25.41 5.09 -38.54
N LYS A 25 -26.10 5.69 -39.51
CA LYS A 25 -25.86 7.08 -39.88
C LYS A 25 -26.72 8.03 -39.04
N TYR A 26 -26.12 8.53 -37.97
CA TYR A 26 -26.74 9.55 -37.12
C TYR A 26 -26.62 10.95 -37.71
N GLU A 27 -27.56 11.82 -37.35
CA GLU A 27 -27.63 13.20 -37.82
C GLU A 27 -28.11 14.11 -36.71
N VAL A 28 -27.50 15.29 -36.60
CA VAL A 28 -28.02 16.35 -35.73
C VAL A 28 -29.05 17.17 -36.50
N ASP A 29 -30.26 17.27 -35.94
CA ASP A 29 -31.25 18.23 -36.39
C ASP A 29 -30.76 19.61 -35.95
N HIS A 30 -30.44 20.46 -36.91
CA HIS A 30 -29.77 21.75 -36.63
C HIS A 30 -30.70 22.82 -36.04
N GLU A 31 -32.02 22.63 -36.13
CA GLU A 31 -33.00 23.51 -35.49
C GLU A 31 -33.13 23.21 -34.00
N THR A 32 -33.25 21.92 -33.66
CA THR A 32 -33.48 21.46 -32.28
C THR A 32 -32.21 21.04 -31.53
N GLY A 33 -31.23 20.50 -32.25
CA GLY A 33 -30.01 19.96 -31.65
C GLY A 33 -30.10 18.50 -31.25
N ARG A 34 -31.26 17.87 -31.49
CA ARG A 34 -31.46 16.45 -31.20
C ARG A 34 -30.67 15.58 -32.18
N VAL A 35 -30.22 14.43 -31.71
CA VAL A 35 -29.57 13.43 -32.56
C VAL A 35 -30.67 12.52 -33.11
N ARG A 36 -30.63 12.31 -34.42
CA ARG A 36 -31.57 11.45 -35.12
C ARG A 36 -30.81 10.36 -35.85
N LEU A 37 -31.40 9.15 -35.89
CA LEU A 37 -30.96 8.11 -36.81
C LEU A 37 -31.57 8.38 -38.18
N ASP A 38 -30.73 8.80 -39.13
CA ASP A 38 -31.18 8.98 -40.52
C ASP A 38 -31.51 7.63 -41.13
N ARG A 39 -30.55 6.71 -41.07
CA ARG A 39 -30.75 5.33 -41.56
C ARG A 39 -29.57 4.41 -41.22
N TYR A 40 -29.88 3.11 -41.14
CA TYR A 40 -28.86 2.06 -41.17
C TYR A 40 -28.39 2.01 -42.61
N LEU A 41 -27.07 2.09 -42.82
CA LEU A 41 -26.52 2.04 -44.19
C LEU A 41 -26.89 0.73 -44.87
N TYR A 42 -27.11 0.81 -46.18
CA TYR A 42 -27.54 -0.33 -46.99
C TYR A 42 -26.37 -1.20 -47.45
N THR A 43 -25.15 -0.67 -47.34
CA THR A 43 -23.94 -1.39 -47.70
C THR A 43 -23.19 -1.85 -46.44
N PRO A 44 -22.39 -2.92 -46.56
CA PRO A 44 -21.62 -3.46 -45.43
C PRO A 44 -20.36 -2.63 -45.18
N MET A 45 -20.57 -1.38 -44.81
CA MET A 45 -19.50 -0.39 -44.66
C MET A 45 -19.65 0.35 -43.35
N ALA A 46 -18.55 0.94 -42.91
CA ALA A 46 -18.49 1.64 -41.64
C ALA A 46 -17.68 2.91 -41.84
N TYR A 47 -18.06 3.97 -41.12
CA TYR A 47 -17.38 5.26 -41.26
C TYR A 47 -15.91 5.10 -40.82
N PRO A 48 -14.96 5.43 -41.72
CA PRO A 48 -13.53 5.20 -41.44
C PRO A 48 -12.88 6.21 -40.50
N THR A 49 -13.52 7.37 -40.33
CA THR A 49 -13.13 8.35 -39.31
C THR A 49 -14.39 8.82 -38.59
N ASP A 50 -14.20 9.52 -37.48
CA ASP A 50 -15.30 10.23 -36.84
C ASP A 50 -15.79 11.32 -37.79
N TYR A 51 -17.12 11.44 -37.88
CA TYR A 51 -17.77 12.26 -38.90
C TYR A 51 -18.77 13.21 -38.26
N GLY A 52 -18.87 14.41 -38.83
CA GLY A 52 -19.83 15.40 -38.34
C GLY A 52 -19.78 16.70 -39.12
N PHE A 53 -19.96 17.80 -38.40
CA PHE A 53 -20.02 19.12 -39.01
C PHE A 53 -19.33 20.18 -38.15
N ILE A 54 -19.06 21.32 -38.77
CA ILE A 54 -18.39 22.44 -38.12
C ILE A 54 -19.46 23.39 -37.58
N GLU A 55 -19.39 23.67 -36.28
CA GLU A 55 -20.30 24.62 -35.63
C GLU A 55 -20.06 26.03 -36.16
N ASP A 56 -21.15 26.82 -36.20
CA ASP A 56 -21.14 28.20 -36.70
C ASP A 56 -20.59 28.33 -38.12
N THR A 57 -20.99 27.39 -38.97
CA THR A 57 -20.70 27.45 -40.40
C THR A 57 -22.00 27.24 -41.15
N LEU A 58 -22.04 27.80 -42.34
CA LEU A 58 -23.15 27.64 -43.24
C LEU A 58 -22.62 27.51 -44.65
N GLY A 59 -22.80 26.33 -45.24
CA GLY A 59 -22.35 26.05 -46.59
C GLY A 59 -23.27 26.68 -47.62
N ASP A 60 -22.95 26.48 -48.89
CA ASP A 60 -23.72 27.05 -50.00
C ASP A 60 -25.11 26.39 -50.18
N ASP A 61 -25.35 25.30 -49.46
CA ASP A 61 -26.54 24.47 -49.62
C ASP A 61 -27.53 24.51 -48.43
N GLY A 62 -27.34 25.44 -47.50
CA GLY A 62 -28.24 25.62 -46.35
C GLY A 62 -27.87 24.90 -45.05
N ASP A 63 -27.01 23.88 -45.15
CA ASP A 63 -26.55 23.12 -43.98
C ASP A 63 -25.12 23.52 -43.55
N PRO A 64 -24.72 23.15 -42.32
CA PRO A 64 -23.33 23.36 -41.91
C PRO A 64 -22.31 22.53 -42.71
N LEU A 65 -21.07 22.97 -42.66
CA LEU A 65 -19.99 22.36 -43.41
C LEU A 65 -19.57 21.03 -42.77
N ASP A 66 -19.53 19.97 -43.56
CA ASP A 66 -19.20 18.63 -43.07
C ASP A 66 -17.73 18.51 -42.70
N ALA A 67 -17.43 17.60 -41.76
CA ALA A 67 -16.08 17.44 -41.23
C ALA A 67 -15.73 16.00 -40.84
N LEU A 68 -14.50 15.60 -41.19
CA LEU A 68 -13.91 14.33 -40.78
C LEU A 68 -12.78 14.65 -39.79
N VAL A 69 -12.79 13.99 -38.63
CA VAL A 69 -11.78 14.21 -37.60
C VAL A 69 -11.00 12.93 -37.33
N LEU A 70 -9.68 12.99 -37.56
CA LEU A 70 -8.80 11.89 -37.22
C LEU A 70 -8.56 11.88 -35.71
N LEU A 71 -8.76 10.72 -35.10
CA LEU A 71 -8.63 10.56 -33.65
C LEU A 71 -7.91 9.27 -33.26
N PRO A 72 -7.27 9.24 -32.08
CA PRO A 72 -6.71 7.99 -31.57
C PRO A 72 -7.77 7.06 -30.99
N GLN A 73 -8.87 7.64 -30.50
CA GLN A 73 -10.03 6.88 -30.03
C GLN A 73 -11.30 7.64 -30.42
N PRO A 74 -12.36 6.92 -30.86
CA PRO A 74 -13.60 7.62 -31.23
C PRO A 74 -14.32 8.25 -30.04
N VAL A 75 -15.14 9.27 -30.32
CA VAL A 75 -16.03 9.87 -29.33
C VAL A 75 -17.44 9.30 -29.54
N PHE A 76 -18.43 9.85 -28.83
CA PHE A 76 -19.81 9.43 -29.06
CA PHE A 76 -19.86 9.50 -28.91
C PHE A 76 -20.58 10.54 -29.76
N PRO A 77 -21.80 10.21 -30.29
CA PRO A 77 -22.52 11.24 -31.05
C PRO A 77 -22.94 12.44 -30.21
N GLY A 78 -22.71 13.64 -30.76
CA GLY A 78 -23.02 14.90 -30.09
C GLY A 78 -21.84 15.57 -29.40
N VAL A 79 -20.67 14.95 -29.44
CA VAL A 79 -19.49 15.46 -28.75
C VAL A 79 -18.78 16.53 -29.57
N LEU A 80 -18.39 17.61 -28.90
CA LEU A 80 -17.57 18.67 -29.51
C LEU A 80 -16.10 18.32 -29.45
N VAL A 81 -15.39 18.61 -30.54
CA VAL A 81 -13.93 18.48 -30.60
C VAL A 81 -13.37 19.74 -31.24
N ALA A 82 -12.45 20.40 -30.55
CA ALA A 82 -11.72 21.54 -31.12
C ALA A 82 -10.75 20.98 -32.15
N ALA A 83 -10.82 21.51 -33.37
CA ALA A 83 -10.09 20.94 -34.51
C ALA A 83 -9.57 21.99 -35.47
N ARG A 84 -8.62 21.56 -36.30
CA ARG A 84 -8.01 22.39 -37.33
C ARG A 84 -7.92 21.61 -38.65
N PRO A 85 -8.13 22.30 -39.79
CA PRO A 85 -8.17 21.62 -41.07
C PRO A 85 -6.77 21.29 -41.60
N VAL A 86 -6.64 20.14 -42.25
CA VAL A 86 -5.40 19.75 -42.94
C VAL A 86 -5.64 19.36 -44.41
N GLY A 87 -6.86 19.59 -44.90
CA GLY A 87 -7.27 19.15 -46.23
C GLY A 87 -8.79 19.11 -46.34
N MET A 88 -9.27 18.80 -47.54
CA MET A 88 -10.70 18.70 -47.80
C MET A 88 -10.99 17.66 -48.87
N PHE A 89 -12.07 16.91 -48.67
CA PHE A 89 -12.55 15.92 -49.63
C PHE A 89 -13.65 16.53 -50.50
N ARG A 90 -13.33 16.78 -51.76
CA ARG A 90 -14.26 17.37 -52.73
C ARG A 90 -15.04 16.26 -53.43
N MET A 91 -16.36 16.37 -53.42
CA MET A 91 -17.23 15.32 -53.92
C MET A 91 -18.49 15.91 -54.57
N VAL A 92 -18.88 15.33 -55.70
CA VAL A 92 -20.17 15.62 -56.33
C VAL A 92 -21.02 14.36 -56.26
N ASP A 93 -22.25 14.51 -55.78
CA ASP A 93 -23.19 13.39 -55.65
C ASP A 93 -24.52 13.73 -56.34
N GLU A 94 -25.58 12.98 -56.04
CA GLU A 94 -26.91 13.21 -56.62
C GLU A 94 -27.52 14.59 -56.33
N HIS A 95 -27.18 15.15 -55.16
CA HIS A 95 -27.58 16.51 -54.78
C HIS A 95 -26.58 17.62 -55.15
N GLY A 96 -25.57 17.28 -55.96
CA GLY A 96 -24.56 18.24 -56.40
C GLY A 96 -23.35 18.25 -55.49
N GLY A 97 -22.76 19.45 -55.32
CA GLY A 97 -21.53 19.62 -54.55
C GLY A 97 -21.61 19.13 -53.11
N ASP A 98 -20.51 18.57 -52.63
CA ASP A 98 -20.42 18.06 -51.27
C ASP A 98 -18.96 18.03 -50.82
N ASP A 99 -18.59 18.98 -49.97
CA ASP A 99 -17.21 19.14 -49.51
C ASP A 99 -17.09 18.83 -48.02
N LYS A 100 -16.10 18.02 -47.67
CA LYS A 100 -15.90 17.54 -46.30
C LYS A 100 -14.48 17.86 -45.85
N VAL A 101 -14.36 18.66 -44.80
CA VAL A 101 -13.05 19.11 -44.31
C VAL A 101 -12.42 18.03 -43.43
N LEU A 102 -11.22 17.60 -43.80
CA LEU A 102 -10.44 16.66 -43.00
C LEU A 102 -9.66 17.43 -41.93
N CYS A 103 -9.84 17.03 -40.67
CA CYS A 103 -9.28 17.75 -39.52
C CYS A 103 -8.51 16.84 -38.56
N VAL A 104 -7.69 17.47 -37.73
CA VAL A 104 -7.04 16.83 -36.58
C VAL A 104 -7.36 17.68 -35.33
N PRO A 105 -7.20 17.12 -34.12
CA PRO A 105 -7.46 17.90 -32.91
C PRO A 105 -6.52 19.09 -32.73
N ALA A 106 -7.10 20.25 -32.44
CA ALA A 106 -6.35 21.50 -32.27
C ALA A 106 -5.75 21.55 -30.87
N GLY A 107 -4.55 22.10 -30.79
CA GLY A 107 -3.83 22.20 -29.50
C GLY A 107 -3.38 20.88 -28.90
N ASP A 108 -3.28 19.85 -29.73
CA ASP A 108 -2.83 18.54 -29.31
C ASP A 108 -1.50 18.28 -30.02
N PRO A 109 -0.38 18.27 -29.28
CA PRO A 109 0.94 18.12 -29.91
C PRO A 109 1.21 16.77 -30.58
N ARG A 110 0.37 15.76 -30.28
CA ARG A 110 0.44 14.46 -30.94
C ARG A 110 -0.02 14.49 -32.41
N TRP A 111 -0.59 15.62 -32.85
CA TRP A 111 -0.99 15.83 -34.25
C TRP A 111 -0.26 16.98 -34.96
N ASP A 112 0.78 17.53 -34.34
CA ASP A 112 1.56 18.63 -34.92
C ASP A 112 2.38 18.22 -36.15
N HIS A 113 2.69 16.93 -36.28
CA HIS A 113 3.34 16.39 -37.49
C HIS A 113 2.41 16.36 -38.72
N VAL A 114 1.10 16.48 -38.50
CA VAL A 114 0.10 16.55 -39.57
C VAL A 114 -0.27 18.02 -39.83
N GLN A 115 0.35 18.59 -40.86
CA GLN A 115 0.15 20.01 -41.23
C GLN A 115 -0.62 20.23 -42.54
N ASP A 116 -0.45 19.32 -43.50
CA ASP A 116 -1.17 19.38 -44.78
C ASP A 116 -1.56 17.97 -45.25
N ILE A 117 -2.33 17.91 -46.33
CA ILE A 117 -2.89 16.65 -46.84
C ILE A 117 -1.86 15.56 -47.16
N GLY A 118 -0.66 15.98 -47.59
CA GLY A 118 0.46 15.05 -47.84
C GLY A 118 0.96 14.29 -46.61
N ASP A 119 0.75 14.87 -45.43
CA ASP A 119 1.16 14.24 -44.17
C ASP A 119 0.25 13.09 -43.70
N VAL A 120 -0.97 13.01 -44.26
CA VAL A 120 -1.88 11.90 -43.98
C VAL A 120 -1.49 10.75 -44.91
N PRO A 121 -1.20 9.56 -44.36
CA PRO A 121 -0.78 8.46 -45.24
C PRO A 121 -1.85 8.11 -46.26
N ALA A 122 -1.41 7.77 -47.48
CA ALA A 122 -2.29 7.58 -48.63
C ALA A 122 -3.29 6.43 -48.46
N PHE A 123 -2.91 5.44 -47.66
CA PHE A 123 -3.79 4.31 -47.34
C PHE A 123 -5.07 4.76 -46.62
N GLU A 124 -4.94 5.71 -45.69
CA GLU A 124 -6.09 6.28 -44.98
C GLU A 124 -6.97 7.12 -45.90
N LEU A 125 -6.34 7.96 -46.72
CA LEU A 125 -7.07 8.83 -47.66
C LEU A 125 -7.83 8.03 -48.74
N ASP A 126 -7.23 6.94 -49.21
CA ASP A 126 -7.89 6.05 -50.16
C ASP A 126 -9.06 5.32 -49.54
N ALA A 127 -8.89 4.83 -48.31
CA ALA A 127 -9.96 4.19 -47.55
C ALA A 127 -11.15 5.12 -47.35
N ILE A 128 -10.88 6.36 -46.94
CA ILE A 128 -11.94 7.37 -46.78
C ILE A 128 -12.65 7.63 -48.09
N LYS A 129 -11.88 7.85 -49.14
CA LYS A 129 -12.41 8.01 -50.49
C LYS A 129 -13.31 6.82 -50.84
N HIS A 130 -12.77 5.62 -50.67
CA HIS A 130 -13.50 4.37 -50.93
C HIS A 130 -14.85 4.29 -50.20
N PHE A 131 -14.90 4.80 -48.97
CA PHE A 131 -16.16 4.80 -48.21
C PHE A 131 -17.22 5.61 -48.95
N PHE A 132 -16.94 6.90 -49.15
CA PHE A 132 -17.92 7.82 -49.74
C PHE A 132 -18.29 7.48 -51.19
N VAL A 133 -17.37 6.85 -51.92
CA VAL A 133 -17.64 6.39 -53.29
C VAL A 133 -18.63 5.23 -53.34
N HIS A 134 -18.57 4.33 -52.36
CA HIS A 134 -19.33 3.05 -52.40
C HIS A 134 -20.48 2.87 -51.40
N TYR A 135 -20.50 3.66 -50.33
CA TYR A 135 -21.49 3.45 -49.25
C TYR A 135 -22.98 3.59 -49.64
N LYS A 136 -23.27 4.32 -50.72
CA LYS A 136 -24.63 4.46 -51.26
C LYS A 136 -24.89 3.71 -52.59
N ASP A 137 -24.03 2.74 -52.91
CA ASP A 137 -24.21 1.95 -54.14
C ASP A 137 -25.61 1.33 -54.17
N LEU A 138 -25.93 0.60 -53.11
CA LEU A 138 -27.22 -0.09 -53.00
C LEU A 138 -28.42 0.78 -52.62
N GLU A 139 -28.18 2.06 -52.33
CA GLU A 139 -29.27 3.03 -52.15
C GLU A 139 -29.77 3.52 -53.51
N PRO A 140 -31.10 3.50 -53.71
CA PRO A 140 -31.67 3.76 -55.04
C PRO A 140 -31.78 5.25 -55.34
N GLY A 141 -31.34 5.65 -56.53
CA GLY A 141 -31.31 7.05 -56.93
C GLY A 141 -30.32 7.86 -56.12
N LYS A 142 -29.23 7.21 -55.73
CA LYS A 142 -28.17 7.83 -54.93
C LYS A 142 -26.82 7.31 -55.40
N PHE A 143 -25.87 8.23 -55.49
CA PHE A 143 -24.55 7.99 -56.08
C PHE A 143 -23.59 9.11 -55.73
N VAL A 144 -22.33 8.91 -56.07
CA VAL A 144 -21.32 9.99 -56.08
C VAL A 144 -20.49 9.78 -57.35
N LYS A 145 -20.40 10.82 -58.18
CA LYS A 145 -19.74 10.72 -59.49
C LYS A 145 -18.38 11.43 -59.60
N ALA A 146 -17.99 12.17 -58.56
CA ALA A 146 -16.69 12.85 -58.53
C ALA A 146 -16.16 12.80 -57.11
N ALA A 147 -14.86 12.58 -56.96
CA ALA A 147 -14.23 12.40 -55.66
C ALA A 147 -12.74 12.74 -55.72
N ASP A 148 -12.35 13.83 -55.06
CA ASP A 148 -10.97 14.34 -55.09
C ASP A 148 -10.55 14.97 -53.76
N TRP A 149 -9.26 14.83 -53.44
CA TRP A 149 -8.65 15.46 -52.28
C TRP A 149 -7.99 16.79 -52.67
N VAL A 150 -8.05 17.76 -51.76
CA VAL A 150 -7.37 19.05 -51.93
C VAL A 150 -6.65 19.47 -50.63
N ASP A 151 -5.71 20.38 -50.77
CA ASP A 151 -4.80 20.76 -49.68
C ASP A 151 -5.44 21.66 -48.62
N ARG A 152 -4.69 21.94 -47.56
CA ARG A 152 -5.14 22.78 -46.45
C ARG A 152 -5.61 24.18 -46.87
N ALA A 153 -4.84 24.80 -47.76
CA ALA A 153 -5.13 26.17 -48.21
C ALA A 153 -6.51 26.29 -48.86
N GLU A 154 -6.85 25.32 -49.70
CA GLU A 154 -8.17 25.25 -50.32
C GLU A 154 -9.27 24.94 -49.31
N ALA A 155 -8.97 24.07 -48.34
CA ALA A 155 -9.88 23.73 -47.25
C ALA A 155 -10.20 24.95 -46.37
N GLU A 156 -9.15 25.66 -45.96
CA GLU A 156 -9.29 26.88 -45.15
C GLU A 156 -10.10 27.98 -45.83
N ALA A 157 -9.92 28.12 -47.14
CA ALA A 157 -10.69 29.07 -47.96
C ALA A 157 -12.20 28.79 -47.87
N GLU A 158 -12.56 27.52 -48.02
CA GLU A 158 -13.96 27.08 -47.94
C GLU A 158 -14.57 27.26 -46.54
N VAL A 159 -13.80 26.96 -45.49
CA VAL A 159 -14.24 27.20 -44.11
C VAL A 159 -14.55 28.67 -43.91
N GLN A 160 -13.63 29.53 -44.36
CA GLN A 160 -13.79 30.97 -44.25
C GLN A 160 -15.05 31.47 -44.95
N ARG A 161 -15.25 31.06 -46.20
CA ARG A 161 -16.50 31.34 -46.94
C ARG A 161 -17.73 30.95 -46.13
N SER A 162 -17.73 29.72 -45.61
CA SER A 162 -18.84 29.17 -44.84
C SER A 162 -19.09 29.91 -43.51
N VAL A 163 -18.02 30.31 -42.83
CA VAL A 163 -18.10 31.11 -41.59
C VAL A 163 -18.80 32.45 -41.84
N GLU A 164 -18.45 33.10 -42.94
CA GLU A 164 -18.95 34.44 -43.25
C GLU A 164 -20.43 34.40 -43.63
N ARG A 165 -20.81 33.37 -44.38
CA ARG A 165 -22.22 33.08 -44.69
C ARG A 165 -23.06 32.81 -43.44
N PHE A 166 -22.45 32.19 -42.43
CA PHE A 166 -23.11 31.98 -41.13
C PHE A 166 -23.49 33.32 -40.49
N LYS A 167 -22.64 34.33 -40.68
CA LYS A 167 -22.91 35.70 -40.23
C LYS A 167 -23.75 36.49 -41.25
N ALA A 168 -24.96 35.98 -41.53
CA ALA A 168 -25.98 36.69 -42.29
C ALA A 168 -27.29 36.75 -41.50
N ALA B 9 -30.84 9.75 4.59
CA ALA B 9 -29.49 9.99 3.98
C ALA B 9 -29.52 11.16 3.00
N MET B 10 -28.51 12.05 3.11
CA MET B 10 -28.32 13.13 2.14
C MET B 10 -28.06 12.53 0.75
N GLN B 11 -28.64 13.15 -0.27
CA GLN B 11 -28.44 12.73 -1.65
C GLN B 11 -28.50 13.92 -2.62
N PHE B 12 -28.14 13.65 -3.87
CA PHE B 12 -28.08 14.66 -4.92
C PHE B 12 -27.92 14.02 -6.29
N ASP B 13 -28.14 14.81 -7.34
CA ASP B 13 -27.93 14.37 -8.72
C ASP B 13 -26.50 14.61 -9.17
N VAL B 14 -25.87 13.55 -9.66
CA VAL B 14 -24.56 13.63 -10.31
C VAL B 14 -24.75 13.48 -11.82
N THR B 15 -24.16 14.42 -12.57
CA THR B 15 -24.05 14.28 -14.02
C THR B 15 -22.72 13.60 -14.31
N ILE B 16 -22.79 12.39 -14.88
CA ILE B 16 -21.58 11.67 -15.26
C ILE B 16 -21.03 12.21 -16.58
N GLU B 17 -19.77 12.60 -16.55
CA GLU B 17 -19.03 13.06 -17.73
C GLU B 17 -18.25 11.93 -18.41
N ILE B 18 -17.60 11.10 -17.59
CA ILE B 18 -16.67 10.07 -18.07
C ILE B 18 -17.05 8.71 -17.49
N PRO B 19 -17.47 7.76 -18.35
CA PRO B 19 -17.71 6.39 -17.87
C PRO B 19 -16.42 5.67 -17.44
N LYS B 20 -16.59 4.69 -16.57
CA LYS B 20 -15.51 3.85 -16.08
C LYS B 20 -14.84 3.14 -17.26
N GLY B 21 -13.51 3.21 -17.29
CA GLY B 21 -12.72 2.54 -18.34
C GLY B 21 -12.35 3.41 -19.54
N GLN B 22 -12.63 4.71 -19.45
CA GLN B 22 -12.35 5.65 -20.55
C GLN B 22 -10.99 6.33 -20.43
N ARG B 23 -10.27 6.37 -21.54
CA ARG B 23 -9.08 7.20 -21.72
C ARG B 23 -9.41 8.55 -22.40
N ASN B 24 -10.63 8.68 -22.93
CA ASN B 24 -11.13 9.98 -23.42
C ASN B 24 -11.63 10.80 -22.24
N LYS B 25 -11.04 11.97 -22.04
CA LYS B 25 -11.40 12.86 -20.94
C LYS B 25 -12.47 13.83 -21.41
N TYR B 26 -13.73 13.41 -21.26
CA TYR B 26 -14.88 14.25 -21.60
C TYR B 26 -15.18 15.25 -20.49
N GLU B 27 -15.64 16.44 -20.88
CA GLU B 27 -16.05 17.50 -19.96
C GLU B 27 -17.34 18.14 -20.45
N VAL B 28 -18.27 18.42 -19.52
CA VAL B 28 -19.46 19.19 -19.83
C VAL B 28 -19.14 20.68 -19.72
N ASP B 29 -19.51 21.43 -20.75
CA ASP B 29 -19.52 22.89 -20.68
C ASP B 29 -20.73 23.31 -19.85
N HIS B 30 -20.47 24.07 -18.78
CA HIS B 30 -21.51 24.37 -17.78
C HIS B 30 -22.53 25.46 -18.19
N GLU B 31 -22.27 26.14 -19.29
CA GLU B 31 -23.23 27.10 -19.88
C GLU B 31 -24.12 26.41 -20.89
N THR B 32 -23.48 25.80 -21.90
CA THR B 32 -24.19 25.20 -23.03
C THR B 32 -24.82 23.85 -22.65
N GLY B 33 -24.16 23.14 -21.73
CA GLY B 33 -24.55 21.77 -21.37
C GLY B 33 -24.08 20.72 -22.38
N ARG B 34 -23.25 21.14 -23.34
CA ARG B 34 -22.73 20.26 -24.38
C ARG B 34 -21.58 19.44 -23.82
N VAL B 35 -21.42 18.23 -24.35
CA VAL B 35 -20.28 17.37 -24.02
C VAL B 35 -19.14 17.71 -24.97
N ARG B 36 -17.95 17.89 -24.41
CA ARG B 36 -16.75 18.19 -25.18
C ARG B 36 -15.65 17.20 -24.84
N LEU B 37 -14.85 16.82 -25.84
CA LEU B 37 -13.62 16.07 -25.62
C LEU B 37 -12.52 17.08 -25.31
N ASP B 38 -12.12 17.14 -24.04
CA ASP B 38 -11.00 17.98 -23.62
C ASP B 38 -9.71 17.42 -24.21
N ARG B 39 -9.43 16.16 -23.92
CA ARG B 39 -8.25 15.48 -24.43
C ARG B 39 -8.30 13.97 -24.26
N TYR B 40 -7.58 13.28 -25.14
CA TYR B 40 -7.20 11.89 -24.97
C TYR B 40 -6.03 11.90 -24.00
N LEU B 41 -6.10 11.08 -22.95
CA LEU B 41 -5.06 11.10 -21.91
C LEU B 41 -3.71 10.65 -22.49
N TYR B 42 -2.65 11.23 -21.95
CA TYR B 42 -1.29 10.96 -22.41
C TYR B 42 -0.69 9.72 -21.76
N THR B 43 -1.34 9.23 -20.71
CA THR B 43 -0.91 8.01 -20.01
C THR B 43 -1.80 6.83 -20.40
N PRO B 44 -1.28 5.59 -20.26
CA PRO B 44 -2.05 4.37 -20.52
C PRO B 44 -2.99 4.00 -19.36
N MET B 45 -3.84 4.95 -18.98
CA MET B 45 -4.72 4.82 -17.83
C MET B 45 -6.15 5.07 -18.23
N ALA B 46 -7.06 4.62 -17.37
CA ALA B 46 -8.50 4.74 -17.62
C ALA B 46 -9.19 5.01 -16.30
N TYR B 47 -10.23 5.84 -16.34
CA TYR B 47 -10.95 6.23 -15.13
C TYR B 47 -11.50 4.99 -14.41
N PRO B 48 -11.11 4.79 -13.12
CA PRO B 48 -11.49 3.59 -12.39
C PRO B 48 -12.93 3.58 -11.86
N THR B 49 -13.60 4.74 -11.94
CA THR B 49 -15.04 4.83 -11.66
C THR B 49 -15.66 5.78 -12.69
N ASP B 50 -16.98 5.79 -12.73
CA ASP B 50 -17.72 6.83 -13.44
C ASP B 50 -17.46 8.16 -12.73
N TYR B 51 -17.16 9.18 -13.52
CA TYR B 51 -16.66 10.45 -13.01
C TYR B 51 -17.51 11.60 -13.56
N GLY B 52 -17.74 12.61 -12.72
CA GLY B 52 -18.53 13.76 -13.12
C GLY B 52 -18.58 14.86 -12.09
N PHE B 53 -19.75 15.49 -11.95
CA PHE B 53 -19.97 16.58 -10.99
C PHE B 53 -21.38 16.59 -10.45
N ILE B 54 -21.53 17.22 -9.29
CA ILE B 54 -22.82 17.32 -8.60
C ILE B 54 -23.55 18.54 -9.17
N GLU B 55 -24.77 18.32 -9.65
CA GLU B 55 -25.59 19.40 -10.21
C GLU B 55 -25.97 20.41 -9.13
N ASP B 56 -26.07 21.68 -9.53
CA ASP B 56 -26.47 22.78 -8.64
C ASP B 56 -25.56 22.92 -7.39
N THR B 57 -24.27 22.73 -7.60
CA THR B 57 -23.25 23.03 -6.58
C THR B 57 -22.27 24.03 -7.17
N LEU B 58 -21.72 24.87 -6.30
CA LEU B 58 -20.68 25.81 -6.67
C LEU B 58 -19.51 25.66 -5.72
N GLY B 59 -18.39 25.21 -6.25
CA GLY B 59 -17.15 25.10 -5.49
C GLY B 59 -16.49 26.45 -5.25
N ASP B 60 -15.28 26.39 -4.70
CA ASP B 60 -14.53 27.60 -4.32
C ASP B 60 -13.91 28.32 -5.53
N ASP B 61 -13.78 27.60 -6.65
CA ASP B 61 -13.09 28.09 -7.86
C ASP B 61 -14.03 28.53 -9.00
N GLY B 62 -15.33 28.64 -8.72
CA GLY B 62 -16.34 28.93 -9.75
C GLY B 62 -16.96 27.71 -10.41
N ASP B 63 -16.33 26.54 -10.27
CA ASP B 63 -16.81 25.30 -10.87
C ASP B 63 -17.64 24.48 -9.89
N PRO B 64 -18.52 23.60 -10.40
CA PRO B 64 -19.24 22.68 -9.51
C PRO B 64 -18.34 21.62 -8.86
N LEU B 65 -18.87 21.00 -7.82
CA LEU B 65 -18.16 20.01 -7.03
C LEU B 65 -18.05 18.69 -7.79
N ASP B 66 -16.83 18.17 -7.94
CA ASP B 66 -16.57 16.92 -8.67
C ASP B 66 -17.06 15.72 -7.87
N ALA B 67 -17.39 14.64 -8.59
CA ALA B 67 -17.92 13.42 -8.00
C ALA B 67 -17.43 12.16 -8.71
N LEU B 68 -17.20 11.11 -7.91
CA LEU B 68 -16.94 9.77 -8.39
C LEU B 68 -18.11 8.91 -7.91
N VAL B 69 -18.62 8.04 -8.79
CA VAL B 69 -19.77 7.19 -8.46
C VAL B 69 -19.45 5.73 -8.75
N LEU B 70 -19.63 4.89 -7.72
CA LEU B 70 -19.50 3.44 -7.88
C LEU B 70 -20.79 2.90 -8.46
N LEU B 71 -20.68 2.08 -9.50
CA LEU B 71 -21.85 1.50 -10.18
C LEU B 71 -21.60 0.03 -10.56
N PRO B 72 -22.67 -0.77 -10.69
CA PRO B 72 -22.51 -2.14 -11.19
C PRO B 72 -22.21 -2.19 -12.69
N GLN B 73 -22.65 -1.16 -13.42
CA GLN B 73 -22.36 -1.00 -14.84
C GLN B 73 -22.23 0.50 -15.14
N PRO B 74 -21.27 0.89 -16.02
CA PRO B 74 -21.14 2.31 -16.34
C PRO B 74 -22.33 2.88 -17.09
N VAL B 75 -22.47 4.20 -17.06
CA VAL B 75 -23.45 4.91 -17.89
C VAL B 75 -22.69 5.50 -19.10
N PHE B 76 -23.27 6.53 -19.72
CA PHE B 76 -22.73 7.26 -20.88
CA PHE B 76 -22.55 7.22 -20.79
C PHE B 76 -22.46 8.71 -20.44
N PRO B 77 -21.66 9.48 -21.21
CA PRO B 77 -21.52 10.89 -20.83
C PRO B 77 -22.82 11.67 -20.93
N GLY B 78 -23.07 12.53 -19.94
CA GLY B 78 -24.29 13.33 -19.86
C GLY B 78 -25.41 12.78 -19.00
N VAL B 79 -25.26 11.55 -18.50
CA VAL B 79 -26.34 10.88 -17.75
C VAL B 79 -26.41 11.36 -16.30
N LEU B 80 -27.64 11.65 -15.85
CA LEU B 80 -27.92 11.96 -14.45
C LEU B 80 -28.04 10.69 -13.62
N VAL B 81 -27.46 10.71 -12.42
CA VAL B 81 -27.57 9.62 -11.46
C VAL B 81 -27.76 10.23 -10.08
N ALA B 82 -28.86 9.86 -9.42
CA ALA B 82 -29.10 10.26 -8.03
C ALA B 82 -28.16 9.46 -7.12
N ALA B 83 -27.34 10.18 -6.35
CA ALA B 83 -26.26 9.55 -5.57
C ALA B 83 -26.17 10.13 -4.16
N ARG B 84 -25.68 9.32 -3.23
CA ARG B 84 -25.38 9.76 -1.86
C ARG B 84 -23.88 9.59 -1.58
N PRO B 85 -23.28 10.54 -0.82
CA PRO B 85 -21.84 10.52 -0.59
C PRO B 85 -21.44 9.58 0.54
N VAL B 86 -20.32 8.88 0.35
CA VAL B 86 -19.73 8.02 1.39
C VAL B 86 -18.33 8.46 1.85
N GLY B 87 -17.75 9.43 1.14
CA GLY B 87 -16.43 9.94 1.47
C GLY B 87 -16.02 11.01 0.48
N MET B 88 -14.78 11.46 0.58
CA MET B 88 -14.25 12.49 -0.30
C MET B 88 -12.74 12.36 -0.43
N PHE B 89 -12.25 12.51 -1.66
CA PHE B 89 -10.83 12.44 -1.98
C PHE B 89 -10.28 13.86 -2.10
N ARG B 90 -9.37 14.22 -1.20
CA ARG B 90 -8.74 15.55 -1.19
C ARG B 90 -7.35 15.49 -1.77
N MET B 91 -7.07 16.37 -2.73
CA MET B 91 -5.77 16.42 -3.40
C MET B 91 -5.46 17.83 -3.92
N VAL B 92 -4.17 18.08 -4.16
CA VAL B 92 -3.70 19.32 -4.79
C VAL B 92 -3.16 18.98 -6.18
N ASP B 93 -3.43 19.84 -7.15
CA ASP B 93 -2.88 19.72 -8.51
C ASP B 93 -2.28 21.06 -8.95
N GLU B 94 -1.94 21.18 -10.23
CA GLU B 94 -1.36 22.42 -10.79
C GLU B 94 -2.22 23.70 -10.63
N HIS B 95 -3.51 23.53 -10.36
CA HIS B 95 -4.41 24.65 -10.04
C HIS B 95 -4.91 24.65 -8.59
N GLY B 96 -4.10 24.16 -7.66
CA GLY B 96 -4.42 24.17 -6.24
C GLY B 96 -5.35 23.05 -5.80
N GLY B 97 -6.16 23.33 -4.77
CA GLY B 97 -7.01 22.33 -4.12
C GLY B 97 -8.05 21.72 -5.05
N ASP B 98 -8.13 20.39 -5.03
CA ASP B 98 -9.06 19.64 -5.87
C ASP B 98 -9.73 18.55 -5.02
N ASP B 99 -11.03 18.71 -4.79
CA ASP B 99 -11.79 17.79 -3.95
C ASP B 99 -12.82 17.03 -4.79
N LYS B 100 -12.95 15.73 -4.53
CA LYS B 100 -13.79 14.83 -5.31
C LYS B 100 -14.59 13.92 -4.37
N VAL B 101 -15.90 14.06 -4.39
CA VAL B 101 -16.79 13.32 -3.51
C VAL B 101 -17.03 11.93 -4.08
N LEU B 102 -16.77 10.90 -3.27
CA LEU B 102 -17.06 9.53 -3.66
C LEU B 102 -18.50 9.21 -3.29
N CYS B 103 -19.22 8.57 -4.21
CA CYS B 103 -20.65 8.30 -4.03
C CYS B 103 -21.07 6.89 -4.43
N VAL B 104 -22.28 6.51 -3.98
CA VAL B 104 -22.98 5.31 -4.44
C VAL B 104 -24.39 5.76 -4.87
N PRO B 105 -25.12 4.92 -5.63
CA PRO B 105 -26.49 5.29 -6.02
C PRO B 105 -27.43 5.45 -4.83
N ALA B 106 -28.22 6.51 -4.84
CA ALA B 106 -29.17 6.81 -3.78
C ALA B 106 -30.48 6.04 -4.01
N GLY B 107 -31.10 5.59 -2.92
CA GLY B 107 -32.33 4.81 -2.99
C GLY B 107 -32.16 3.41 -3.54
N ASP B 108 -30.95 2.87 -3.42
CA ASP B 108 -30.61 1.54 -3.93
C ASP B 108 -30.15 0.67 -2.76
N PRO B 109 -31.02 -0.28 -2.30
CA PRO B 109 -30.66 -1.16 -1.17
C PRO B 109 -29.45 -2.07 -1.38
N ARG B 110 -29.07 -2.28 -2.64
CA ARG B 110 -27.88 -3.06 -3.00
C ARG B 110 -26.57 -2.39 -2.55
N TRP B 111 -26.65 -1.10 -2.21
CA TRP B 111 -25.52 -0.33 -1.66
C TRP B 111 -25.68 0.06 -0.18
N ASP B 112 -26.69 -0.49 0.50
CA ASP B 112 -26.91 -0.23 1.93
C ASP B 112 -25.73 -0.64 2.82
N HIS B 113 -24.95 -1.62 2.37
CA HIS B 113 -23.73 -2.04 3.06
C HIS B 113 -22.57 -1.03 3.03
N VAL B 114 -22.67 0.00 2.18
CA VAL B 114 -21.67 1.06 2.07
C VAL B 114 -22.22 2.36 2.66
N GLN B 115 -21.87 2.62 3.92
CA GLN B 115 -22.32 3.82 4.65
C GLN B 115 -21.23 4.85 4.96
N ASP B 116 -19.96 4.48 4.77
CA ASP B 116 -18.84 5.39 5.02
C ASP B 116 -17.59 4.87 4.29
N ILE B 117 -16.54 5.68 4.25
CA ILE B 117 -15.32 5.36 3.48
C ILE B 117 -14.68 4.02 3.82
N GLY B 118 -14.75 3.63 5.10
CA GLY B 118 -14.23 2.34 5.55
C GLY B 118 -14.93 1.11 4.98
N ASP B 119 -16.18 1.26 4.53
CA ASP B 119 -16.92 0.19 3.86
C ASP B 119 -16.50 -0.04 2.41
N VAL B 120 -15.88 0.97 1.80
CA VAL B 120 -15.33 0.85 0.45
C VAL B 120 -14.01 0.09 0.57
N PRO B 121 -13.85 -1.04 -0.16
CA PRO B 121 -12.61 -1.81 -0.01
C PRO B 121 -11.37 -0.98 -0.38
N ALA B 122 -10.30 -1.16 0.40
CA ALA B 122 -9.07 -0.37 0.25
C ALA B 122 -8.43 -0.47 -1.14
N PHE B 123 -8.58 -1.63 -1.77
CA PHE B 123 -8.03 -1.89 -3.12
C PHE B 123 -8.59 -0.90 -4.14
N GLU B 124 -9.88 -0.60 -4.01
CA GLU B 124 -10.56 0.37 -4.88
C GLU B 124 -10.18 1.81 -4.57
N LEU B 125 -9.95 2.13 -3.30
CA LEU B 125 -9.48 3.46 -2.91
C LEU B 125 -8.02 3.70 -3.33
N ASP B 126 -7.20 2.66 -3.19
CA ASP B 126 -5.81 2.69 -3.68
C ASP B 126 -5.73 2.90 -5.19
N ALA B 127 -6.61 2.22 -5.93
CA ALA B 127 -6.65 2.32 -7.40
C ALA B 127 -7.06 3.73 -7.85
N ILE B 128 -8.13 4.26 -7.26
CA ILE B 128 -8.59 5.63 -7.54
C ILE B 128 -7.47 6.64 -7.29
N LYS B 129 -6.85 6.53 -6.13
CA LYS B 129 -5.69 7.34 -5.75
C LYS B 129 -4.57 7.23 -6.78
N HIS B 130 -4.26 5.99 -7.16
CA HIS B 130 -3.23 5.72 -8.16
C HIS B 130 -3.52 6.38 -9.51
N PHE B 131 -4.79 6.40 -9.90
CA PHE B 131 -5.21 7.05 -11.14
C PHE B 131 -4.87 8.53 -11.11
N PHE B 132 -5.40 9.23 -10.10
CA PHE B 132 -5.24 10.67 -10.02
C PHE B 132 -3.79 11.07 -9.80
N VAL B 133 -3.05 10.29 -8.99
CA VAL B 133 -1.61 10.51 -8.76
C VAL B 133 -0.77 10.49 -10.05
N HIS B 134 -1.14 9.63 -11.00
CA HIS B 134 -0.30 9.33 -12.17
C HIS B 134 -0.79 9.77 -13.55
N TYR B 135 -2.09 10.03 -13.71
CA TYR B 135 -2.68 10.22 -15.04
C TYR B 135 -2.17 11.44 -15.83
N LYS B 136 -1.66 12.46 -15.14
CA LYS B 136 -1.04 13.61 -15.79
C LYS B 136 0.50 13.62 -15.67
N ASP B 137 1.10 12.46 -15.47
CA ASP B 137 2.55 12.34 -15.42
C ASP B 137 3.16 12.92 -16.70
N LEU B 138 2.69 12.41 -17.84
CA LEU B 138 3.24 12.76 -19.17
C LEU B 138 2.70 14.05 -19.81
N GLU B 139 1.96 14.85 -19.05
CA GLU B 139 1.59 16.20 -19.44
C GLU B 139 2.54 17.20 -18.75
N PRO B 140 3.23 18.05 -19.55
CA PRO B 140 4.09 19.12 -19.00
C PRO B 140 3.35 20.17 -18.17
N GLY B 141 3.92 20.52 -17.03
CA GLY B 141 3.36 21.53 -16.14
C GLY B 141 2.09 21.10 -15.40
N LYS B 142 1.80 19.80 -15.42
CA LYS B 142 0.62 19.23 -14.79
C LYS B 142 1.03 18.08 -13.88
N PHE B 143 0.41 18.07 -12.71
CA PHE B 143 0.71 17.13 -11.65
C PHE B 143 -0.44 17.03 -10.67
N VAL B 144 -0.27 16.12 -9.72
CA VAL B 144 -1.11 16.03 -8.54
C VAL B 144 -0.15 15.65 -7.41
N LYS B 145 -0.25 16.33 -6.27
CA LYS B 145 0.83 16.25 -5.28
C LYS B 145 0.46 15.76 -3.88
N ALA B 146 -0.68 16.20 -3.36
CA ALA B 146 -1.24 15.63 -2.13
C ALA B 146 -2.39 14.71 -2.47
N ALA B 147 -2.76 13.89 -1.50
CA ALA B 147 -3.82 12.90 -1.66
C ALA B 147 -4.12 12.20 -0.34
N ASP B 148 -5.39 12.18 0.06
CA ASP B 148 -5.88 11.34 1.16
C ASP B 148 -7.40 11.41 1.30
N TRP B 149 -7.94 10.35 1.90
CA TRP B 149 -9.38 10.13 1.99
C TRP B 149 -9.93 10.65 3.31
N VAL B 150 -11.04 11.39 3.23
CA VAL B 150 -11.78 11.85 4.40
C VAL B 150 -13.18 11.24 4.39
N ASP B 151 -13.78 11.14 5.57
CA ASP B 151 -15.01 10.36 5.76
C ASP B 151 -16.27 11.05 5.22
N ARG B 152 -17.40 10.33 5.32
CA ARG B 152 -18.71 10.79 4.88
C ARG B 152 -19.12 12.15 5.47
N ALA B 153 -18.89 12.32 6.78
CA ALA B 153 -19.27 13.54 7.50
C ALA B 153 -18.65 14.80 6.89
N GLU B 154 -17.36 14.70 6.55
CA GLU B 154 -16.64 15.82 5.92
C GLU B 154 -17.08 16.05 4.47
N ALA B 155 -17.40 14.98 3.76
CA ALA B 155 -17.94 15.06 2.40
C ALA B 155 -19.28 15.78 2.39
N GLU B 156 -20.18 15.35 3.28
CA GLU B 156 -21.51 15.97 3.43
C GLU B 156 -21.45 17.46 3.81
N ALA B 157 -20.49 17.82 4.66
CA ALA B 157 -20.25 19.22 5.02
C ALA B 157 -19.79 20.04 3.82
N GLU B 158 -18.88 19.47 3.03
CA GLU B 158 -18.38 20.11 1.82
C GLU B 158 -19.44 20.25 0.73
N VAL B 159 -20.30 19.24 0.61
CA VAL B 159 -21.44 19.29 -0.30
C VAL B 159 -22.41 20.39 0.12
N GLN B 160 -22.69 20.49 1.42
CA GLN B 160 -23.61 21.50 1.95
C GLN B 160 -23.10 22.92 1.72
N ARG B 161 -21.81 23.16 1.99
CA ARG B 161 -21.17 24.44 1.69
C ARG B 161 -21.31 24.81 0.21
N SER B 162 -21.12 23.82 -0.65
CA SER B 162 -21.19 24.00 -2.11
C SER B 162 -22.61 24.22 -2.63
N VAL B 163 -23.59 23.58 -2.00
CA VAL B 163 -25.01 23.82 -2.30
C VAL B 163 -25.40 25.26 -1.99
N GLU B 164 -24.91 25.80 -0.87
CA GLU B 164 -25.19 27.16 -0.44
C GLU B 164 -24.50 28.22 -1.32
N ARG B 165 -23.20 28.05 -1.54
CA ARG B 165 -22.42 28.92 -2.45
C ARG B 165 -23.14 29.10 -3.79
N PHE B 166 -23.72 28.00 -4.29
CA PHE B 166 -24.51 28.00 -5.52
C PHE B 166 -25.79 28.83 -5.40
N LYS B 167 -26.54 28.64 -4.31
CA LYS B 167 -27.80 29.35 -4.09
C LYS B 167 -27.65 30.88 -4.02
N ALA B 168 -26.59 31.33 -3.34
CA ALA B 168 -26.32 32.76 -3.15
C ALA B 168 -26.08 33.49 -4.47
N ALA C 9 -50.57 6.10 -44.27
CA ALA C 9 -49.76 5.27 -43.31
C ALA C 9 -49.23 6.12 -42.16
N MET C 10 -49.73 5.87 -40.96
CA MET C 10 -49.35 6.62 -39.76
C MET C 10 -47.85 6.52 -39.52
N GLN C 11 -47.24 7.65 -39.15
CA GLN C 11 -45.89 7.68 -38.66
C GLN C 11 -45.70 8.76 -37.59
N PHE C 12 -44.63 8.62 -36.84
CA PHE C 12 -44.30 9.53 -35.74
C PHE C 12 -42.82 9.38 -35.37
N ASP C 13 -42.34 10.30 -34.55
CA ASP C 13 -40.97 10.25 -34.03
C ASP C 13 -40.96 9.54 -32.67
N VAL C 14 -40.07 8.55 -32.54
CA VAL C 14 -39.83 7.85 -31.27
C VAL C 14 -38.46 8.27 -30.75
N THR C 15 -38.41 8.61 -29.46
CA THR C 15 -37.15 8.84 -28.75
C THR C 15 -36.79 7.56 -28.01
N ILE C 16 -35.68 6.95 -28.39
CA ILE C 16 -35.17 5.76 -27.71
C ILE C 16 -34.49 6.15 -26.40
N GLU C 17 -34.96 5.54 -25.32
CA GLU C 17 -34.38 5.71 -23.99
C GLU C 17 -33.36 4.61 -23.69
N ILE C 18 -33.70 3.37 -24.04
CA ILE C 18 -32.90 2.19 -23.71
C ILE C 18 -32.61 1.37 -24.97
N PRO C 19 -31.33 1.28 -25.38
CA PRO C 19 -30.97 0.38 -26.48
C PRO C 19 -31.14 -1.09 -26.15
N LYS C 20 -31.34 -1.89 -27.19
CA LYS C 20 -31.40 -3.34 -27.07
C LYS C 20 -30.12 -3.86 -26.42
N GLY C 21 -30.28 -4.77 -25.46
CA GLY C 21 -29.15 -5.38 -24.74
C GLY C 21 -28.79 -4.73 -23.41
N GLN C 22 -29.54 -3.72 -22.99
CA GLN C 22 -29.22 -2.96 -21.77
C GLN C 22 -29.90 -3.50 -20.52
N ARG C 23 -29.12 -3.58 -19.44
CA ARG C 23 -29.65 -3.78 -18.09
C ARG C 23 -29.77 -2.46 -17.30
N ASN C 24 -29.08 -1.42 -17.74
CA ASN C 24 -29.28 -0.06 -17.21
C ASN C 24 -30.60 0.49 -17.74
N LYS C 25 -31.51 0.82 -16.83
CA LYS C 25 -32.81 1.37 -17.22
C LYS C 25 -32.75 2.90 -17.24
N TYR C 26 -32.51 3.45 -18.43
CA TYR C 26 -32.50 4.89 -18.63
C TYR C 26 -33.91 5.45 -18.81
N GLU C 27 -34.04 6.75 -18.53
CA GLU C 27 -35.31 7.47 -18.66
C GLU C 27 -35.03 8.92 -19.05
N VAL C 28 -35.77 9.41 -20.05
CA VAL C 28 -35.79 10.83 -20.36
C VAL C 28 -36.74 11.51 -19.38
N ASP C 29 -36.25 12.57 -18.75
CA ASP C 29 -37.05 13.43 -17.90
C ASP C 29 -37.72 14.42 -18.85
N HIS C 30 -39.05 14.39 -18.90
CA HIS C 30 -39.81 15.05 -19.98
C HIS C 30 -39.92 16.57 -19.84
N GLU C 31 -39.85 17.06 -18.60
CA GLU C 31 -39.83 18.51 -18.33
C GLU C 31 -38.49 19.15 -18.71
N THR C 32 -37.39 18.50 -18.31
CA THR C 32 -36.02 19.02 -18.57
C THR C 32 -35.38 18.48 -19.87
N GLY C 33 -35.60 17.21 -20.19
CA GLY C 33 -35.04 16.58 -21.40
C GLY C 33 -33.75 15.78 -21.21
N ARG C 34 -33.23 15.78 -19.98
CA ARG C 34 -32.03 15.03 -19.62
C ARG C 34 -32.30 13.54 -19.54
N VAL C 35 -31.28 12.75 -19.90
CA VAL C 35 -31.29 11.30 -19.73
C VAL C 35 -30.82 10.99 -18.31
N ARG C 36 -31.58 10.18 -17.60
CA ARG C 36 -31.28 9.77 -16.24
C ARG C 36 -31.21 8.25 -16.18
N LEU C 37 -30.33 7.72 -15.32
CA LEU C 37 -30.36 6.30 -14.94
C LEU C 37 -31.42 6.14 -13.85
N ASP C 38 -32.55 5.52 -14.20
CA ASP C 38 -33.59 5.22 -13.23
C ASP C 38 -33.08 4.16 -12.26
N ARG C 39 -32.65 3.03 -12.81
CA ARG C 39 -32.11 1.94 -12.01
C ARG C 39 -31.40 0.90 -12.89
N TYR C 40 -30.41 0.24 -12.30
CA TYR C 40 -29.85 -1.00 -12.83
C TYR C 40 -30.87 -2.09 -12.48
N LEU C 41 -31.27 -2.89 -13.46
CA LEU C 41 -32.32 -3.89 -13.22
C LEU C 41 -31.90 -4.91 -12.17
N TYR C 42 -32.86 -5.30 -11.33
CA TYR C 42 -32.63 -6.24 -10.24
C TYR C 42 -32.61 -7.67 -10.74
N THR C 43 -33.20 -7.91 -11.90
CA THR C 43 -33.18 -9.21 -12.57
C THR C 43 -32.08 -9.26 -13.64
N PRO C 44 -31.56 -10.47 -13.94
CA PRO C 44 -30.51 -10.65 -14.94
C PRO C 44 -31.07 -10.64 -16.35
N MET C 45 -31.66 -9.52 -16.75
CA MET C 45 -32.41 -9.41 -17.99
C MET C 45 -31.95 -8.17 -18.75
N ALA C 46 -32.16 -8.22 -20.06
CA ALA C 46 -31.77 -7.14 -20.96
C ALA C 46 -32.90 -6.83 -21.92
N TYR C 47 -33.12 -5.54 -22.18
CA TYR C 47 -34.19 -5.10 -23.08
C TYR C 47 -34.03 -5.74 -24.47
N PRO C 48 -35.04 -6.52 -24.92
CA PRO C 48 -34.92 -7.29 -26.16
C PRO C 48 -35.00 -6.45 -27.43
N THR C 49 -35.58 -5.25 -27.33
CA THR C 49 -35.61 -4.29 -28.44
C THR C 49 -35.29 -2.92 -27.89
N ASP C 50 -35.02 -1.98 -28.79
CA ASP C 50 -34.85 -0.58 -28.41
C ASP C 50 -36.18 -0.05 -27.87
N TYR C 51 -36.11 0.61 -26.72
CA TYR C 51 -37.30 0.98 -25.94
C TYR C 51 -37.29 2.48 -25.68
N GLY C 52 -38.46 3.09 -25.81
CA GLY C 52 -38.59 4.52 -25.58
C GLY C 52 -40.03 4.98 -25.56
N PHE C 53 -40.27 6.17 -26.11
CA PHE C 53 -41.60 6.78 -26.14
C PHE C 53 -41.78 7.59 -27.41
N ILE C 54 -43.05 7.81 -27.77
CA ILE C 54 -43.41 8.60 -28.95
C ILE C 54 -43.48 10.07 -28.54
N GLU C 55 -42.79 10.92 -29.30
CA GLU C 55 -42.77 12.36 -29.03
C GLU C 55 -44.14 12.97 -29.28
N ASP C 56 -44.48 13.98 -28.47
CA ASP C 56 -45.77 14.70 -28.56
C ASP C 56 -46.99 13.79 -28.44
N THR C 57 -46.93 12.87 -27.47
CA THR C 57 -48.07 12.04 -27.07
C THR C 57 -48.29 12.19 -25.57
N LEU C 58 -49.47 11.77 -25.12
CA LEU C 58 -49.85 11.84 -23.71
C LEU C 58 -50.94 10.83 -23.35
N GLY C 59 -50.61 9.92 -22.43
CA GLY C 59 -51.57 8.94 -21.91
C GLY C 59 -52.32 9.44 -20.68
N ASP C 60 -53.05 8.52 -20.03
CA ASP C 60 -53.72 8.80 -18.74
C ASP C 60 -52.70 8.99 -17.65
N ASP C 61 -51.71 8.11 -17.64
CA ASP C 61 -50.45 8.36 -16.95
C ASP C 61 -49.98 9.71 -17.49
N GLY C 62 -49.57 10.62 -16.62
CA GLY C 62 -49.05 11.93 -17.07
C GLY C 62 -47.92 11.89 -18.08
N ASP C 63 -47.48 10.68 -18.45
CA ASP C 63 -46.35 10.46 -19.35
C ASP C 63 -46.75 10.25 -20.81
N PRO C 64 -45.76 10.35 -21.73
CA PRO C 64 -45.93 9.97 -23.13
C PRO C 64 -46.17 8.48 -23.34
N LEU C 65 -46.69 8.15 -24.53
CA LEU C 65 -46.98 6.77 -24.90
C LEU C 65 -45.67 6.02 -25.18
N ASP C 66 -45.47 4.91 -24.47
CA ASP C 66 -44.25 4.12 -24.57
C ASP C 66 -44.18 3.39 -25.92
N ALA C 67 -42.97 3.07 -26.36
CA ALA C 67 -42.75 2.52 -27.70
C ALA C 67 -41.54 1.57 -27.77
N LEU C 68 -41.73 0.51 -28.57
CA LEU C 68 -40.69 -0.46 -28.90
C LEU C 68 -40.40 -0.35 -30.39
N VAL C 69 -39.11 -0.33 -30.76
CA VAL C 69 -38.70 -0.22 -32.17
C VAL C 69 -37.79 -1.38 -32.56
N LEU C 70 -38.22 -2.16 -33.54
CA LEU C 70 -37.40 -3.22 -34.13
C LEU C 70 -36.34 -2.61 -35.03
N LEU C 71 -35.06 -2.95 -34.78
CA LEU C 71 -33.94 -2.39 -35.54
C LEU C 71 -32.90 -3.45 -35.92
N PRO C 72 -32.15 -3.22 -37.02
CA PRO C 72 -31.02 -4.08 -37.35
C PRO C 72 -29.82 -3.85 -36.43
N GLN C 73 -29.69 -2.63 -35.92
CA GLN C 73 -28.62 -2.27 -34.99
C GLN C 73 -29.16 -1.23 -34.01
N PRO C 74 -28.84 -1.37 -32.70
CA PRO C 74 -29.40 -0.44 -31.73
C PRO C 74 -28.86 0.97 -31.88
N VAL C 75 -29.64 1.95 -31.45
CA VAL C 75 -29.17 3.33 -31.35
C VAL C 75 -28.65 3.53 -29.93
N PHE C 76 -28.50 4.79 -29.52
CA PHE C 76 -28.13 5.10 -28.13
CA PHE C 76 -28.16 5.13 -28.15
C PHE C 76 -29.22 5.98 -27.44
N PRO C 77 -29.13 6.10 -26.10
CA PRO C 77 -30.21 6.84 -25.42
C PRO C 77 -30.33 8.31 -25.86
N GLY C 78 -31.56 8.73 -26.15
CA GLY C 78 -31.86 10.09 -26.61
C GLY C 78 -32.03 10.25 -28.11
N VAL C 79 -31.68 9.22 -28.88
CA VAL C 79 -31.75 9.29 -30.35
C VAL C 79 -33.20 9.26 -30.83
N LEU C 80 -33.49 10.10 -31.82
CA LEU C 80 -34.78 10.12 -32.50
C LEU C 80 -34.79 9.15 -33.67
N VAL C 81 -35.90 8.41 -33.81
CA VAL C 81 -36.12 7.50 -34.94
C VAL C 81 -37.55 7.70 -35.44
N ALA C 82 -37.68 8.05 -36.72
CA ALA C 82 -38.96 8.10 -37.40
C ALA C 82 -39.49 6.69 -37.54
N ALA C 83 -40.70 6.44 -37.03
CA ALA C 83 -41.24 5.09 -36.93
C ALA C 83 -42.71 5.02 -37.30
N ARG C 84 -43.15 3.81 -37.67
CA ARG C 84 -44.56 3.51 -37.94
C ARG C 84 -44.98 2.26 -37.15
N PRO C 85 -46.24 2.23 -36.65
CA PRO C 85 -46.68 1.14 -35.79
C PRO C 85 -47.18 -0.08 -36.54
N VAL C 86 -46.90 -1.26 -36.00
CA VAL C 86 -47.38 -2.54 -36.55
C VAL C 86 -48.14 -3.38 -35.52
N GLY C 87 -48.38 -2.83 -34.33
CA GLY C 87 -49.03 -3.55 -33.25
C GLY C 87 -48.78 -2.87 -31.91
N MET C 88 -49.26 -3.50 -30.84
CA MET C 88 -49.13 -2.96 -29.50
C MET C 88 -49.13 -4.07 -28.45
N PHE C 89 -48.26 -3.90 -27.44
CA PHE C 89 -48.18 -4.81 -26.30
C PHE C 89 -49.00 -4.19 -25.18
N ARG C 90 -50.04 -4.90 -24.76
CA ARG C 90 -50.92 -4.44 -23.69
C ARG C 90 -50.55 -5.17 -22.42
N MET C 91 -50.35 -4.42 -21.34
CA MET C 91 -50.01 -4.98 -20.04
C MET C 91 -50.52 -4.08 -18.93
N VAL C 92 -50.77 -4.69 -17.78
CA VAL C 92 -51.08 -3.99 -16.54
C VAL C 92 -49.92 -4.23 -15.58
N ASP C 93 -49.49 -3.17 -14.88
CA ASP C 93 -48.48 -3.28 -13.82
C ASP C 93 -49.05 -2.73 -12.50
N GLU C 94 -48.17 -2.47 -11.52
CA GLU C 94 -48.56 -1.92 -10.22
C GLU C 94 -49.27 -0.55 -10.27
N HIS C 95 -49.14 0.17 -11.38
CA HIS C 95 -49.84 1.43 -11.61
C HIS C 95 -50.86 1.37 -12.78
N GLY C 96 -51.45 0.20 -12.99
CA GLY C 96 -52.48 0.02 -14.02
C GLY C 96 -51.91 -0.22 -15.41
N GLY C 97 -52.69 0.13 -16.42
CA GLY C 97 -52.34 -0.13 -17.82
C GLY C 97 -51.08 0.60 -18.25
N ASP C 98 -50.27 -0.08 -19.05
CA ASP C 98 -49.02 0.48 -19.55
C ASP C 98 -48.76 -0.07 -20.96
N ASP C 99 -49.54 0.43 -21.91
CA ASP C 99 -49.48 -0.04 -23.29
C ASP C 99 -48.20 0.45 -23.99
N LYS C 100 -47.60 -0.44 -24.79
CA LYS C 100 -46.35 -0.18 -25.49
C LYS C 100 -46.49 -0.49 -26.99
N VAL C 101 -46.33 0.54 -27.82
CA VAL C 101 -46.56 0.43 -29.26
C VAL C 101 -45.33 -0.12 -29.97
N LEU C 102 -45.50 -1.26 -30.66
CA LEU C 102 -44.42 -1.89 -31.40
C LEU C 102 -44.28 -1.27 -32.79
N CYS C 103 -43.07 -0.86 -33.12
CA CYS C 103 -42.81 -0.10 -34.34
C CYS C 103 -41.67 -0.68 -35.19
N VAL C 104 -41.63 -0.24 -36.44
CA VAL C 104 -40.49 -0.43 -37.33
C VAL C 104 -40.13 0.93 -37.93
N PRO C 105 -38.89 1.10 -38.43
CA PRO C 105 -38.50 2.38 -39.02
C PRO C 105 -39.38 2.80 -40.20
N ALA C 106 -39.78 4.07 -40.20
CA ALA C 106 -40.66 4.62 -41.24
C ALA C 106 -39.84 5.02 -42.47
N GLY C 107 -40.42 4.78 -43.64
CA GLY C 107 -39.76 5.09 -44.92
C GLY C 107 -38.58 4.20 -45.28
N ASP C 108 -38.45 3.06 -44.62
CA ASP C 108 -37.37 2.13 -44.86
C ASP C 108 -37.94 0.89 -45.57
N PRO C 109 -37.60 0.68 -46.86
CA PRO C 109 -38.17 -0.45 -47.60
C PRO C 109 -37.76 -1.85 -47.15
N ARG C 110 -36.73 -1.94 -46.30
CA ARG C 110 -36.30 -3.20 -45.70
C ARG C 110 -37.27 -3.72 -44.63
N TRP C 111 -38.22 -2.89 -44.23
CA TRP C 111 -39.28 -3.25 -43.27
C TRP C 111 -40.71 -3.26 -43.86
N ASP C 112 -40.83 -3.16 -45.19
CA ASP C 112 -42.13 -3.18 -45.87
C ASP C 112 -42.89 -4.51 -45.73
N HIS C 113 -42.16 -5.61 -45.55
CA HIS C 113 -42.75 -6.92 -45.28
C HIS C 113 -43.44 -7.03 -43.90
N VAL C 114 -43.16 -6.07 -43.00
CA VAL C 114 -43.81 -5.99 -41.69
C VAL C 114 -44.89 -4.90 -41.71
N GLN C 115 -46.14 -5.31 -41.92
CA GLN C 115 -47.28 -4.40 -41.95
C GLN C 115 -48.22 -4.50 -40.75
N ASP C 116 -48.30 -5.67 -40.12
CA ASP C 116 -49.18 -5.88 -38.96
C ASP C 116 -48.52 -6.88 -38.00
N ILE C 117 -49.11 -7.03 -36.81
CA ILE C 117 -48.52 -7.83 -35.73
C ILE C 117 -48.15 -9.26 -36.14
N GLY C 118 -48.98 -9.86 -37.00
CA GLY C 118 -48.74 -11.20 -37.54
C GLY C 118 -47.46 -11.37 -38.36
N ASP C 119 -46.97 -10.28 -38.94
CA ASP C 119 -45.71 -10.28 -39.71
C ASP C 119 -44.44 -10.35 -38.85
N VAL C 120 -44.55 -10.06 -37.56
CA VAL C 120 -43.42 -10.16 -36.64
C VAL C 120 -43.31 -11.63 -36.21
N PRO C 121 -42.09 -12.21 -36.22
CA PRO C 121 -41.94 -13.60 -35.78
C PRO C 121 -42.38 -13.79 -34.33
N ALA C 122 -43.15 -14.85 -34.08
CA ALA C 122 -43.70 -15.16 -32.76
C ALA C 122 -42.63 -15.24 -31.67
N PHE C 123 -41.48 -15.80 -32.04
CA PHE C 123 -40.34 -15.96 -31.13
C PHE C 123 -39.84 -14.63 -30.56
N GLU C 124 -39.89 -13.58 -31.38
CA GLU C 124 -39.53 -12.22 -30.95
C GLU C 124 -40.60 -11.58 -30.08
N LEU C 125 -41.87 -11.83 -30.44
CA LEU C 125 -43.01 -11.35 -29.62
C LEU C 125 -43.04 -12.04 -28.26
N ASP C 126 -42.76 -13.35 -28.26
CA ASP C 126 -42.63 -14.15 -27.04
C ASP C 126 -41.56 -13.60 -26.10
N ALA C 127 -40.40 -13.26 -26.66
CA ALA C 127 -39.26 -12.76 -25.87
C ALA C 127 -39.52 -11.37 -25.28
N ILE C 128 -40.15 -10.49 -26.07
CA ILE C 128 -40.57 -9.16 -25.58
C ILE C 128 -41.55 -9.29 -24.41
N LYS C 129 -42.55 -10.14 -24.59
CA LYS C 129 -43.51 -10.46 -23.54
C LYS C 129 -42.82 -11.01 -22.28
N HIS C 130 -41.88 -11.94 -22.48
CA HIS C 130 -41.12 -12.52 -21.37
C HIS C 130 -40.30 -11.49 -20.60
N PHE C 131 -39.78 -10.47 -21.29
CA PHE C 131 -39.01 -9.43 -20.63
C PHE C 131 -39.90 -8.64 -19.66
N PHE C 132 -40.97 -8.05 -20.19
CA PHE C 132 -41.85 -7.20 -19.39
C PHE C 132 -42.61 -7.94 -18.29
N VAL C 133 -42.90 -9.23 -18.50
CA VAL C 133 -43.55 -10.06 -17.47
C VAL C 133 -42.62 -10.37 -16.28
N HIS C 134 -41.31 -10.45 -16.53
CA HIS C 134 -40.34 -10.94 -15.53
C HIS C 134 -39.27 -9.97 -15.01
N TYR C 135 -39.01 -8.88 -15.73
CA TYR C 135 -37.91 -7.97 -15.38
C TYR C 135 -38.02 -7.28 -14.00
N LYS C 136 -39.25 -7.13 -13.49
CA LYS C 136 -39.50 -6.54 -12.18
C LYS C 136 -39.79 -7.52 -11.04
N ASP C 137 -39.73 -8.82 -11.31
CA ASP C 137 -40.04 -9.85 -10.30
C ASP C 137 -39.40 -9.57 -8.94
N LEU C 138 -38.08 -9.38 -8.97
CA LEU C 138 -37.29 -9.20 -7.74
C LEU C 138 -37.40 -7.83 -7.09
N GLU C 139 -38.03 -6.87 -7.77
CA GLU C 139 -38.39 -5.60 -7.16
C GLU C 139 -39.64 -5.75 -6.31
N PRO C 140 -39.57 -5.36 -5.02
CA PRO C 140 -40.70 -5.55 -4.10
C PRO C 140 -41.86 -4.61 -4.37
N GLY C 141 -43.08 -5.15 -4.30
CA GLY C 141 -44.30 -4.41 -4.62
C GLY C 141 -44.47 -4.09 -6.09
N LYS C 142 -43.85 -4.89 -6.95
CA LYS C 142 -43.92 -4.70 -8.40
C LYS C 142 -44.14 -6.02 -9.14
N PHE C 143 -44.90 -5.91 -10.21
CA PHE C 143 -45.37 -7.06 -10.97
C PHE C 143 -45.92 -6.57 -12.31
N VAL C 144 -46.08 -7.49 -13.25
CA VAL C 144 -46.69 -7.20 -14.55
C VAL C 144 -47.63 -8.35 -14.91
N LYS C 145 -48.74 -7.99 -15.57
CA LYS C 145 -49.66 -8.95 -16.15
C LYS C 145 -49.86 -8.61 -17.61
N ALA C 146 -49.31 -9.45 -18.50
CA ALA C 146 -49.48 -9.28 -19.94
C ALA C 146 -50.92 -9.57 -20.31
N ALA C 147 -51.55 -8.62 -21.00
CA ALA C 147 -52.90 -8.81 -21.50
C ALA C 147 -52.81 -9.63 -22.79
N ASP C 148 -52.25 -9.03 -23.84
CA ASP C 148 -52.14 -9.66 -25.15
C ASP C 148 -51.40 -8.74 -26.13
N TRP C 149 -50.89 -9.34 -27.20
CA TRP C 149 -50.47 -8.59 -28.38
C TRP C 149 -51.72 -8.26 -29.19
N VAL C 150 -51.89 -6.98 -29.51
CA VAL C 150 -53.02 -6.52 -30.34
C VAL C 150 -52.50 -5.96 -31.66
N ASP C 151 -53.40 -5.90 -32.64
CA ASP C 151 -53.03 -5.56 -34.03
C ASP C 151 -52.74 -4.07 -34.23
N ARG C 152 -52.26 -3.76 -35.43
CA ARG C 152 -51.92 -2.40 -35.84
C ARG C 152 -53.06 -1.39 -35.69
N ALA C 153 -54.28 -1.80 -36.01
CA ALA C 153 -55.46 -0.94 -35.91
C ALA C 153 -55.69 -0.48 -34.47
N GLU C 154 -55.67 -1.44 -33.55
CA GLU C 154 -55.74 -1.17 -32.11
C GLU C 154 -54.61 -0.24 -31.64
N ALA C 155 -53.42 -0.42 -32.20
CA ALA C 155 -52.27 0.43 -31.89
C ALA C 155 -52.44 1.86 -32.39
N GLU C 156 -52.75 2.00 -33.68
CA GLU C 156 -52.97 3.32 -34.31
C GLU C 156 -54.05 4.13 -33.59
N ALA C 157 -55.12 3.45 -33.16
CA ALA C 157 -56.20 4.09 -32.39
C ALA C 157 -55.70 4.67 -31.07
N GLU C 158 -54.89 3.90 -30.35
CA GLU C 158 -54.29 4.35 -29.09
C GLU C 158 -53.31 5.51 -29.28
N VAL C 159 -52.51 5.45 -30.35
CA VAL C 159 -51.61 6.55 -30.70
C VAL C 159 -52.41 7.81 -31.01
N GLN C 160 -53.47 7.67 -31.80
CA GLN C 160 -54.35 8.79 -32.14
C GLN C 160 -55.01 9.40 -30.90
N ARG C 161 -55.49 8.54 -30.01
CA ARG C 161 -56.02 8.96 -28.70
C ARG C 161 -55.05 9.85 -27.94
N SER C 162 -53.82 9.38 -27.79
CA SER C 162 -52.80 10.04 -26.98
C SER C 162 -52.21 11.29 -27.64
N VAL C 163 -52.31 11.41 -28.96
CA VAL C 163 -51.96 12.65 -29.68
C VAL C 163 -53.00 13.74 -29.41
N GLU C 164 -54.27 13.37 -29.37
CA GLU C 164 -55.35 14.32 -29.06
C GLU C 164 -55.22 14.85 -27.63
N ARG C 165 -54.97 13.93 -26.69
CA ARG C 165 -54.68 14.29 -25.29
C ARG C 165 -53.50 15.24 -25.15
N PHE C 166 -52.46 15.04 -25.97
CA PHE C 166 -51.28 15.91 -25.97
C PHE C 166 -51.63 17.34 -26.34
N LYS C 167 -52.36 17.49 -27.44
CA LYS C 167 -52.82 18.78 -27.93
C LYS C 167 -53.91 19.36 -27.02
N ALA C 168 -53.49 19.92 -25.90
CA ALA C 168 -54.40 20.45 -24.87
C ALA C 168 -53.61 21.13 -23.74
N ALA D 9 -32.73 -33.81 -43.74
CA ALA D 9 -32.07 -32.51 -44.06
C ALA D 9 -30.58 -32.58 -43.83
N MET D 10 -29.79 -32.11 -44.81
CA MET D 10 -28.33 -32.08 -44.69
C MET D 10 -27.92 -31.07 -43.62
N GLN D 11 -26.91 -31.44 -42.84
CA GLN D 11 -26.32 -30.51 -41.87
C GLN D 11 -24.85 -30.87 -41.59
N PHE D 12 -24.17 -29.92 -40.98
CA PHE D 12 -22.73 -30.00 -40.75
C PHE D 12 -22.31 -28.96 -39.71
N ASP D 13 -21.09 -29.11 -39.22
CA ASP D 13 -20.49 -28.15 -38.29
C ASP D 13 -19.68 -27.11 -39.04
N VAL D 14 -20.07 -25.84 -38.88
CA VAL D 14 -19.30 -24.71 -39.38
C VAL D 14 -18.48 -24.14 -38.23
N THR D 15 -17.18 -23.93 -38.49
CA THR D 15 -16.30 -23.19 -37.58
C THR D 15 -16.24 -21.76 -38.08
N ILE D 16 -16.66 -20.82 -37.24
CA ILE D 16 -16.61 -19.39 -37.58
C ILE D 16 -15.19 -18.87 -37.37
N GLU D 17 -14.67 -18.20 -38.39
CA GLU D 17 -13.38 -17.52 -38.34
C GLU D 17 -13.54 -16.03 -38.02
N ILE D 18 -14.52 -15.39 -38.67
CA ILE D 18 -14.73 -13.94 -38.56
C ILE D 18 -16.17 -13.66 -38.16
N PRO D 19 -16.39 -13.05 -36.98
CA PRO D 19 -17.74 -12.62 -36.61
C PRO D 19 -18.24 -11.45 -37.46
N LYS D 20 -19.55 -11.27 -37.50
CA LYS D 20 -20.17 -10.14 -38.19
C LYS D 20 -19.71 -8.82 -37.56
N GLY D 21 -19.43 -7.85 -38.41
CA GLY D 21 -18.96 -6.53 -37.98
C GLY D 21 -17.46 -6.34 -37.97
N GLN D 22 -16.70 -7.39 -38.30
CA GLN D 22 -15.24 -7.37 -38.20
C GLN D 22 -14.54 -6.85 -39.45
N ARG D 23 -13.55 -5.98 -39.24
CA ARG D 23 -12.59 -5.59 -40.27
C ARG D 23 -11.27 -6.37 -40.18
N ASN D 24 -10.99 -7.00 -39.03
CA ASN D 24 -9.87 -7.95 -38.93
C ASN D 24 -10.24 -9.23 -39.64
N LYS D 25 -9.43 -9.62 -40.62
CA LYS D 25 -9.63 -10.85 -41.37
C LYS D 25 -8.88 -11.99 -40.70
N TYR D 26 -9.56 -12.68 -39.77
CA TYR D 26 -9.01 -13.86 -39.11
C TYR D 26 -9.12 -15.10 -40.00
N GLU D 27 -8.12 -15.96 -39.90
CA GLU D 27 -8.07 -17.23 -40.62
C GLU D 27 -7.55 -18.32 -39.70
N VAL D 28 -8.21 -19.48 -39.69
CA VAL D 28 -7.71 -20.66 -38.99
C VAL D 28 -6.65 -21.35 -39.85
N ASP D 29 -5.52 -21.65 -39.23
CA ASP D 29 -4.50 -22.52 -39.82
C ASP D 29 -5.02 -23.95 -39.70
N HIS D 30 -5.27 -24.60 -40.84
CA HIS D 30 -5.94 -25.91 -40.86
C HIS D 30 -5.03 -27.08 -40.47
N GLU D 31 -3.73 -26.86 -40.39
CA GLU D 31 -2.79 -27.87 -39.87
C GLU D 31 -2.80 -27.91 -38.34
N THR D 32 -2.63 -26.75 -37.73
CA THR D 32 -2.47 -26.63 -36.27
C THR D 32 -3.76 -26.31 -35.51
N GLY D 33 -4.70 -25.63 -36.18
CA GLY D 33 -5.95 -25.18 -35.56
C GLY D 33 -5.86 -23.83 -34.86
N ARG D 34 -4.71 -23.15 -34.99
CA ARG D 34 -4.52 -21.82 -34.42
C ARG D 34 -5.23 -20.77 -35.26
N VAL D 35 -5.66 -19.70 -34.59
CA VAL D 35 -6.30 -18.57 -35.25
C VAL D 35 -5.20 -17.55 -35.58
N ARG D 36 -5.21 -17.07 -36.82
CA ARG D 36 -4.24 -16.09 -37.31
C ARG D 36 -4.95 -14.84 -37.82
N LEU D 37 -4.34 -13.67 -37.59
CA LEU D 37 -4.75 -12.45 -38.26
C LEU D 37 -4.05 -12.43 -39.62
N ASP D 38 -4.82 -12.67 -40.68
CA ASP D 38 -4.28 -12.60 -42.03
C ASP D 38 -3.98 -11.15 -42.37
N ARG D 39 -4.99 -10.28 -42.23
CA ARG D 39 -4.82 -8.85 -42.46
C ARG D 39 -5.99 -8.03 -41.94
N TYR D 40 -5.70 -6.78 -41.59
CA TYR D 40 -6.71 -5.74 -41.44
C TYR D 40 -7.13 -5.37 -42.86
N LEU D 41 -8.44 -5.35 -43.13
CA LEU D 41 -8.91 -5.05 -44.48
C LEU D 41 -8.50 -3.65 -44.91
N TYR D 42 -8.21 -3.50 -46.20
CA TYR D 42 -7.73 -2.23 -46.75
C TYR D 42 -8.90 -1.30 -47.10
N THR D 43 -10.11 -1.84 -47.15
CA THR D 43 -11.33 -1.07 -47.36
C THR D 43 -12.08 -0.83 -46.04
N PRO D 44 -12.86 0.26 -45.95
CA PRO D 44 -13.67 0.55 -44.76
C PRO D 44 -14.97 -0.26 -44.78
N MET D 45 -14.81 -1.57 -44.69
CA MET D 45 -15.91 -2.52 -44.79
C MET D 45 -15.79 -3.52 -43.66
N ALA D 46 -16.91 -4.17 -43.36
CA ALA D 46 -16.97 -5.17 -42.30
C ALA D 46 -17.77 -6.36 -42.79
N TYR D 47 -17.35 -7.56 -42.38
CA TYR D 47 -18.04 -8.79 -42.78
C TYR D 47 -19.52 -8.72 -42.42
N PRO D 48 -20.41 -8.85 -43.42
CA PRO D 48 -21.84 -8.67 -43.22
C PRO D 48 -22.54 -9.84 -42.53
N THR D 49 -21.87 -11.00 -42.48
CA THR D 49 -22.34 -12.14 -41.71
C THR D 49 -21.14 -12.80 -41.04
N ASP D 50 -21.42 -13.71 -40.11
CA ASP D 50 -20.39 -14.57 -39.55
C ASP D 50 -19.87 -15.47 -40.66
N TYR D 51 -18.54 -15.59 -40.72
CA TYR D 51 -17.85 -16.20 -41.86
C TYR D 51 -16.87 -17.25 -41.35
N GLY D 52 -16.75 -18.35 -42.10
CA GLY D 52 -15.82 -19.41 -41.71
C GLY D 52 -15.63 -20.52 -42.73
N PHE D 53 -15.82 -21.75 -42.27
CA PHE D 53 -15.71 -22.95 -43.12
C PHE D 53 -16.43 -24.16 -42.51
N ILE D 54 -16.77 -25.11 -43.38
CA ILE D 54 -17.45 -26.35 -42.98
C ILE D 54 -16.38 -27.37 -42.55
N GLU D 55 -16.50 -27.87 -41.33
CA GLU D 55 -15.61 -28.92 -40.83
C GLU D 55 -15.77 -30.22 -41.60
N ASP D 56 -14.68 -30.95 -41.75
CA ASP D 56 -14.64 -32.24 -42.47
C ASP D 56 -15.11 -32.16 -43.93
N THR D 57 -14.75 -31.06 -44.59
CA THR D 57 -14.94 -30.93 -46.03
C THR D 57 -13.60 -30.60 -46.65
N LEU D 58 -13.54 -30.79 -47.96
CA LEU D 58 -12.34 -30.52 -48.73
C LEU D 58 -12.75 -29.92 -50.06
N GLY D 59 -12.52 -28.61 -50.20
CA GLY D 59 -12.69 -27.95 -51.48
C GLY D 59 -11.62 -28.42 -52.44
N ASP D 60 -11.87 -28.27 -53.74
CA ASP D 60 -10.88 -28.69 -54.75
C ASP D 60 -9.63 -27.77 -54.85
N ASP D 61 -9.46 -26.86 -53.90
CA ASP D 61 -8.19 -26.10 -53.72
C ASP D 61 -7.37 -26.55 -52.51
N GLY D 62 -7.82 -27.61 -51.83
CA GLY D 62 -7.11 -28.13 -50.65
C GLY D 62 -7.52 -27.58 -49.29
N ASP D 63 -8.42 -26.59 -49.27
CA ASP D 63 -8.95 -26.03 -48.02
C ASP D 63 -10.41 -26.48 -47.83
N PRO D 64 -10.90 -26.43 -46.57
CA PRO D 64 -12.32 -26.62 -46.29
C PRO D 64 -13.22 -25.63 -47.03
N LEU D 65 -14.44 -26.08 -47.35
CA LEU D 65 -15.40 -25.27 -48.08
C LEU D 65 -15.90 -24.10 -47.23
N ASP D 66 -15.83 -22.89 -47.80
CA ASP D 66 -16.19 -21.66 -47.07
C ASP D 66 -17.68 -21.61 -46.78
N ALA D 67 -18.02 -20.98 -45.65
CA ALA D 67 -19.41 -20.91 -45.18
C ALA D 67 -19.75 -19.55 -44.58
N LEU D 68 -20.98 -19.11 -44.85
CA LEU D 68 -21.57 -17.91 -44.26
C LEU D 68 -22.76 -18.35 -43.42
N VAL D 69 -22.81 -17.90 -42.17
CA VAL D 69 -23.91 -18.28 -41.26
C VAL D 69 -24.69 -17.03 -40.81
N LEU D 70 -26.00 -17.05 -41.07
CA LEU D 70 -26.91 -16.00 -40.59
C LEU D 70 -27.25 -16.28 -39.13
N LEU D 71 -27.03 -15.29 -38.26
CA LEU D 71 -27.25 -15.44 -36.81
C LEU D 71 -27.99 -14.24 -36.23
N PRO D 72 -28.73 -14.45 -35.11
CA PRO D 72 -29.33 -13.33 -34.39
C PRO D 72 -28.29 -12.52 -33.60
N GLN D 73 -27.16 -13.16 -33.27
CA GLN D 73 -26.03 -12.50 -32.62
C GLN D 73 -24.74 -13.20 -33.06
N PRO D 74 -23.64 -12.43 -33.27
CA PRO D 74 -22.39 -13.08 -33.68
C PRO D 74 -21.75 -13.95 -32.59
N VAL D 75 -20.89 -14.87 -33.01
CA VAL D 75 -20.10 -15.69 -32.10
C VAL D 75 -18.66 -15.16 -32.07
N PHE D 76 -17.76 -15.89 -31.38
CA PHE D 76 -16.33 -15.57 -31.36
C PHE D 76 -15.57 -16.39 -32.41
N PRO D 77 -14.37 -15.92 -32.83
CA PRO D 77 -13.55 -16.73 -33.73
C PRO D 77 -13.18 -18.09 -33.13
N GLY D 78 -13.29 -19.13 -33.94
CA GLY D 78 -13.01 -20.51 -33.52
C GLY D 78 -14.21 -21.31 -33.05
N VAL D 79 -15.36 -20.65 -32.92
CA VAL D 79 -16.56 -21.26 -32.35
C VAL D 79 -17.26 -22.14 -33.38
N LEU D 80 -17.69 -23.32 -32.94
CA LEU D 80 -18.45 -24.27 -33.77
C LEU D 80 -19.94 -23.92 -33.75
N VAL D 81 -20.59 -24.05 -34.91
CA VAL D 81 -22.04 -23.88 -35.04
C VAL D 81 -22.57 -24.96 -35.98
N ALA D 82 -23.49 -25.78 -35.48
CA ALA D 82 -24.21 -26.74 -36.31
C ALA D 82 -25.11 -25.96 -37.25
N ALA D 83 -25.01 -26.23 -38.55
CA ALA D 83 -25.72 -25.46 -39.57
C ALA D 83 -26.17 -26.29 -40.76
N ARG D 84 -27.12 -25.74 -41.51
CA ARG D 84 -27.65 -26.36 -42.72
C ARG D 84 -27.66 -25.33 -43.87
N PRO D 85 -27.40 -25.79 -45.11
CA PRO D 85 -27.27 -24.89 -46.24
C PRO D 85 -28.62 -24.44 -46.79
N VAL D 86 -28.70 -23.17 -47.18
CA VAL D 86 -29.90 -22.62 -47.85
C VAL D 86 -29.63 -22.00 -49.23
N GLY D 87 -28.36 -21.98 -49.62
CA GLY D 87 -27.94 -21.33 -50.87
C GLY D 87 -26.43 -21.28 -50.94
N MET D 88 -25.90 -20.65 -51.98
CA MET D 88 -24.46 -20.53 -52.18
C MET D 88 -24.10 -19.28 -52.97
N PHE D 89 -23.07 -18.60 -52.49
CA PHE D 89 -22.52 -17.42 -53.14
C PHE D 89 -21.37 -17.85 -54.03
N ARG D 90 -21.52 -17.59 -55.33
CA ARG D 90 -20.55 -17.96 -56.35
C ARG D 90 -19.82 -16.70 -56.77
N MET D 91 -18.49 -16.68 -56.64
CA MET D 91 -17.71 -15.54 -57.10
C MET D 91 -16.42 -15.96 -57.80
N VAL D 92 -15.97 -15.08 -58.70
CA VAL D 92 -14.73 -15.27 -59.45
C VAL D 92 -13.78 -14.14 -59.04
N ASP D 93 -12.63 -14.51 -58.48
CA ASP D 93 -11.62 -13.55 -58.04
C ASP D 93 -10.23 -13.88 -58.61
N GLU D 94 -9.20 -13.22 -58.12
CA GLU D 94 -7.80 -13.46 -58.55
C GLU D 94 -7.30 -14.92 -58.44
N HIS D 95 -7.94 -15.71 -57.57
CA HIS D 95 -7.68 -17.16 -57.47
C HIS D 95 -8.53 -18.05 -58.39
N GLY D 96 -9.42 -17.44 -59.18
CA GLY D 96 -10.40 -18.16 -59.98
C GLY D 96 -11.71 -18.31 -59.23
N GLY D 97 -12.36 -19.47 -59.41
CA GLY D 97 -13.64 -19.75 -58.77
C GLY D 97 -13.55 -19.84 -57.26
N ASP D 98 -14.59 -19.33 -56.60
CA ASP D 98 -14.64 -19.25 -55.13
C ASP D 98 -16.09 -19.36 -54.69
N ASP D 99 -16.43 -20.48 -54.04
CA ASP D 99 -17.78 -20.75 -53.57
C ASP D 99 -17.87 -20.54 -52.07
N LYS D 100 -19.01 -20.04 -51.63
CA LYS D 100 -19.29 -19.77 -50.21
C LYS D 100 -20.73 -20.18 -49.89
N VAL D 101 -20.88 -21.22 -49.07
CA VAL D 101 -22.20 -21.77 -48.75
C VAL D 101 -22.89 -20.89 -47.70
N LEU D 102 -24.08 -20.40 -48.03
CA LEU D 102 -24.87 -19.60 -47.10
C LEU D 102 -25.72 -20.53 -46.25
N CYS D 103 -25.63 -20.37 -44.94
CA CYS D 103 -26.25 -21.30 -43.98
C CYS D 103 -27.10 -20.60 -42.93
N VAL D 104 -27.89 -21.41 -42.22
CA VAL D 104 -28.59 -21.01 -41.00
C VAL D 104 -28.35 -22.08 -39.93
N PRO D 105 -28.57 -21.75 -38.64
CA PRO D 105 -28.39 -22.75 -37.57
C PRO D 105 -29.33 -23.96 -37.72
N ALA D 106 -28.75 -25.16 -37.62
CA ALA D 106 -29.49 -26.41 -37.74
C ALA D 106 -30.14 -26.74 -36.40
N GLY D 107 -31.32 -27.35 -36.47
CA GLY D 107 -32.09 -27.70 -35.28
C GLY D 107 -32.56 -26.51 -34.45
N ASP D 108 -32.80 -25.39 -35.13
CA ASP D 108 -33.30 -24.17 -34.50
C ASP D 108 -34.58 -23.78 -35.25
N PRO D 109 -35.75 -23.89 -34.58
CA PRO D 109 -37.02 -23.62 -35.26
C PRO D 109 -37.26 -22.16 -35.65
N ARG D 110 -36.50 -21.25 -35.06
CA ARG D 110 -36.49 -19.83 -35.44
C ARG D 110 -35.97 -19.56 -36.86
N TRP D 111 -35.32 -20.57 -37.47
CA TRP D 111 -34.83 -20.48 -38.84
C TRP D 111 -35.52 -21.45 -39.82
N ASP D 112 -36.60 -22.09 -39.38
CA ASP D 112 -37.36 -23.02 -40.22
C ASP D 112 -38.08 -22.33 -41.40
N HIS D 113 -38.37 -21.05 -41.26
CA HIS D 113 -38.94 -20.24 -42.36
C HIS D 113 -37.95 -19.93 -43.49
N VAL D 114 -36.66 -20.21 -43.28
CA VAL D 114 -35.61 -20.11 -44.30
C VAL D 114 -35.23 -21.52 -44.75
N GLN D 115 -35.69 -21.90 -45.93
CA GLN D 115 -35.43 -23.23 -46.53
C GLN D 115 -34.62 -23.21 -47.83
N ASP D 116 -34.73 -22.11 -48.59
CA ASP D 116 -33.99 -21.94 -49.85
C ASP D 116 -33.62 -20.45 -50.02
N ILE D 117 -32.79 -20.17 -51.03
CA ILE D 117 -32.22 -18.83 -51.27
C ILE D 117 -33.25 -17.68 -51.35
N GLY D 118 -34.42 -17.97 -51.91
CA GLY D 118 -35.51 -16.98 -52.01
C GLY D 118 -36.12 -16.52 -50.69
N ASP D 119 -35.92 -17.30 -49.63
CA ASP D 119 -36.43 -16.97 -48.30
C ASP D 119 -35.59 -15.90 -47.58
N VAL D 120 -34.34 -15.72 -48.00
CA VAL D 120 -33.48 -14.66 -47.47
C VAL D 120 -33.88 -13.35 -48.17
N PRO D 121 -34.12 -12.28 -47.38
CA PRO D 121 -34.50 -11.03 -48.04
C PRO D 121 -33.39 -10.45 -48.92
N ALA D 122 -33.79 -9.83 -50.03
CA ALA D 122 -32.87 -9.36 -51.06
C ALA D 122 -31.85 -8.33 -50.57
N PHE D 123 -32.28 -7.46 -49.65
CA PHE D 123 -31.39 -6.43 -49.11
C PHE D 123 -30.18 -7.00 -48.35
N GLU D 124 -30.35 -8.17 -47.74
CA GLU D 124 -29.25 -8.87 -47.07
C GLU D 124 -28.33 -9.58 -48.06
N LEU D 125 -28.91 -10.24 -49.06
CA LEU D 125 -28.13 -10.93 -50.10
C LEU D 125 -27.32 -9.95 -50.94
N ASP D 126 -27.92 -8.81 -51.27
CA ASP D 126 -27.22 -7.72 -51.98
C ASP D 126 -26.05 -7.17 -51.16
N ALA D 127 -26.28 -6.95 -49.87
CA ALA D 127 -25.24 -6.48 -48.96
C ALA D 127 -24.06 -7.46 -48.88
N ILE D 128 -24.36 -8.75 -48.79
CA ILE D 128 -23.32 -9.78 -48.78
C ILE D 128 -22.55 -9.77 -50.11
N LYS D 129 -23.27 -9.67 -51.22
CA LYS D 129 -22.63 -9.57 -52.53
C LYS D 129 -21.73 -8.34 -52.60
N HIS D 130 -22.26 -7.19 -52.15
CA HIS D 130 -21.51 -5.93 -52.15
C HIS D 130 -20.20 -6.03 -51.39
N PHE D 131 -20.19 -6.76 -50.28
CA PHE D 131 -18.98 -6.93 -49.47
C PHE D 131 -17.89 -7.61 -50.29
N PHE D 132 -18.20 -8.81 -50.76
CA PHE D 132 -17.22 -9.64 -51.45
C PHE D 132 -16.77 -9.06 -52.79
N VAL D 133 -17.63 -8.28 -53.43
CA VAL D 133 -17.28 -7.57 -54.66
C VAL D 133 -16.26 -6.44 -54.43
N HIS D 134 -16.37 -5.74 -53.30
CA HIS D 134 -15.63 -4.49 -53.07
C HIS D 134 -14.53 -4.52 -52.00
N TYR D 135 -14.51 -5.52 -51.12
CA TYR D 135 -13.59 -5.50 -49.97
C TYR D 135 -12.09 -5.55 -50.29
N LYS D 136 -11.73 -6.05 -51.47
CA LYS D 136 -10.34 -6.10 -51.94
C LYS D 136 -10.03 -5.09 -53.07
N ASP D 137 -10.84 -4.04 -53.19
CA ASP D 137 -10.59 -2.99 -54.17
C ASP D 137 -9.19 -2.43 -53.98
N LEU D 138 -8.92 -1.94 -52.77
CA LEU D 138 -7.64 -1.32 -52.41
C LEU D 138 -6.50 -2.29 -52.12
N GLU D 139 -6.79 -3.58 -52.07
CA GLU D 139 -5.75 -4.60 -51.96
C GLU D 139 -5.06 -4.81 -53.32
N PRO D 140 -3.71 -4.78 -53.33
CA PRO D 140 -2.95 -5.05 -54.55
C PRO D 140 -2.84 -6.55 -54.82
N GLY D 141 -2.81 -6.90 -56.10
CA GLY D 141 -2.81 -8.29 -56.53
C GLY D 141 -4.11 -9.01 -56.27
N LYS D 142 -5.20 -8.26 -56.10
CA LYS D 142 -6.50 -8.80 -55.70
C LYS D 142 -7.61 -8.02 -56.40
N PHE D 143 -8.60 -8.77 -56.87
CA PHE D 143 -9.72 -8.21 -57.62
C PHE D 143 -10.85 -9.24 -57.70
N VAL D 144 -12.04 -8.77 -58.04
CA VAL D 144 -13.19 -9.64 -58.31
C VAL D 144 -13.64 -9.38 -59.74
N LYS D 145 -14.15 -10.43 -60.39
CA LYS D 145 -14.70 -10.32 -61.74
C LYS D 145 -16.22 -10.53 -61.80
N ALA D 146 -16.74 -11.37 -60.92
CA ALA D 146 -18.17 -11.72 -60.95
C ALA D 146 -18.64 -12.25 -59.60
N ALA D 147 -19.95 -12.18 -59.39
CA ALA D 147 -20.60 -12.68 -58.19
C ALA D 147 -22.06 -12.98 -58.46
N ASP D 148 -22.50 -14.18 -58.09
CA ASP D 148 -23.90 -14.62 -58.26
C ASP D 148 -24.34 -15.51 -57.11
N TRP D 149 -25.66 -15.59 -56.93
CA TRP D 149 -26.28 -16.49 -55.95
C TRP D 149 -26.91 -17.68 -56.65
N VAL D 150 -26.78 -18.85 -56.04
CA VAL D 150 -27.46 -20.07 -56.51
C VAL D 150 -28.20 -20.73 -55.35
N ASP D 151 -29.11 -21.64 -55.69
CA ASP D 151 -30.08 -22.19 -54.73
C ASP D 151 -29.51 -23.29 -53.82
N ARG D 152 -30.33 -23.74 -52.86
CA ARG D 152 -29.98 -24.79 -51.91
C ARG D 152 -29.49 -26.10 -52.56
N ALA D 153 -30.11 -26.48 -53.67
CA ALA D 153 -29.77 -27.73 -54.36
C ALA D 153 -28.35 -27.72 -54.92
N GLU D 154 -27.98 -26.62 -55.58
CA GLU D 154 -26.60 -26.40 -56.02
C GLU D 154 -25.61 -26.41 -54.85
N ALA D 155 -25.98 -25.75 -53.76
CA ALA D 155 -25.17 -25.70 -52.54
C ALA D 155 -24.92 -27.09 -51.95
N GLU D 156 -25.99 -27.88 -51.86
CA GLU D 156 -25.92 -29.25 -51.31
C GLU D 156 -25.04 -30.19 -52.15
N ALA D 157 -25.14 -30.06 -53.47
CA ALA D 157 -24.29 -30.81 -54.40
C ALA D 157 -22.82 -30.53 -54.14
N GLU D 158 -22.49 -29.26 -53.97
CA GLU D 158 -21.11 -28.83 -53.69
C GLU D 158 -20.59 -29.30 -52.32
N VAL D 159 -21.45 -29.28 -51.31
CA VAL D 159 -21.09 -29.80 -49.98
C VAL D 159 -20.77 -31.29 -50.09
N GLN D 160 -21.65 -32.04 -50.75
CA GLN D 160 -21.49 -33.49 -50.88
C GLN D 160 -20.22 -33.90 -51.62
N ARG D 161 -19.88 -33.17 -52.69
CA ARG D 161 -18.62 -33.38 -53.41
C ARG D 161 -17.42 -33.15 -52.49
N SER D 162 -17.46 -32.03 -51.76
CA SER D 162 -16.39 -31.66 -50.84
C SER D 162 -16.23 -32.61 -49.65
N VAL D 163 -17.32 -33.27 -49.25
CA VAL D 163 -17.29 -34.29 -48.19
C VAL D 163 -16.57 -35.56 -48.66
N GLU D 164 -16.92 -36.03 -49.86
CA GLU D 164 -16.30 -37.23 -50.43
C GLU D 164 -14.80 -37.04 -50.65
N ARG D 165 -14.42 -35.86 -51.15
CA ARG D 165 -13.01 -35.48 -51.27
C ARG D 165 -12.28 -35.50 -49.93
N PHE D 166 -12.97 -35.09 -48.87
CA PHE D 166 -12.41 -35.13 -47.51
C PHE D 166 -11.99 -36.56 -47.10
N LYS D 167 -12.82 -37.53 -47.45
CA LYS D 167 -12.57 -38.94 -47.11
C LYS D 167 -11.44 -39.59 -47.90
N ALA D 168 -11.26 -39.18 -49.15
CA ALA D 168 -10.16 -39.65 -50.01
C ALA D 168 -8.79 -39.61 -49.32
N ALA E 9 15.42 -9.66 -44.10
CA ALA E 9 14.53 -8.94 -43.13
C ALA E 9 13.90 -9.93 -42.16
N MET E 10 14.22 -9.79 -40.88
CA MET E 10 13.74 -10.70 -39.84
C MET E 10 12.23 -10.57 -39.66
N GLN E 11 11.57 -11.71 -39.60
CA GLN E 11 10.15 -11.78 -39.24
C GLN E 11 9.86 -13.08 -38.48
N PHE E 12 8.79 -13.05 -37.70
CA PHE E 12 8.41 -14.17 -36.85
C PHE E 12 6.92 -14.10 -36.51
N ASP E 13 6.43 -15.18 -35.90
CA ASP E 13 5.05 -15.24 -35.42
C ASP E 13 4.97 -14.83 -33.95
N VAL E 14 4.09 -13.87 -33.68
CA VAL E 14 3.77 -13.44 -32.32
C VAL E 14 2.37 -13.94 -31.97
N THR E 15 2.25 -14.59 -30.82
CA THR E 15 0.95 -14.92 -30.25
C THR E 15 0.58 -13.81 -29.27
N ILE E 16 -0.55 -13.16 -29.53
CA ILE E 16 -1.07 -12.11 -28.67
C ILE E 16 -1.82 -12.76 -27.50
N GLU E 17 -1.38 -12.44 -26.29
CA GLU E 17 -2.04 -12.85 -25.05
C GLU E 17 -3.06 -11.82 -24.57
N ILE E 18 -2.72 -10.54 -24.70
CA ILE E 18 -3.53 -9.44 -24.16
C ILE E 18 -3.78 -8.40 -25.25
N PRO E 19 -5.06 -8.18 -25.61
CA PRO E 19 -5.39 -7.08 -26.52
C PRO E 19 -5.21 -5.71 -25.87
N LYS E 20 -4.95 -4.70 -26.69
CA LYS E 20 -4.87 -3.31 -26.22
C LYS E 20 -6.20 -2.91 -25.57
N GLY E 21 -6.10 -2.15 -24.49
CA GLY E 21 -7.26 -1.69 -23.73
C GLY E 21 -7.71 -2.62 -22.60
N GLN E 22 -6.97 -3.71 -22.39
CA GLN E 22 -7.35 -4.70 -21.37
C GLN E 22 -6.74 -4.42 -20.00
N ARG E 23 -7.56 -4.59 -18.98
CA ARG E 23 -7.12 -4.66 -17.58
C ARG E 23 -7.02 -6.11 -17.06
N ASN E 24 -7.68 -7.05 -17.75
CA ASN E 24 -7.46 -8.48 -17.47
C ASN E 24 -6.12 -8.91 -18.05
N LYS E 25 -5.24 -9.40 -17.17
CA LYS E 25 -3.94 -9.92 -17.60
C LYS E 25 -4.05 -11.41 -17.89
N TYR E 26 -4.21 -11.74 -19.17
CA TYR E 26 -4.22 -13.14 -19.62
C TYR E 26 -2.81 -13.66 -19.90
N GLU E 27 -2.67 -14.99 -19.79
CA GLU E 27 -1.43 -15.71 -20.11
C GLU E 27 -1.76 -16.98 -20.85
N VAL E 28 -0.89 -17.36 -21.79
CA VAL E 28 -0.91 -18.70 -22.39
C VAL E 28 0.00 -19.61 -21.56
N ASP E 29 -0.53 -20.76 -21.15
CA ASP E 29 0.27 -21.82 -20.54
C ASP E 29 1.03 -22.49 -21.67
N HIS E 30 2.36 -22.47 -21.59
CA HIS E 30 3.21 -22.96 -22.67
C HIS E 30 3.33 -24.48 -22.72
N GLU E 31 2.89 -25.16 -21.65
CA GLU E 31 2.74 -26.61 -21.65
C GLU E 31 1.54 -27.02 -22.50
N THR E 32 0.37 -26.49 -22.11
CA THR E 32 -0.93 -26.90 -22.66
C THR E 32 -1.43 -26.07 -23.84
N GLY E 33 -1.03 -24.80 -23.90
CA GLY E 33 -1.54 -23.85 -24.90
C GLY E 33 -2.88 -23.24 -24.55
N ARG E 34 -3.34 -23.45 -23.31
CA ARG E 34 -4.60 -22.90 -22.82
C ARG E 34 -4.41 -21.46 -22.40
N VAL E 35 -5.43 -20.65 -22.62
CA VAL E 35 -5.44 -19.25 -22.17
C VAL E 35 -5.96 -19.24 -20.72
N ARG E 36 -5.23 -18.54 -19.85
CA ARG E 36 -5.56 -18.42 -18.44
C ARG E 36 -5.61 -16.94 -18.06
N LEU E 37 -6.54 -16.59 -17.17
CA LEU E 37 -6.52 -15.30 -16.50
C LEU E 37 -5.53 -15.38 -15.35
N ASP E 38 -4.41 -14.67 -15.47
CA ASP E 38 -3.43 -14.58 -14.40
C ASP E 38 -4.00 -13.72 -13.28
N ARG E 39 -4.37 -12.48 -13.62
CA ARG E 39 -4.97 -11.55 -12.66
C ARG E 39 -5.62 -10.33 -13.33
N TYR E 40 -6.58 -9.75 -12.62
CA TYR E 40 -7.10 -8.41 -12.89
C TYR E 40 -6.11 -7.44 -12.27
N LEU E 41 -5.64 -6.47 -13.07
CA LEU E 41 -4.61 -5.54 -12.58
C LEU E 41 -5.09 -4.75 -11.37
N TYR E 42 -4.18 -4.54 -10.42
CA TYR E 42 -4.46 -3.81 -9.20
C TYR E 42 -4.38 -2.30 -9.41
N THR E 43 -3.80 -1.87 -10.54
CA THR E 43 -3.78 -0.46 -10.94
C THR E 43 -4.86 -0.18 -12.00
N PRO E 44 -5.32 1.08 -12.09
CA PRO E 44 -6.33 1.49 -13.08
C PRO E 44 -5.68 1.82 -14.42
N MET E 45 -5.04 0.81 -15.01
CA MET E 45 -4.26 0.97 -16.23
C MET E 45 -4.70 -0.12 -17.20
N ALA E 46 -4.44 0.12 -18.47
CA ALA E 46 -4.78 -0.82 -19.52
C ALA E 46 -3.63 -0.93 -20.51
N TYR E 47 -3.38 -2.15 -20.99
CA TYR E 47 -2.26 -2.41 -21.91
C TYR E 47 -2.37 -1.50 -23.16
N PRO E 48 -1.35 -0.67 -23.42
CA PRO E 48 -1.46 0.32 -24.49
C PRO E 48 -1.21 -0.23 -25.90
N THR E 49 -0.60 -1.39 -26.02
CA THR E 49 -0.52 -2.13 -27.28
C THR E 49 -0.99 -3.54 -27.02
N ASP E 50 -1.23 -4.28 -28.11
CA ASP E 50 -1.44 -5.72 -28.01
C ASP E 50 -0.13 -6.36 -27.52
N TYR E 51 -0.26 -7.29 -26.59
CA TYR E 51 0.86 -7.82 -25.84
C TYR E 51 0.85 -9.35 -25.89
N GLY E 52 2.04 -9.93 -25.97
CA GLY E 52 2.17 -11.38 -26.01
C GLY E 52 3.60 -11.90 -25.94
N PHE E 53 3.91 -12.85 -26.84
CA PHE E 53 5.23 -13.47 -26.92
C PHE E 53 5.51 -13.98 -28.32
N ILE E 54 6.79 -14.23 -28.59
CA ILE E 54 7.24 -14.75 -29.89
C ILE E 54 7.28 -16.27 -29.82
N GLU E 55 6.64 -16.91 -30.78
CA GLU E 55 6.62 -18.38 -30.88
C GLU E 55 8.00 -18.94 -31.21
N ASP E 56 8.30 -20.12 -30.65
CA ASP E 56 9.59 -20.81 -30.83
C ASP E 56 10.79 -19.96 -30.41
N THR E 57 10.66 -19.33 -29.24
CA THR E 57 11.75 -18.60 -28.61
C THR E 57 11.86 -19.05 -27.16
N LEU E 58 13.05 -18.87 -26.58
CA LEU E 58 13.29 -19.15 -25.19
C LEU E 58 14.23 -18.09 -24.63
N GLY E 59 13.69 -17.27 -23.72
CA GLY E 59 14.45 -16.19 -23.10
C GLY E 59 15.33 -16.69 -21.97
N ASP E 60 16.02 -15.73 -21.36
CA ASP E 60 16.83 -15.97 -20.17
C ASP E 60 16.00 -16.65 -19.06
N ASP E 61 14.77 -16.17 -18.90
CA ASP E 61 13.84 -16.64 -17.86
C ASP E 61 13.38 -18.11 -17.94
N GLY E 62 13.41 -18.71 -19.14
CA GLY E 62 12.86 -20.05 -19.37
C GLY E 62 11.47 -20.05 -19.99
N ASP E 63 10.87 -18.86 -20.11
CA ASP E 63 9.66 -18.63 -20.89
C ASP E 63 10.03 -17.96 -22.22
N PRO E 64 9.09 -17.91 -23.19
CA PRO E 64 9.35 -17.22 -24.47
C PRO E 64 9.63 -15.73 -24.34
N LEU E 65 10.23 -15.17 -25.39
CA LEU E 65 10.53 -13.74 -25.44
C LEU E 65 9.25 -12.92 -25.67
N ASP E 66 9.04 -11.92 -24.83
CA ASP E 66 7.85 -11.07 -24.88
C ASP E 66 7.86 -10.14 -26.09
N ALA E 67 6.67 -9.80 -26.58
CA ALA E 67 6.50 -8.93 -27.75
C ALA E 67 5.32 -7.98 -27.61
N LEU E 68 5.50 -6.77 -28.15
CA LEU E 68 4.45 -5.76 -28.28
C LEU E 68 4.22 -5.58 -29.78
N VAL E 69 2.97 -5.54 -30.19
CA VAL E 69 2.62 -5.38 -31.62
C VAL E 69 1.72 -4.16 -31.80
N LEU E 70 2.18 -3.22 -32.62
CA LEU E 70 1.38 -2.05 -32.98
C LEU E 70 0.41 -2.48 -34.07
N LEU E 71 -0.87 -2.17 -33.89
CA LEU E 71 -1.93 -2.60 -34.80
C LEU E 71 -2.94 -1.48 -35.03
N PRO E 72 -3.62 -1.49 -36.20
CA PRO E 72 -4.72 -0.55 -36.41
C PRO E 72 -5.98 -0.93 -35.61
N GLN E 73 -6.09 -2.20 -35.24
CA GLN E 73 -7.19 -2.70 -34.41
C GLN E 73 -6.72 -3.90 -33.58
N PRO E 74 -7.15 -4.00 -32.31
CA PRO E 74 -6.70 -5.15 -31.50
C PRO E 74 -7.26 -6.48 -31.97
N VAL E 75 -6.53 -7.56 -31.68
CA VAL E 75 -7.01 -8.92 -31.91
C VAL E 75 -7.59 -9.44 -30.58
N PHE E 76 -7.76 -10.75 -30.44
CA PHE E 76 -8.18 -11.34 -29.16
C PHE E 76 -7.11 -12.34 -28.68
N PRO E 77 -7.19 -12.79 -27.40
CA PRO E 77 -6.14 -13.65 -26.86
C PRO E 77 -6.00 -14.99 -27.59
N GLY E 78 -4.76 -15.33 -27.93
CA GLY E 78 -4.44 -16.59 -28.62
C GLY E 78 -4.27 -16.48 -30.12
N VAL E 79 -4.46 -15.27 -30.66
CA VAL E 79 -4.33 -15.02 -32.10
C VAL E 79 -2.87 -14.86 -32.50
N LEU E 80 -2.51 -15.45 -33.64
CA LEU E 80 -1.17 -15.31 -34.22
C LEU E 80 -1.10 -14.10 -35.17
N VAL E 81 0.00 -13.36 -35.08
CA VAL E 81 0.27 -12.24 -35.98
C VAL E 81 1.71 -12.36 -36.48
N ALA E 82 1.88 -12.43 -37.81
CA ALA E 82 3.21 -12.35 -38.43
C ALA E 82 3.74 -10.95 -38.23
N ALA E 83 4.93 -10.83 -37.64
CA ALA E 83 5.46 -9.54 -37.21
C ALA E 83 6.98 -9.44 -37.38
N ARG E 84 7.45 -8.21 -37.56
CA ARG E 84 8.88 -7.89 -37.65
C ARG E 84 9.25 -6.84 -36.60
N PRO E 85 10.47 -6.93 -36.03
CA PRO E 85 10.87 -6.03 -34.95
C PRO E 85 11.30 -4.65 -35.46
N VAL E 86 11.04 -3.63 -34.65
CA VAL E 86 11.52 -2.26 -34.92
C VAL E 86 12.22 -1.61 -33.71
N GLY E 87 12.47 -2.39 -32.66
CA GLY E 87 12.99 -1.87 -31.40
C GLY E 87 12.69 -2.82 -30.25
N MET E 88 13.15 -2.46 -29.05
CA MET E 88 12.94 -3.28 -27.86
C MET E 88 12.88 -2.45 -26.58
N PHE E 89 11.98 -2.84 -25.68
CA PHE E 89 11.84 -2.25 -24.38
C PHE E 89 12.58 -3.09 -23.35
N ARG E 90 13.57 -2.49 -22.70
CA ARG E 90 14.35 -3.16 -21.66
C ARG E 90 13.89 -2.68 -20.30
N MET E 91 13.60 -3.62 -19.40
CA MET E 91 13.18 -3.29 -18.04
C MET E 91 13.74 -4.30 -17.03
N VAL E 92 13.84 -3.85 -15.78
CA VAL E 92 14.27 -4.70 -14.66
C VAL E 92 13.19 -4.63 -13.58
N ASP E 93 12.41 -5.71 -13.47
CA ASP E 93 11.42 -5.87 -12.40
C ASP E 93 11.98 -6.82 -11.34
N GLU E 94 11.15 -7.20 -10.36
CA GLU E 94 11.44 -8.39 -9.54
C GLU E 94 11.49 -9.57 -10.49
N HIS E 95 12.18 -10.64 -10.10
CA HIS E 95 12.37 -11.85 -10.97
C HIS E 95 13.49 -11.72 -12.01
N GLY E 96 14.36 -10.73 -11.86
CA GLY E 96 15.49 -10.52 -12.78
C GLY E 96 15.24 -9.37 -13.73
N GLY E 97 15.39 -9.62 -15.03
CA GLY E 97 15.16 -8.63 -16.07
C GLY E 97 14.24 -9.16 -17.15
N ASP E 98 13.39 -8.27 -17.68
CA ASP E 98 12.44 -8.64 -18.73
C ASP E 98 12.62 -7.72 -19.94
N ASP E 99 12.53 -8.30 -21.14
CA ASP E 99 12.68 -7.56 -22.38
C ASP E 99 11.49 -7.82 -23.29
N LYS E 100 11.02 -6.76 -23.94
CA LYS E 100 9.84 -6.79 -24.81
C LYS E 100 10.17 -6.20 -26.18
N VAL E 101 10.05 -7.03 -27.22
CA VAL E 101 10.36 -6.62 -28.58
C VAL E 101 9.15 -5.88 -29.16
N LEU E 102 9.36 -4.63 -29.56
CA LEU E 102 8.32 -3.86 -30.22
C LEU E 102 8.29 -4.19 -31.71
N CYS E 103 7.09 -4.51 -32.21
CA CYS E 103 6.91 -5.00 -33.58
C CYS E 103 5.81 -4.25 -34.34
N VAL E 104 5.79 -4.47 -35.65
CA VAL E 104 4.68 -4.10 -36.52
C VAL E 104 4.33 -5.33 -37.35
N PRO E 105 3.14 -5.35 -37.99
CA PRO E 105 2.80 -6.47 -38.87
C PRO E 105 3.76 -6.64 -40.04
N ALA E 106 4.13 -7.89 -40.31
CA ALA E 106 5.05 -8.23 -41.39
C ALA E 106 4.27 -8.35 -42.69
N GLY E 107 4.89 -7.87 -43.79
CA GLY E 107 4.28 -7.92 -45.11
C GLY E 107 3.10 -6.97 -45.32
N ASP E 108 2.99 -5.97 -44.46
CA ASP E 108 1.91 -4.99 -44.52
C ASP E 108 2.55 -3.64 -44.89
N PRO E 109 2.31 -3.15 -46.12
CA PRO E 109 2.93 -1.90 -46.57
C PRO E 109 2.43 -0.62 -45.88
N ARG E 110 1.34 -0.74 -45.11
CA ARG E 110 0.86 0.36 -44.26
C ARG E 110 1.79 0.66 -43.07
N TRP E 111 2.73 -0.26 -42.80
CA TRP E 111 3.74 -0.08 -41.74
C TRP E 111 5.18 0.01 -42.27
N ASP E 112 5.35 0.21 -43.59
CA ASP E 112 6.68 0.32 -44.21
C ASP E 112 7.46 1.54 -43.73
N HIS E 113 6.74 2.62 -43.46
CA HIS E 113 7.31 3.85 -42.87
C HIS E 113 7.90 3.68 -41.46
N VAL E 114 7.61 2.56 -40.80
CA VAL E 114 8.17 2.23 -39.48
C VAL E 114 9.25 1.15 -39.62
N GLN E 115 10.50 1.58 -39.70
CA GLN E 115 11.66 0.68 -39.85
C GLN E 115 12.54 0.55 -38.59
N ASP E 116 12.70 1.64 -37.85
CA ASP E 116 13.47 1.61 -36.59
C ASP E 116 12.73 2.38 -35.49
N ILE E 117 13.27 2.33 -34.27
CA ILE E 117 12.64 2.91 -33.09
C ILE E 117 12.36 4.42 -33.19
N GLY E 118 13.21 5.13 -33.92
CA GLY E 118 13.00 6.55 -34.24
C GLY E 118 11.71 6.85 -34.99
N ASP E 119 11.20 5.88 -35.73
CA ASP E 119 9.97 6.03 -36.51
C ASP E 119 8.67 5.94 -35.72
N VAL E 120 8.72 5.36 -34.52
CA VAL E 120 7.56 5.33 -33.62
C VAL E 120 7.47 6.67 -32.89
N PRO E 121 6.28 7.29 -32.82
CA PRO E 121 6.14 8.55 -32.08
C PRO E 121 6.57 8.42 -30.62
N ALA E 122 7.27 9.42 -30.10
CA ALA E 122 7.73 9.45 -28.71
C ALA E 122 6.57 9.35 -27.73
N PHE E 123 5.44 9.95 -28.10
CA PHE E 123 4.21 9.92 -27.31
C PHE E 123 3.72 8.49 -27.04
N GLU E 124 3.78 7.64 -28.06
CA GLU E 124 3.42 6.23 -27.92
C GLU E 124 4.46 5.44 -27.11
N LEU E 125 5.73 5.78 -27.30
CA LEU E 125 6.83 5.11 -26.59
C LEU E 125 6.86 5.45 -25.10
N ASP E 126 6.59 6.71 -24.76
CA ASP E 126 6.47 7.15 -23.36
C ASP E 126 5.29 6.47 -22.66
N ALA E 127 4.18 6.33 -23.39
CA ALA E 127 2.96 5.69 -22.86
C ALA E 127 3.17 4.22 -22.57
N ILE E 128 3.84 3.51 -23.50
CA ILE E 128 4.18 2.09 -23.30
C ILE E 128 5.11 1.93 -22.09
N LYS E 129 6.13 2.78 -22.01
CA LYS E 129 7.06 2.81 -20.89
C LYS E 129 6.34 3.05 -19.57
N HIS E 130 5.50 4.10 -19.56
CA HIS E 130 4.71 4.45 -18.39
C HIS E 130 3.83 3.31 -17.88
N PHE E 131 3.28 2.51 -18.79
CA PHE E 131 2.48 1.35 -18.40
C PHE E 131 3.32 0.36 -17.61
N PHE E 132 4.39 -0.13 -18.23
CA PHE E 132 5.21 -1.20 -17.66
C PHE E 132 6.00 -0.78 -16.41
N VAL E 133 6.24 0.51 -16.24
CA VAL E 133 6.81 1.05 -15.01
C VAL E 133 5.81 0.96 -13.85
N HIS E 134 4.55 1.34 -14.09
CA HIS E 134 3.57 1.56 -13.01
C HIS E 134 2.49 0.48 -12.80
N TYR E 135 2.30 -0.42 -13.76
CA TYR E 135 1.15 -1.35 -13.72
C TYR E 135 1.11 -2.32 -12.52
N LYS E 136 2.27 -2.62 -11.91
CA LYS E 136 2.35 -3.47 -10.71
C LYS E 136 2.64 -2.72 -9.41
N ASP E 137 2.48 -1.39 -9.42
CA ASP E 137 2.85 -0.57 -8.26
C ASP E 137 2.23 -1.04 -6.94
N LEU E 138 0.93 -1.38 -6.99
CA LEU E 138 0.18 -1.79 -5.80
C LEU E 138 0.28 -3.27 -5.42
N GLU E 139 0.92 -4.07 -6.26
CA GLU E 139 1.09 -5.50 -5.99
C GLU E 139 2.27 -5.71 -5.03
N PRO E 140 2.05 -6.45 -3.91
CA PRO E 140 3.15 -6.67 -2.96
C PRO E 140 4.24 -7.59 -3.50
N GLY E 141 5.50 -7.21 -3.28
CA GLY E 141 6.65 -7.97 -3.76
C GLY E 141 7.04 -7.71 -5.21
N LYS E 142 6.39 -6.73 -5.84
CA LYS E 142 6.65 -6.38 -7.25
C LYS E 142 7.11 -4.95 -7.38
N PHE E 143 7.96 -4.70 -8.38
CA PHE E 143 8.58 -3.40 -8.57
C PHE E 143 9.19 -3.28 -9.97
N VAL E 144 9.66 -2.08 -10.27
CA VAL E 144 10.50 -1.80 -11.45
C VAL E 144 11.67 -0.93 -10.97
N LYS E 145 12.82 -1.10 -11.62
CA LYS E 145 14.05 -0.37 -11.25
C LYS E 145 14.69 0.45 -12.38
N ALA E 146 14.48 0.04 -13.64
CA ALA E 146 15.03 0.75 -14.80
C ALA E 146 14.23 0.40 -16.05
N ALA E 147 14.14 1.36 -16.96
CA ALA E 147 13.35 1.21 -18.18
C ALA E 147 13.96 2.02 -19.32
N ASP E 148 14.25 1.34 -20.43
CA ASP E 148 14.94 1.93 -21.59
C ASP E 148 14.39 1.41 -22.91
N TRP E 149 14.50 2.24 -23.93
CA TRP E 149 14.21 1.85 -25.31
C TRP E 149 15.52 1.69 -26.07
N VAL E 150 15.62 0.60 -26.83
CA VAL E 150 16.77 0.33 -27.68
C VAL E 150 16.31 0.07 -29.12
N ASP E 151 17.27 0.10 -30.05
CA ASP E 151 16.96 0.09 -31.49
C ASP E 151 16.70 -1.30 -32.07
N ARG E 152 16.35 -1.32 -33.36
CA ARG E 152 16.06 -2.55 -34.12
C ARG E 152 17.19 -3.58 -34.06
N ALA E 153 18.41 -3.12 -34.33
CA ALA E 153 19.60 -3.99 -34.33
C ALA E 153 19.79 -4.72 -32.99
N GLU E 154 19.60 -3.98 -31.90
CA GLU E 154 19.65 -4.53 -30.54
C GLU E 154 18.55 -5.57 -30.31
N ALA E 155 17.35 -5.27 -30.81
CA ALA E 155 16.19 -6.16 -30.69
C ALA E 155 16.38 -7.44 -31.50
N GLU E 156 16.84 -7.31 -32.74
CA GLU E 156 17.11 -8.45 -33.62
C GLU E 156 18.16 -9.41 -33.04
N ALA E 157 19.19 -8.86 -32.39
CA ALA E 157 20.19 -9.66 -31.68
C ALA E 157 19.56 -10.51 -30.58
N GLU E 158 18.67 -9.90 -29.79
CA GLU E 158 17.99 -10.58 -28.68
C GLU E 158 16.97 -11.63 -29.14
N VAL E 159 16.31 -11.39 -30.27
CA VAL E 159 15.39 -12.37 -30.86
C VAL E 159 16.18 -13.59 -31.32
N GLN E 160 17.20 -13.36 -32.16
CA GLN E 160 18.07 -14.42 -32.67
C GLN E 160 18.71 -15.23 -31.54
N ARG E 161 19.16 -14.52 -30.50
CA ARG E 161 19.60 -15.14 -29.24
C ARG E 161 18.59 -16.15 -28.71
N SER E 162 17.35 -15.68 -28.57
CA SER E 162 16.26 -16.46 -27.98
C SER E 162 15.82 -17.62 -28.88
N VAL E 163 15.96 -17.46 -30.19
CA VAL E 163 15.73 -18.55 -31.14
C VAL E 163 16.73 -19.68 -30.93
N GLU E 164 18.02 -19.32 -30.81
CA GLU E 164 19.10 -20.30 -30.61
C GLU E 164 18.89 -21.13 -29.34
N ARG E 165 18.54 -20.45 -28.25
CA ARG E 165 18.29 -21.11 -26.96
C ARG E 165 17.04 -22.01 -26.96
N PHE E 166 16.08 -21.70 -27.81
CA PHE E 166 14.90 -22.57 -28.01
C PHE E 166 15.29 -23.85 -28.75
N LYS E 167 16.15 -23.72 -29.77
CA LYS E 167 16.68 -24.86 -30.51
C LYS E 167 17.61 -25.74 -29.65
N ALA E 168 18.43 -25.11 -28.82
CA ALA E 168 19.29 -25.82 -27.87
C ALA E 168 18.52 -26.25 -26.63
N ALA F 9 7.06 29.95 49.61
CA ALA F 9 7.60 29.06 50.70
C ALA F 9 9.11 29.08 51.06
N MET F 10 10.08 29.27 50.15
CA MET F 10 9.91 29.66 48.73
C MET F 10 9.98 28.47 47.78
N GLN F 11 9.14 28.51 46.75
CA GLN F 11 9.18 27.55 45.66
C GLN F 11 8.80 28.18 44.32
N PHE F 12 9.09 27.47 43.24
CA PHE F 12 8.89 27.94 41.88
C PHE F 12 8.88 26.77 40.91
N ASP F 13 8.53 27.04 39.65
CA ASP F 13 8.56 26.05 38.57
C ASP F 13 9.87 26.14 37.80
N VAL F 14 10.53 25.00 37.64
CA VAL F 14 11.74 24.88 36.81
C VAL F 14 11.39 24.11 35.54
N THR F 15 11.76 24.68 34.39
CA THR F 15 11.69 24.00 33.10
C THR F 15 13.05 23.37 32.81
N ILE F 16 13.11 22.04 32.79
CA ILE F 16 14.35 21.32 32.51
C ILE F 16 14.64 21.35 31.02
N GLU F 17 15.86 21.76 30.68
CA GLU F 17 16.35 21.76 29.31
C GLU F 17 17.17 20.50 29.01
N ILE F 18 18.01 20.10 29.96
CA ILE F 18 18.96 19.00 29.77
C ILE F 18 18.84 17.98 30.91
N PRO F 19 18.40 16.75 30.58
CA PRO F 19 18.45 15.67 31.58
C PRO F 19 19.87 15.27 31.95
N LYS F 20 20.01 14.75 33.17
CA LYS F 20 21.28 14.23 33.66
C LYS F 20 21.77 13.09 32.76
N GLY F 21 23.03 13.18 32.35
CA GLY F 21 23.65 12.17 31.47
C GLY F 21 23.84 12.59 30.03
N GLN F 22 23.36 13.79 29.68
CA GLN F 22 23.39 14.27 28.28
C GLN F 22 24.70 14.94 27.90
N ARG F 23 25.26 14.55 26.75
CA ARG F 23 26.29 15.32 26.06
C ARG F 23 25.68 16.27 25.02
N ASN F 24 24.40 16.09 24.67
CA ASN F 24 23.66 17.08 23.89
C ASN F 24 23.21 18.24 24.77
N LYS F 25 23.70 19.44 24.44
CA LYS F 25 23.36 20.67 25.13
C LYS F 25 22.09 21.23 24.48
N TYR F 26 20.95 20.98 25.12
CA TYR F 26 19.67 21.54 24.70
C TYR F 26 19.43 22.91 25.31
N GLU F 27 18.48 23.62 24.73
CA GLU F 27 18.26 25.04 24.99
C GLU F 27 16.84 25.40 24.61
N VAL F 28 16.08 26.00 25.52
CA VAL F 28 14.75 26.54 25.19
C VAL F 28 14.93 27.93 24.59
N ASP F 29 14.26 28.17 23.46
CA ASP F 29 14.09 29.51 22.92
C ASP F 29 12.97 30.17 23.72
N HIS F 30 13.32 31.22 24.46
CA HIS F 30 12.40 31.84 25.43
C HIS F 30 11.33 32.73 24.79
N GLU F 31 11.55 33.11 23.53
CA GLU F 31 10.57 33.85 22.74
C GLU F 31 9.41 32.96 22.28
N THR F 32 9.74 31.74 21.86
CA THR F 32 8.75 30.78 21.30
C THR F 32 8.34 29.66 22.25
N GLY F 33 9.29 29.15 23.03
CA GLY F 33 9.08 28.00 23.92
C GLY F 33 9.58 26.67 23.34
N ARG F 34 10.06 26.70 22.10
CA ARG F 34 10.58 25.51 21.43
C ARG F 34 11.92 25.08 22.02
N VAL F 35 12.17 23.77 22.00
CA VAL F 35 13.44 23.21 22.44
C VAL F 35 14.39 23.19 21.23
N ARG F 36 15.67 23.47 21.49
CA ARG F 36 16.69 23.56 20.44
C ARG F 36 17.98 22.89 20.89
N LEU F 37 18.60 22.13 20.00
CA LEU F 37 19.96 21.65 20.21
C LEU F 37 20.92 22.79 19.95
N ASP F 38 21.51 23.33 21.00
CA ASP F 38 22.56 24.33 20.86
C ASP F 38 23.78 23.67 20.20
N ARG F 39 24.30 22.61 20.83
CA ARG F 39 25.49 21.93 20.34
C ARG F 39 25.79 20.62 21.08
N TYR F 40 26.45 19.71 20.39
CA TYR F 40 27.10 18.56 21.01
C TYR F 40 28.37 19.07 21.69
N LEU F 41 28.55 18.75 22.97
CA LEU F 41 29.70 19.25 23.73
C LEU F 41 31.01 18.70 23.16
N TYR F 42 32.05 19.54 23.21
CA TYR F 42 33.35 19.21 22.64
C TYR F 42 34.20 18.36 23.58
N THR F 43 33.82 18.32 24.85
CA THR F 43 34.49 17.50 25.87
C THR F 43 33.70 16.22 26.14
N PRO F 44 34.38 15.16 26.63
CA PRO F 44 33.71 13.89 26.93
C PRO F 44 33.09 13.93 28.32
N MET F 45 32.09 14.80 28.44
CA MET F 45 31.45 15.09 29.71
C MET F 45 29.94 15.06 29.52
N ALA F 46 29.25 14.92 30.64
CA ALA F 46 27.80 14.81 30.66
C ALA F 46 27.26 15.58 31.86
N TYR F 47 26.08 16.18 31.68
CA TYR F 47 25.46 16.99 32.72
C TYR F 47 25.18 16.12 33.96
N PRO F 48 25.78 16.48 35.11
CA PRO F 48 25.68 15.65 36.32
C PRO F 48 24.37 15.77 37.08
N THR F 49 23.55 16.76 36.76
CA THR F 49 22.18 16.86 37.24
C THR F 49 21.28 17.32 36.10
N ASP F 50 19.98 17.28 36.34
CA ASP F 50 19.01 17.89 35.43
C ASP F 50 19.17 19.40 35.47
N TYR F 51 19.36 19.99 34.29
CA TYR F 51 19.72 21.40 34.14
C TYR F 51 18.64 22.14 33.36
N GLY F 52 18.30 23.35 33.82
CA GLY F 52 17.26 24.14 33.19
C GLY F 52 17.23 25.58 33.67
N PHE F 53 16.04 26.15 33.77
CA PHE F 53 15.84 27.53 34.22
C PHE F 53 14.54 27.70 34.99
N ILE F 54 14.48 28.75 35.79
CA ILE F 54 13.32 29.04 36.63
C ILE F 54 12.31 29.86 35.82
N GLU F 55 11.08 29.36 35.73
CA GLU F 55 9.99 30.06 35.04
C GLU F 55 9.65 31.39 35.72
N ASP F 56 9.35 32.40 34.89
CA ASP F 56 9.01 33.76 35.34
C ASP F 56 10.14 34.40 36.16
N THR F 57 11.34 34.38 35.58
CA THR F 57 12.50 35.07 36.13
C THR F 57 13.21 35.79 35.00
N LEU F 58 13.94 36.84 35.34
CA LEU F 58 14.72 37.60 34.38
C LEU F 58 16.06 37.97 34.99
N GLY F 59 17.13 37.43 34.40
CA GLY F 59 18.49 37.76 34.82
C GLY F 59 18.89 39.13 34.33
N ASP F 60 20.02 39.61 34.83
CA ASP F 60 20.58 40.90 34.40
C ASP F 60 20.99 40.88 32.92
N ASP F 61 21.19 39.68 32.36
CA ASP F 61 21.59 39.49 30.96
C ASP F 61 20.43 39.31 29.96
N GLY F 62 19.19 39.30 30.45
CA GLY F 62 18.01 39.13 29.58
C GLY F 62 17.42 37.73 29.50
N ASP F 63 18.20 36.73 29.89
CA ASP F 63 17.72 35.34 29.98
C ASP F 63 17.19 35.05 31.39
N PRO F 64 16.25 34.09 31.53
CA PRO F 64 15.82 33.67 32.88
C PRO F 64 16.93 32.99 33.70
N LEU F 65 16.71 32.92 35.00
CA LEU F 65 17.72 32.42 35.93
C LEU F 65 17.87 30.90 35.85
N ASP F 66 19.10 30.43 35.68
CA ASP F 66 19.41 29.00 35.54
C ASP F 66 19.12 28.23 36.83
N ALA F 67 18.82 26.94 36.67
CA ALA F 67 18.52 26.05 37.79
C ALA F 67 19.08 24.65 37.57
N LEU F 68 19.56 24.06 38.66
CA LEU F 68 19.96 22.66 38.73
C LEU F 68 18.98 21.96 39.66
N VAL F 69 18.49 20.79 39.26
CA VAL F 69 17.49 20.06 40.05
C VAL F 69 17.96 18.63 40.30
N LEU F 70 18.10 18.29 41.58
CA LEU F 70 18.45 16.94 42.01
C LEU F 70 17.20 16.08 41.99
N LEU F 71 17.25 14.96 41.27
CA LEU F 71 16.10 14.07 41.09
C LEU F 71 16.51 12.61 41.32
N PRO F 72 15.53 11.75 41.68
CA PRO F 72 15.81 10.31 41.72
C PRO F 72 15.97 9.72 40.32
N GLN F 73 15.19 10.24 39.36
CA GLN F 73 15.25 9.83 37.96
C GLN F 73 15.12 11.08 37.08
N PRO F 74 15.94 11.17 36.00
CA PRO F 74 15.83 12.35 35.12
C PRO F 74 14.48 12.45 34.40
N VAL F 75 14.11 13.67 34.05
CA VAL F 75 12.96 13.93 33.19
C VAL F 75 13.46 14.07 31.74
N PHE F 76 12.64 14.62 30.85
CA PHE F 76 12.94 14.89 29.43
CA PHE F 76 13.09 14.89 29.48
C PHE F 76 13.07 16.41 29.22
N PRO F 77 13.64 16.84 28.07
CA PRO F 77 13.65 18.29 27.81
C PRO F 77 12.26 18.90 27.69
N GLY F 78 12.05 20.03 28.36
CA GLY F 78 10.78 20.77 28.33
C GLY F 78 9.82 20.50 29.47
N VAL F 79 10.19 19.59 30.37
CA VAL F 79 9.31 19.19 31.49
C VAL F 79 9.38 20.20 32.62
N LEU F 80 8.22 20.49 33.20
CA LEU F 80 8.10 21.37 34.36
C LEU F 80 8.25 20.58 35.67
N VAL F 81 9.01 21.13 36.61
CA VAL F 81 9.14 20.56 37.96
C VAL F 81 9.02 21.67 38.99
N ALA F 82 8.05 21.52 39.90
CA ALA F 82 7.91 22.42 41.05
C ALA F 82 9.07 22.16 42.01
N ALA F 83 9.91 23.18 42.21
CA ALA F 83 11.16 23.03 42.96
C ALA F 83 11.34 24.09 44.04
N ARG F 84 12.31 23.86 44.92
CA ARG F 84 12.70 24.83 45.94
C ARG F 84 14.22 24.88 46.05
N PRO F 85 14.79 26.07 46.34
CA PRO F 85 16.24 26.23 46.33
C PRO F 85 16.89 25.76 47.63
N VAL F 86 18.07 25.18 47.52
CA VAL F 86 18.92 24.81 48.68
C VAL F 86 20.34 25.39 48.63
N GLY F 87 20.65 26.14 47.57
CA GLY F 87 21.98 26.68 47.34
C GLY F 87 22.07 27.29 45.96
N MET F 88 23.26 27.80 45.61
CA MET F 88 23.49 28.38 44.30
C MET F 88 24.95 28.23 43.89
N PHE F 89 25.15 27.82 42.64
CA PHE F 89 26.47 27.72 42.04
C PHE F 89 26.73 28.98 41.22
N ARG F 90 27.69 29.78 41.68
CA ARG F 90 28.13 30.96 40.96
C ARG F 90 29.35 30.62 40.12
N MET F 91 29.44 31.25 38.95
CA MET F 91 30.59 31.06 38.07
C MET F 91 30.75 32.29 37.16
N VAL F 92 31.89 32.33 36.48
CA VAL F 92 32.21 33.42 35.54
C VAL F 92 32.73 32.79 34.25
N ASP F 93 31.98 32.98 33.16
CA ASP F 93 32.37 32.48 31.83
C ASP F 93 32.71 33.65 30.89
N GLU F 94 32.81 33.37 29.59
CA GLU F 94 33.13 34.40 28.58
C GLU F 94 32.11 35.53 28.42
N HIS F 95 30.96 35.43 29.07
CA HIS F 95 30.00 36.54 29.21
C HIS F 95 29.85 37.04 30.64
N GLY F 96 30.94 37.00 31.40
CA GLY F 96 30.96 37.47 32.79
C GLY F 96 30.15 36.56 33.70
N GLY F 97 29.39 37.17 34.61
CA GLY F 97 28.63 36.47 35.63
C GLY F 97 27.59 35.50 35.09
N ASP F 98 27.37 34.43 35.85
CA ASP F 98 26.43 33.37 35.47
C ASP F 98 26.18 32.55 36.73
N ASP F 99 24.93 32.56 37.21
CA ASP F 99 24.56 31.89 38.46
C ASP F 99 23.50 30.83 38.20
N LYS F 100 23.63 29.69 38.89
CA LYS F 100 22.74 28.54 38.75
C LYS F 100 22.23 28.11 40.11
N VAL F 101 20.92 28.21 40.32
CA VAL F 101 20.29 27.85 41.59
C VAL F 101 20.15 26.32 41.70
N LEU F 102 20.71 25.74 42.75
CA LEU F 102 20.56 24.30 43.03
C LEU F 102 19.25 24.07 43.75
N CYS F 103 18.47 23.08 43.27
CA CYS F 103 17.12 22.85 43.76
C CYS F 103 16.80 21.37 44.02
N VAL F 104 15.67 21.17 44.70
CA VAL F 104 15.08 19.84 44.94
C VAL F 104 13.56 19.93 44.71
N PRO F 105 12.88 18.79 44.51
CA PRO F 105 11.42 18.79 44.36
C PRO F 105 10.67 19.39 45.56
N ALA F 106 9.75 20.30 45.27
CA ALA F 106 8.93 20.95 46.29
C ALA F 106 7.74 20.06 46.64
N GLY F 107 7.41 19.99 47.93
CA GLY F 107 6.29 19.19 48.42
C GLY F 107 6.53 17.68 48.44
N ASP F 108 7.82 17.29 48.40
CA ASP F 108 8.22 15.89 48.37
C ASP F 108 8.96 15.58 49.69
N PRO F 109 8.38 14.74 50.56
CA PRO F 109 9.02 14.45 51.86
C PRO F 109 10.35 13.69 51.79
N ARG F 110 10.61 13.02 50.66
CA ARG F 110 11.88 12.32 50.43
C ARG F 110 13.10 13.25 50.29
N TRP F 111 12.84 14.55 50.14
CA TRP F 111 13.90 15.58 50.08
C TRP F 111 13.94 16.56 51.27
N ASP F 112 13.07 16.35 52.27
CA ASP F 112 13.01 17.22 53.46
C ASP F 112 14.31 17.29 54.26
N HIS F 113 15.13 16.23 54.17
CA HIS F 113 16.47 16.22 54.75
C HIS F 113 17.51 17.13 54.05
N VAL F 114 17.12 17.72 52.91
CA VAL F 114 17.97 18.66 52.17
C VAL F 114 17.35 20.07 52.23
N GLN F 115 17.86 20.86 53.18
CA GLN F 115 17.38 22.23 53.43
C GLN F 115 18.36 23.34 53.02
N ASP F 116 19.66 23.08 53.10
CA ASP F 116 20.71 24.05 52.75
C ASP F 116 21.88 23.31 52.09
N ILE F 117 22.84 24.09 51.56
CA ILE F 117 23.96 23.54 50.77
C ILE F 117 24.79 22.46 51.48
N GLY F 118 24.95 22.59 52.80
CA GLY F 118 25.67 21.59 53.60
C GLY F 118 25.05 20.20 53.62
N ASP F 119 23.74 20.13 53.40
CA ASP F 119 23.00 18.86 53.34
C ASP F 119 23.28 18.01 52.11
N VAL F 120 23.83 18.65 51.06
CA VAL F 120 24.22 17.96 49.83
C VAL F 120 25.67 17.48 50.01
N PRO F 121 25.94 16.19 49.74
CA PRO F 121 27.32 15.71 49.92
C PRO F 121 28.32 16.42 49.00
N ALA F 122 29.52 16.65 49.53
CA ALA F 122 30.57 17.38 48.82
C ALA F 122 31.01 16.71 47.52
N PHE F 123 30.90 15.38 47.46
CA PHE F 123 31.21 14.61 46.25
C PHE F 123 30.34 15.01 45.06
N GLU F 124 29.05 15.26 45.33
CA GLU F 124 28.10 15.68 44.30
C GLU F 124 28.32 17.14 43.89
N LEU F 125 28.57 18.02 44.87
CA LEU F 125 28.86 19.43 44.60
C LEU F 125 30.17 19.65 43.85
N ASP F 126 31.19 18.89 44.22
CA ASP F 126 32.48 18.92 43.52
C ASP F 126 32.35 18.44 42.08
N ALA F 127 31.58 17.38 41.87
CA ALA F 127 31.28 16.86 40.54
C ALA F 127 30.56 17.89 39.66
N ILE F 128 29.54 18.55 40.22
CA ILE F 128 28.82 19.63 39.52
C ILE F 128 29.76 20.75 39.12
N LYS F 129 30.56 21.22 40.08
CA LYS F 129 31.57 22.24 39.85
C LYS F 129 32.59 21.84 38.79
N HIS F 130 33.09 20.60 38.89
CA HIS F 130 34.06 20.08 37.90
C HIS F 130 33.48 20.05 36.48
N PHE F 131 32.19 19.74 36.36
CA PHE F 131 31.54 19.76 35.05
C PHE F 131 31.61 21.14 34.44
N PHE F 132 31.10 22.13 35.17
CA PHE F 132 31.02 23.49 34.67
C PHE F 132 32.38 24.16 34.46
N VAL F 133 33.37 23.78 35.25
CA VAL F 133 34.75 24.28 35.05
C VAL F 133 35.38 23.77 33.74
N HIS F 134 35.10 22.52 33.38
CA HIS F 134 35.82 21.83 32.29
C HIS F 134 35.05 21.54 31.00
N TYR F 135 33.73 21.68 31.00
CA TYR F 135 32.92 21.30 29.82
C TYR F 135 33.17 22.13 28.55
N LYS F 136 33.70 23.35 28.70
CA LYS F 136 34.09 24.20 27.57
C LYS F 136 35.61 24.35 27.37
N ASP F 137 36.39 23.45 27.98
CA ASP F 137 37.85 23.45 27.80
C ASP F 137 38.20 23.43 26.32
N LEU F 138 37.69 22.41 25.62
CA LEU F 138 38.00 22.20 24.20
C LEU F 138 37.26 23.09 23.20
N GLU F 139 36.28 23.87 23.69
CA GLU F 139 35.62 24.86 22.85
C GLU F 139 36.52 26.07 22.63
N PRO F 140 36.59 26.58 21.38
CA PRO F 140 37.49 27.66 21.02
C PRO F 140 37.00 29.02 21.55
N GLY F 141 37.90 29.73 22.22
CA GLY F 141 37.60 31.04 22.78
C GLY F 141 36.50 31.05 23.84
N LYS F 142 36.38 29.94 24.56
CA LYS F 142 35.41 29.81 25.64
C LYS F 142 36.15 29.27 26.86
N PHE F 143 35.74 29.74 28.03
CA PHE F 143 36.44 29.47 29.27
C PHE F 143 35.50 29.57 30.46
N VAL F 144 35.95 29.03 31.59
CA VAL F 144 35.24 29.14 32.85
C VAL F 144 36.24 29.41 33.96
N LYS F 145 35.86 30.34 34.85
CA LYS F 145 36.67 30.69 36.02
C LYS F 145 35.74 31.13 37.16
N ALA F 146 36.32 31.25 38.35
CA ALA F 146 35.62 31.74 39.56
C ALA F 146 34.40 30.92 39.98
N ALA F 147 34.56 29.61 40.01
CA ALA F 147 33.49 28.69 40.44
C ALA F 147 33.49 28.54 41.96
N ASP F 148 32.33 28.79 42.58
CA ASP F 148 32.15 28.56 44.02
C ASP F 148 30.66 28.45 44.39
N TRP F 149 30.41 27.81 45.53
CA TRP F 149 29.06 27.57 46.03
C TRP F 149 28.66 28.57 47.11
N VAL F 150 27.37 28.88 47.16
CA VAL F 150 26.79 29.71 48.23
C VAL F 150 25.54 29.05 48.80
N ASP F 151 25.10 29.55 49.95
CA ASP F 151 24.01 28.94 50.71
C ASP F 151 22.61 29.34 50.22
N ARG F 152 21.58 28.75 50.83
CA ARG F 152 20.18 28.98 50.46
C ARG F 152 19.79 30.45 50.47
N ALA F 153 20.12 31.14 51.55
CA ALA F 153 19.81 32.57 51.73
C ALA F 153 20.26 33.43 50.54
N GLU F 154 21.48 33.20 50.08
CA GLU F 154 22.01 33.91 48.91
C GLU F 154 21.34 33.49 47.59
N ALA F 155 20.95 32.22 47.50
CA ALA F 155 20.18 31.71 46.36
C ALA F 155 18.80 32.35 46.28
N GLU F 156 18.07 32.31 47.39
CA GLU F 156 16.72 32.90 47.50
C GLU F 156 16.68 34.40 47.20
N ALA F 157 17.74 35.11 47.59
CA ALA F 157 17.86 36.54 47.34
C ALA F 157 17.97 36.81 45.83
N GLU F 158 18.84 36.07 45.16
CA GLU F 158 19.01 36.15 43.71
C GLU F 158 17.77 35.75 42.91
N VAL F 159 17.03 34.74 43.40
CA VAL F 159 15.75 34.35 42.80
C VAL F 159 14.78 35.52 42.86
N GLN F 160 14.64 36.10 44.05
CA GLN F 160 13.81 37.29 44.27
C GLN F 160 14.28 38.49 43.46
N ARG F 161 15.60 38.64 43.32
CA ARG F 161 16.21 39.67 42.47
C ARG F 161 15.77 39.49 41.02
N SER F 162 15.79 38.25 40.54
CA SER F 162 15.37 37.90 39.18
C SER F 162 13.86 37.92 38.97
N VAL F 163 13.10 37.54 39.99
CA VAL F 163 11.62 37.54 39.95
C VAL F 163 11.03 38.94 39.70
N GLU F 164 11.70 39.96 40.22
CA GLU F 164 11.22 41.34 40.18
C GLU F 164 11.64 42.07 38.91
N ARG F 165 12.87 41.82 38.46
CA ARG F 165 13.35 42.28 37.15
C ARG F 165 12.45 41.78 36.02
N PHE F 166 11.96 40.55 36.17
CA PHE F 166 10.97 39.95 35.26
C PHE F 166 9.63 40.70 35.26
N LYS F 167 9.18 41.10 36.44
CA LYS F 167 7.89 41.79 36.60
C LYS F 167 7.83 43.26 36.14
N ALA F 168 8.82 43.69 35.34
CA ALA F 168 8.85 45.04 34.77
C ALA F 168 8.21 45.10 33.38
N ALA G 9 -6.58 -24.06 2.17
CA ALA G 9 -7.95 -23.94 1.57
C ALA G 9 -8.02 -24.64 0.21
N MET G 10 -9.18 -25.20 -0.10
CA MET G 10 -9.40 -25.88 -1.38
C MET G 10 -9.41 -24.86 -2.52
N GLN G 11 -8.84 -25.24 -3.65
CA GLN G 11 -8.95 -24.49 -4.89
C GLN G 11 -8.83 -25.41 -6.10
N PHE G 12 -9.17 -24.87 -7.27
CA PHE G 12 -9.20 -25.64 -8.51
C PHE G 12 -9.28 -24.72 -9.72
N ASP G 13 -9.17 -25.31 -10.91
CA ASP G 13 -9.27 -24.59 -12.18
C ASP G 13 -10.66 -24.67 -12.79
N VAL G 14 -11.25 -23.50 -13.04
CA VAL G 14 -12.51 -23.37 -13.74
C VAL G 14 -12.24 -22.93 -15.18
N THR G 15 -12.88 -23.60 -16.13
CA THR G 15 -12.91 -23.18 -17.53
C THR G 15 -14.21 -22.45 -17.78
N ILE G 16 -14.12 -21.17 -18.12
CA ILE G 16 -15.29 -20.34 -18.42
C ILE G 16 -15.77 -20.66 -19.84
N GLU G 17 -17.06 -20.96 -19.96
CA GLU G 17 -17.74 -21.18 -21.24
C GLU G 17 -18.46 -19.92 -21.72
N ILE G 18 -19.18 -19.27 -20.79
CA ILE G 18 -20.03 -18.13 -21.11
C ILE G 18 -19.67 -16.95 -20.20
N PRO G 19 -19.17 -15.84 -20.78
CA PRO G 19 -18.98 -14.64 -19.98
C PRO G 19 -20.28 -14.01 -19.50
N LYS G 20 -20.18 -13.23 -18.43
CA LYS G 20 -21.29 -12.43 -17.91
C LYS G 20 -21.80 -11.48 -19.00
N GLY G 21 -23.13 -11.41 -19.13
CA GLY G 21 -23.78 -10.54 -20.11
C GLY G 21 -24.13 -11.19 -21.43
N GLN G 22 -23.96 -12.51 -21.52
CA GLN G 22 -24.17 -13.25 -22.79
C GLN G 22 -25.55 -13.88 -22.91
N ARG G 23 -26.15 -13.71 -24.08
CA ARG G 23 -27.34 -14.48 -24.48
C ARG G 23 -26.98 -15.68 -25.37
N ASN G 24 -25.74 -15.74 -25.86
CA ASN G 24 -25.24 -16.92 -26.58
C ASN G 24 -24.82 -18.00 -25.59
N LYS G 25 -25.47 -19.16 -25.66
CA LYS G 25 -25.14 -20.29 -24.80
C LYS G 25 -24.02 -21.12 -25.43
N TYR G 26 -22.78 -20.77 -25.09
CA TYR G 26 -21.60 -21.55 -25.49
C TYR G 26 -21.39 -22.74 -24.57
N GLU G 27 -20.92 -23.85 -25.15
CA GLU G 27 -20.48 -25.01 -24.39
C GLU G 27 -19.18 -25.58 -24.97
N VAL G 28 -18.26 -25.94 -24.08
CA VAL G 28 -17.02 -26.61 -24.47
C VAL G 28 -17.30 -28.09 -24.61
N ASP G 29 -17.08 -28.62 -25.81
CA ASP G 29 -17.17 -30.06 -26.07
C ASP G 29 -15.98 -30.74 -25.39
N HIS G 30 -16.27 -31.77 -24.59
CA HIS G 30 -15.26 -32.38 -23.71
C HIS G 30 -14.40 -33.45 -24.36
N GLU G 31 -14.92 -34.06 -25.42
CA GLU G 31 -14.14 -35.00 -26.24
C GLU G 31 -12.99 -34.28 -26.95
N THR G 32 -13.30 -33.12 -27.53
CA THR G 32 -12.38 -32.35 -28.37
C THR G 32 -11.69 -31.18 -27.64
N GLY G 33 -12.48 -30.41 -26.90
CA GLY G 33 -12.03 -29.16 -26.28
C GLY G 33 -12.43 -27.91 -27.07
N ARG G 34 -13.23 -28.11 -28.12
CA ARG G 34 -13.69 -27.02 -28.99
C ARG G 34 -14.91 -26.33 -28.39
N VAL G 35 -14.91 -25.00 -28.46
CA VAL G 35 -16.05 -24.19 -28.02
C VAL G 35 -17.13 -24.24 -29.09
N ARG G 36 -18.35 -24.55 -28.68
CA ARG G 36 -19.51 -24.64 -29.57
C ARG G 36 -20.60 -23.69 -29.11
N LEU G 37 -21.33 -23.10 -30.06
CA LEU G 37 -22.60 -22.43 -29.76
C LEU G 37 -23.69 -23.47 -29.70
N ASP G 38 -24.19 -23.76 -28.50
CA ASP G 38 -25.29 -24.69 -28.30
C ASP G 38 -26.57 -24.07 -28.86
N ARG G 39 -26.89 -22.89 -28.37
CA ARG G 39 -28.07 -22.14 -28.82
C ARG G 39 -28.02 -20.69 -28.36
N TYR G 40 -28.68 -19.82 -29.12
CA TYR G 40 -29.03 -18.47 -28.70
C TYR G 40 -30.27 -18.61 -27.81
N LEU G 41 -30.22 -18.05 -26.61
CA LEU G 41 -31.33 -18.21 -25.65
C LEU G 41 -32.64 -17.65 -26.20
N TYR G 42 -33.74 -18.31 -25.87
CA TYR G 42 -35.07 -17.93 -26.34
C TYR G 42 -35.69 -16.86 -25.46
N THR G 43 -35.10 -16.63 -24.29
CA THR G 43 -35.56 -15.60 -23.36
C THR G 43 -34.64 -14.37 -23.42
N PRO G 44 -35.16 -13.17 -23.08
CA PRO G 44 -34.40 -11.92 -23.08
C PRO G 44 -33.51 -11.78 -21.83
N MET G 45 -32.66 -12.78 -21.61
CA MET G 45 -31.88 -12.90 -20.40
C MET G 45 -30.42 -13.06 -20.77
N ALA G 46 -29.56 -12.75 -19.82
CA ALA G 46 -28.12 -12.85 -19.99
C ALA G 46 -27.50 -13.43 -18.74
N TYR G 47 -26.46 -14.24 -18.91
CA TYR G 47 -25.80 -14.91 -17.79
C TYR G 47 -25.31 -13.87 -16.77
N PRO G 48 -25.74 -14.00 -15.49
CA PRO G 48 -25.45 -12.99 -14.47
C PRO G 48 -24.01 -13.00 -13.96
N THR G 49 -23.31 -14.11 -14.15
CA THR G 49 -21.88 -14.22 -13.85
C THR G 49 -21.20 -15.01 -14.96
N ASP G 50 -19.87 -15.05 -14.92
CA ASP G 50 -19.10 -15.93 -15.81
C ASP G 50 -19.38 -17.38 -15.42
N TYR G 51 -19.70 -18.19 -16.43
CA TYR G 51 -20.24 -19.53 -16.24
C TYR G 51 -19.39 -20.56 -16.97
N GLY G 52 -19.20 -21.72 -16.35
CA GLY G 52 -18.41 -22.79 -16.96
C GLY G 52 -18.46 -24.13 -16.25
N PHE G 53 -17.28 -24.66 -15.93
CA PHE G 53 -17.14 -25.94 -15.24
C PHE G 53 -15.76 -26.08 -14.61
N ILE G 54 -15.66 -26.96 -13.62
CA ILE G 54 -14.40 -27.26 -12.95
C ILE G 54 -13.65 -28.33 -13.74
N GLU G 55 -12.38 -28.06 -14.05
CA GLU G 55 -11.54 -29.03 -14.76
C GLU G 55 -11.23 -30.25 -13.88
N ASP G 56 -11.09 -31.40 -14.53
CA ASP G 56 -10.79 -32.68 -13.86
C ASP G 56 -11.84 -33.08 -12.81
N THR G 57 -13.10 -32.84 -13.15
CA THR G 57 -14.23 -33.27 -12.35
C THR G 57 -15.22 -34.01 -13.22
N LEU G 58 -16.14 -34.68 -12.55
CA LEU G 58 -17.15 -35.49 -13.19
C LEU G 58 -18.29 -35.72 -12.21
N GLY G 59 -19.51 -35.38 -12.62
CA GLY G 59 -20.69 -35.54 -11.78
C GLY G 59 -21.40 -36.87 -12.01
N ASP G 60 -22.72 -36.87 -11.77
CA ASP G 60 -23.55 -38.06 -11.93
C ASP G 60 -23.71 -38.40 -13.41
N ASP G 61 -24.11 -37.40 -14.18
CA ASP G 61 -24.07 -37.45 -15.65
C ASP G 61 -22.61 -37.36 -16.12
N GLY G 62 -22.39 -37.63 -17.41
CA GLY G 62 -21.03 -37.65 -17.99
C GLY G 62 -20.42 -36.31 -18.33
N ASP G 63 -20.57 -35.33 -17.44
CA ASP G 63 -20.08 -33.96 -17.64
C ASP G 63 -19.42 -33.44 -16.37
N PRO G 64 -18.43 -32.52 -16.50
CA PRO G 64 -17.83 -31.88 -15.31
C PRO G 64 -18.82 -31.08 -14.46
N LEU G 65 -18.44 -30.84 -13.22
CA LEU G 65 -19.25 -30.07 -12.28
C LEU G 65 -19.29 -28.60 -12.72
N ASP G 66 -20.50 -28.06 -12.86
CA ASP G 66 -20.71 -26.68 -13.30
C ASP G 66 -20.21 -25.69 -12.25
N ALA G 67 -19.76 -24.53 -12.72
CA ALA G 67 -19.20 -23.50 -11.85
C ALA G 67 -19.59 -22.09 -12.31
N LEU G 68 -19.80 -21.22 -11.33
CA LEU G 68 -20.07 -19.80 -11.52
C LEU G 68 -18.94 -19.04 -10.82
N VAL G 69 -18.31 -18.12 -11.53
CA VAL G 69 -17.18 -17.37 -10.98
C VAL G 69 -17.51 -15.88 -10.94
N LEU G 70 -17.50 -15.31 -9.74
CA LEU G 70 -17.65 -13.86 -9.56
C LEU G 70 -16.35 -13.19 -9.96
N LEU G 71 -16.45 -12.11 -10.75
CA LEU G 71 -15.28 -11.41 -11.27
C LEU G 71 -15.53 -9.90 -11.36
N PRO G 72 -14.46 -9.09 -11.25
CA PRO G 72 -14.60 -7.65 -11.49
C PRO G 72 -14.70 -7.30 -12.99
N GLN G 73 -14.27 -8.21 -13.86
CA GLN G 73 -14.43 -8.08 -15.31
C GLN G 73 -14.56 -9.47 -15.93
N PRO G 74 -15.46 -9.65 -16.93
CA PRO G 74 -15.58 -10.96 -17.56
C PRO G 74 -14.37 -11.37 -18.39
N VAL G 75 -14.24 -12.67 -18.63
CA VAL G 75 -13.19 -13.22 -19.50
C VAL G 75 -13.85 -13.61 -20.84
N PHE G 76 -13.20 -14.46 -21.63
CA PHE G 76 -13.76 -14.99 -22.88
C PHE G 76 -14.06 -16.47 -22.75
N PRO G 77 -14.81 -17.05 -23.71
CA PRO G 77 -14.97 -18.52 -23.74
C PRO G 77 -13.65 -19.25 -23.92
N GLY G 78 -13.42 -20.26 -23.08
CA GLY G 78 -12.20 -21.08 -23.14
C GLY G 78 -11.10 -20.66 -22.18
N VAL G 79 -11.35 -19.64 -21.36
CA VAL G 79 -10.33 -19.11 -20.44
C VAL G 79 -10.39 -19.85 -19.11
N LEU G 80 -9.20 -20.17 -18.59
CA LEU G 80 -9.05 -20.80 -17.28
C LEU G 80 -8.98 -19.75 -16.19
N VAL G 81 -9.66 -20.01 -15.08
CA VAL G 81 -9.58 -19.17 -13.87
C VAL G 81 -9.43 -20.09 -12.66
N ALA G 82 -8.33 -19.90 -11.93
CA ALA G 82 -8.11 -20.59 -10.66
C ALA G 82 -9.07 -20.00 -9.63
N ALA G 83 -9.92 -20.85 -9.06
CA ALA G 83 -10.98 -20.38 -8.17
C ALA G 83 -11.13 -21.26 -6.94
N ARG G 84 -11.75 -20.69 -5.90
CA ARG G 84 -12.10 -21.40 -4.68
C ARG G 84 -13.60 -21.25 -4.40
N PRO G 85 -14.25 -22.34 -3.93
CA PRO G 85 -15.71 -22.33 -3.75
C PRO G 85 -16.14 -21.62 -2.46
N VAL G 86 -17.23 -20.87 -2.55
CA VAL G 86 -17.84 -20.20 -1.38
C VAL G 86 -19.29 -20.61 -1.13
N GLY G 87 -19.80 -21.52 -1.95
CA GLY G 87 -21.21 -21.90 -1.91
C GLY G 87 -21.60 -22.64 -3.16
N MET G 88 -22.87 -23.02 -3.27
CA MET G 88 -23.35 -23.81 -4.39
C MET G 88 -24.85 -23.65 -4.60
N PHE G 89 -25.24 -23.63 -5.88
CA PHE G 89 -26.63 -23.47 -6.30
C PHE G 89 -27.17 -24.82 -6.76
N ARG G 90 -28.16 -25.34 -6.04
CA ARG G 90 -28.84 -26.57 -6.41
C ARG G 90 -30.06 -26.22 -7.24
N MET G 91 -30.37 -27.06 -8.23
CA MET G 91 -31.59 -26.91 -9.04
C MET G 91 -32.00 -28.23 -9.67
N VAL G 92 -33.30 -28.37 -9.92
CA VAL G 92 -33.87 -29.54 -10.60
C VAL G 92 -34.47 -29.05 -11.92
N ASP G 93 -34.11 -29.72 -13.02
CA ASP G 93 -34.64 -29.40 -14.35
C ASP G 93 -35.10 -30.67 -15.09
N GLU G 94 -35.32 -30.57 -16.40
CA GLU G 94 -35.75 -31.70 -17.24
C GLU G 94 -34.87 -32.96 -17.18
N HIS G 95 -33.60 -32.80 -16.82
CA HIS G 95 -32.68 -33.92 -16.60
C HIS G 95 -32.31 -34.12 -15.11
N GLY G 96 -33.26 -33.81 -14.22
CA GLY G 96 -33.08 -33.99 -12.79
C GLY G 96 -32.17 -32.96 -12.16
N GLY G 97 -31.45 -33.37 -11.12
CA GLY G 97 -30.59 -32.48 -10.34
C GLY G 97 -29.42 -31.90 -11.12
N ASP G 98 -29.09 -30.64 -10.82
CA ASP G 98 -27.98 -29.93 -11.45
C ASP G 98 -27.35 -29.05 -10.37
N ASP G 99 -26.06 -29.23 -10.13
CA ASP G 99 -25.33 -28.46 -9.11
C ASP G 99 -24.37 -27.47 -9.78
N LYS G 100 -24.29 -26.28 -9.21
CA LYS G 100 -23.47 -25.19 -9.75
C LYS G 100 -22.69 -24.51 -8.64
N VAL G 101 -21.38 -24.74 -8.61
CA VAL G 101 -20.50 -24.23 -7.55
C VAL G 101 -20.24 -22.74 -7.78
N LEU G 102 -20.45 -21.94 -6.74
CA LEU G 102 -20.18 -20.51 -6.79
C LEU G 102 -18.78 -20.25 -6.25
N CYS G 103 -17.95 -19.59 -7.06
CA CYS G 103 -16.54 -19.38 -6.72
C CYS G 103 -16.10 -17.92 -6.85
N VAL G 104 -14.94 -17.64 -6.26
CA VAL G 104 -14.22 -16.38 -6.42
C VAL G 104 -12.79 -16.74 -6.84
N PRO G 105 -12.01 -15.77 -7.40
CA PRO G 105 -10.61 -16.07 -7.76
C PRO G 105 -9.73 -16.45 -6.56
N ALA G 106 -8.94 -17.51 -6.72
CA ALA G 106 -8.02 -17.98 -5.68
C ALA G 106 -6.74 -17.17 -5.67
N GLY G 107 -6.22 -16.93 -4.46
CA GLY G 107 -4.98 -16.16 -4.29
C GLY G 107 -5.11 -14.66 -4.55
N ASP G 108 -6.35 -14.17 -4.51
CA ASP G 108 -6.66 -12.77 -4.77
C ASP G 108 -7.24 -12.18 -3.48
N PRO G 109 -6.46 -11.35 -2.75
CA PRO G 109 -6.92 -10.72 -1.51
C PRO G 109 -8.20 -9.87 -1.64
N ARG G 110 -8.49 -9.38 -2.84
CA ARG G 110 -9.71 -8.64 -3.13
C ARG G 110 -10.99 -9.44 -2.87
N TRP G 111 -10.89 -10.77 -2.85
CA TRP G 111 -12.01 -11.66 -2.53
C TRP G 111 -11.88 -12.43 -1.19
N ASP G 112 -10.95 -12.02 -0.34
CA ASP G 112 -10.76 -12.63 0.99
C ASP G 112 -11.94 -12.40 1.94
N HIS G 113 -12.65 -11.28 1.75
CA HIS G 113 -13.87 -11.00 2.52
C HIS G 113 -15.04 -11.97 2.23
N VAL G 114 -14.95 -12.69 1.11
CA VAL G 114 -15.92 -13.72 0.75
C VAL G 114 -15.35 -15.11 1.09
N GLN G 115 -15.70 -15.61 2.27
CA GLN G 115 -15.35 -16.96 2.71
C GLN G 115 -16.52 -17.96 2.68
N ASP G 116 -17.76 -17.47 2.65
CA ASP G 116 -18.94 -18.34 2.63
C ASP G 116 -20.12 -17.67 1.92
N ILE G 117 -21.15 -18.46 1.62
CA ILE G 117 -22.35 -18.01 0.89
C ILE G 117 -23.01 -16.75 1.47
N GLY G 118 -22.99 -16.64 2.80
CA GLY G 118 -23.52 -15.46 3.50
C GLY G 118 -22.78 -14.15 3.25
N ASP G 119 -21.54 -14.23 2.77
CA ASP G 119 -20.74 -13.05 2.41
C ASP G 119 -21.06 -12.47 1.03
N VAL G 120 -21.78 -13.21 0.20
CA VAL G 120 -22.23 -12.73 -1.11
C VAL G 120 -23.60 -12.08 -0.90
N PRO G 121 -23.79 -10.83 -1.36
CA PRO G 121 -25.07 -10.15 -1.16
C PRO G 121 -26.26 -10.98 -1.63
N ALA G 122 -27.35 -10.93 -0.87
CA ALA G 122 -28.60 -11.62 -1.23
C ALA G 122 -29.03 -11.29 -2.67
N PHE G 123 -28.80 -10.04 -3.08
CA PHE G 123 -29.23 -9.57 -4.40
C PHE G 123 -28.50 -10.16 -5.60
N GLU G 124 -27.24 -10.54 -5.44
CA GLU G 124 -26.51 -11.27 -6.50
C GLU G 124 -26.97 -12.73 -6.57
N LEU G 125 -27.27 -13.32 -5.40
CA LEU G 125 -27.76 -14.70 -5.32
C LEU G 125 -29.17 -14.84 -5.87
N ASP G 126 -30.05 -13.88 -5.56
CA ASP G 126 -31.39 -13.83 -6.12
C ASP G 126 -31.39 -13.68 -7.64
N ALA G 127 -30.52 -12.80 -8.13
CA ALA G 127 -30.35 -12.58 -9.57
C ALA G 127 -29.86 -13.84 -10.29
N ILE G 128 -28.90 -14.54 -9.68
CA ILE G 128 -28.42 -15.83 -10.21
C ILE G 128 -29.56 -16.84 -10.25
N LYS G 129 -30.24 -17.03 -9.13
CA LYS G 129 -31.39 -17.92 -9.03
C LYS G 129 -32.40 -17.62 -10.13
N HIS G 130 -32.82 -16.35 -10.19
CA HIS G 130 -33.80 -15.89 -11.18
C HIS G 130 -33.44 -16.24 -12.62
N PHE G 131 -32.16 -16.13 -12.97
CA PHE G 131 -31.69 -16.50 -14.31
C PHE G 131 -32.00 -17.97 -14.60
N PHE G 132 -31.51 -18.84 -13.73
CA PHE G 132 -31.64 -20.28 -13.94
C PHE G 132 -33.08 -20.79 -13.83
N VAL G 133 -33.89 -20.15 -12.99
CA VAL G 133 -35.33 -20.46 -12.92
C VAL G 133 -36.05 -20.14 -14.23
N HIS G 134 -35.67 -19.03 -14.88
CA HIS G 134 -36.43 -18.48 -16.02
C HIS G 134 -35.84 -18.61 -17.43
N TYR G 135 -34.53 -18.87 -17.56
CA TYR G 135 -33.86 -18.78 -18.88
C TYR G 135 -34.34 -19.75 -19.96
N LYS G 136 -34.90 -20.90 -19.57
CA LYS G 136 -35.48 -21.88 -20.51
C LYS G 136 -37.01 -21.88 -20.58
N ASP G 137 -37.66 -20.88 -19.97
CA ASP G 137 -39.14 -20.83 -19.90
C ASP G 137 -39.84 -21.04 -21.25
N LEU G 138 -39.30 -20.45 -22.30
CA LEU G 138 -39.87 -20.55 -23.65
C LEU G 138 -39.32 -21.70 -24.50
N GLU G 139 -38.48 -22.57 -23.92
CA GLU G 139 -37.95 -23.73 -24.64
C GLU G 139 -38.85 -24.95 -24.46
N PRO G 140 -39.16 -25.66 -25.57
CA PRO G 140 -40.00 -26.88 -25.50
C PRO G 140 -39.43 -28.02 -24.66
N GLY G 141 -40.21 -28.46 -23.66
CA GLY G 141 -39.87 -29.62 -22.84
C GLY G 141 -38.75 -29.38 -21.83
N LYS G 142 -38.63 -28.14 -21.38
CA LYS G 142 -37.58 -27.74 -20.44
C LYS G 142 -38.18 -26.84 -19.37
N PHE G 143 -37.79 -27.11 -18.12
CA PHE G 143 -38.36 -26.43 -16.96
C PHE G 143 -37.32 -26.41 -15.85
N VAL G 144 -37.61 -25.65 -14.79
CA VAL G 144 -36.78 -25.63 -13.58
C VAL G 144 -37.71 -25.64 -12.38
N LYS G 145 -37.83 -26.81 -11.75
CA LYS G 145 -38.83 -27.07 -10.70
C LYS G 145 -38.45 -26.51 -9.34
N ALA G 146 -37.18 -26.71 -8.94
CA ALA G 146 -36.69 -26.28 -7.63
C ALA G 146 -35.36 -25.56 -7.78
N ALA G 147 -35.02 -24.76 -6.77
CA ALA G 147 -33.77 -24.00 -6.75
C ALA G 147 -33.51 -23.37 -5.38
N ASP G 148 -32.32 -23.59 -4.83
CA ASP G 148 -31.90 -22.96 -3.57
C ASP G 148 -30.39 -23.04 -3.37
N TRP G 149 -29.91 -22.29 -2.36
CA TRP G 149 -28.48 -22.13 -2.09
C TRP G 149 -28.02 -22.93 -0.87
N VAL G 150 -26.89 -23.62 -1.01
CA VAL G 150 -26.20 -24.28 0.10
C VAL G 150 -24.85 -23.60 0.36
N ASP G 151 -24.25 -23.92 1.51
CA ASP G 151 -23.02 -23.25 1.95
C ASP G 151 -21.73 -23.86 1.36
N ARG G 152 -20.61 -23.21 1.65
CA ARG G 152 -19.28 -23.65 1.20
C ARG G 152 -18.93 -25.08 1.60
N ALA G 153 -19.26 -25.46 2.84
CA ALA G 153 -19.04 -26.82 3.33
C ALA G 153 -19.69 -27.87 2.44
N GLU G 154 -20.97 -27.63 2.09
CA GLU G 154 -21.70 -28.49 1.15
C GLU G 154 -21.12 -28.44 -0.27
N ALA G 155 -20.61 -27.27 -0.66
CA ALA G 155 -19.99 -27.08 -1.98
C ALA G 155 -18.68 -27.87 -2.09
N GLU G 156 -17.78 -27.63 -1.15
CA GLU G 156 -16.52 -28.36 -1.05
C GLU G 156 -16.70 -29.88 -1.02
N ALA G 157 -17.73 -30.33 -0.31
CA ALA G 157 -18.10 -31.74 -0.26
C ALA G 157 -18.49 -32.27 -1.64
N GLU G 158 -19.28 -31.49 -2.38
CA GLU G 158 -19.69 -31.84 -3.74
C GLU G 158 -18.53 -31.84 -4.74
N VAL G 159 -17.59 -30.91 -4.56
CA VAL G 159 -16.36 -30.90 -5.38
C VAL G 159 -15.54 -32.14 -5.09
N GLN G 160 -15.35 -32.45 -3.81
CA GLN G 160 -14.61 -33.66 -3.40
C GLN G 160 -15.24 -34.94 -3.95
N ARG G 161 -16.57 -35.01 -3.95
CA ARG G 161 -17.29 -36.12 -4.57
C ARG G 161 -17.02 -36.23 -6.06
N SER G 162 -16.95 -35.07 -6.73
CA SER G 162 -16.78 -34.99 -8.18
C SER G 162 -15.35 -35.29 -8.66
N VAL G 163 -14.37 -34.88 -7.87
CA VAL G 163 -12.95 -35.21 -8.12
C VAL G 163 -12.73 -36.72 -8.00
N GLU G 164 -13.30 -37.31 -6.95
CA GLU G 164 -13.21 -38.75 -6.70
C GLU G 164 -13.81 -39.57 -7.85
N ARG G 165 -15.01 -39.18 -8.29
CA ARG G 165 -15.67 -39.78 -9.46
C ARG G 165 -14.81 -39.71 -10.72
N PHE G 166 -14.17 -38.57 -10.94
CA PHE G 166 -13.31 -38.34 -12.11
C PHE G 166 -12.12 -39.30 -12.14
N LYS G 167 -11.38 -39.34 -11.03
CA LYS G 167 -10.21 -40.22 -10.89
C LYS G 167 -10.51 -41.71 -11.02
N ALA G 168 -11.73 -42.12 -10.64
CA ALA G 168 -12.16 -43.52 -10.72
C ALA G 168 -12.21 -44.03 -12.17
N ALA H 9 -17.98 2.63 13.86
CA ALA H 9 -17.10 2.30 15.03
C ALA H 9 -16.44 3.55 15.61
N MET H 10 -16.35 3.61 16.93
CA MET H 10 -15.85 4.79 17.64
C MET H 10 -14.33 4.89 17.57
N GLN H 11 -13.84 6.12 17.41
CA GLN H 11 -12.40 6.40 17.55
C GLN H 11 -12.16 7.85 17.96
N PHE H 12 -10.96 8.09 18.47
CA PHE H 12 -10.59 9.38 19.05
C PHE H 12 -9.06 9.51 19.16
N ASP H 13 -8.61 10.72 19.45
CA ASP H 13 -7.19 11.00 19.69
C ASP H 13 -6.88 10.93 21.18
N VAL H 14 -5.88 10.13 21.52
CA VAL H 14 -5.36 10.01 22.89
C VAL H 14 -4.01 10.71 22.96
N THR H 15 -3.85 11.58 23.96
CA THR H 15 -2.55 12.16 24.29
C THR H 15 -1.92 11.32 25.39
N ILE H 16 -0.79 10.70 25.06
CA ILE H 16 -0.02 9.90 26.03
C ILE H 16 0.81 10.83 26.92
N GLU H 17 0.61 10.69 28.23
CA GLU H 17 1.34 11.43 29.26
C GLU H 17 2.53 10.63 29.78
N ILE H 18 2.32 9.33 30.00
CA ILE H 18 3.33 8.45 30.62
C ILE H 18 3.55 7.23 29.72
N PRO H 19 4.78 7.09 29.16
CA PRO H 19 5.09 5.87 28.41
C PRO H 19 5.19 4.64 29.32
N LYS H 20 4.95 3.47 28.74
CA LYS H 20 5.10 2.20 29.45
C LYS H 20 6.53 2.07 29.99
N GLY H 21 6.63 1.60 31.23
CA GLY H 21 7.91 1.41 31.91
C GLY H 21 8.37 2.56 32.79
N GLN H 22 7.52 3.56 32.98
CA GLN H 22 7.89 4.78 33.71
C GLN H 22 7.46 4.77 35.18
N ARG H 23 8.41 5.12 36.04
CA ARG H 23 8.13 5.44 37.44
C ARG H 23 7.93 6.96 37.67
N ASN H 24 8.36 7.78 36.70
CA ASN H 24 8.04 9.22 36.71
C ASN H 24 6.59 9.44 36.27
N LYS H 25 5.79 10.03 37.17
CA LYS H 25 4.38 10.27 36.91
C LYS H 25 4.20 11.63 36.24
N TYR H 26 4.42 11.67 34.92
CA TYR H 26 4.19 12.88 34.14
C TYR H 26 2.70 13.15 33.97
N GLU H 27 2.37 14.41 33.70
CA GLU H 27 1.00 14.79 33.35
C GLU H 27 1.01 16.07 32.50
N VAL H 28 0.00 16.19 31.64
CA VAL H 28 -0.17 17.38 30.82
C VAL H 28 -1.09 18.36 31.54
N ASP H 29 -0.62 19.60 31.67
CA ASP H 29 -1.44 20.70 32.22
C ASP H 29 -2.41 21.13 31.12
N HIS H 30 -3.70 21.13 31.44
CA HIS H 30 -4.74 21.24 30.42
C HIS H 30 -5.07 22.66 29.94
N GLU H 31 -4.59 23.67 30.67
CA GLU H 31 -4.72 25.07 30.24
C GLU H 31 -3.54 25.54 29.38
N THR H 32 -2.36 24.95 29.58
CA THR H 32 -1.11 25.36 28.91
C THR H 32 -0.58 24.36 27.87
N GLY H 33 -0.87 23.06 28.06
CA GLY H 33 -0.33 22.00 27.20
C GLY H 33 1.08 21.55 27.58
N ARG H 34 1.58 22.04 28.71
CA ARG H 34 2.93 21.72 29.18
C ARG H 34 2.95 20.39 29.92
N VAL H 35 4.04 19.65 29.76
CA VAL H 35 4.26 18.39 30.47
C VAL H 35 4.92 18.73 31.80
N ARG H 36 4.33 18.23 32.88
CA ARG H 36 4.85 18.41 34.24
C ARG H 36 5.14 17.05 34.87
N LEU H 37 6.26 16.97 35.60
CA LEU H 37 6.50 15.85 36.51
C LEU H 37 5.70 16.10 37.78
N ASP H 38 4.56 15.43 37.90
CA ASP H 38 3.75 15.50 39.13
C ASP H 38 4.57 14.95 40.29
N ARG H 39 5.01 13.70 40.14
CA ARG H 39 5.82 13.03 41.16
C ARG H 39 6.51 11.77 40.65
N TYR H 40 7.59 11.41 41.32
CA TYR H 40 8.19 10.09 41.22
C TYR H 40 7.34 9.17 42.10
N LEU H 41 6.99 7.99 41.58
CA LEU H 41 6.15 7.05 42.33
C LEU H 41 6.87 6.53 43.56
N TYR H 42 6.11 6.34 44.64
CA TYR H 42 6.67 5.92 45.92
C TYR H 42 6.86 4.40 46.01
N THR H 43 6.10 3.67 45.20
CA THR H 43 6.23 2.21 45.10
C THR H 43 7.20 1.86 43.97
N PRO H 44 7.79 0.64 44.00
CA PRO H 44 8.72 0.21 42.95
C PRO H 44 7.95 -0.42 41.78
N MET H 45 7.14 0.42 41.14
CA MET H 45 6.24 0.01 40.09
C MET H 45 6.44 0.91 38.89
N ALA H 46 5.95 0.46 37.75
CA ALA H 46 6.06 1.20 36.51
C ALA H 46 4.79 0.99 35.70
N TYR H 47 4.40 2.01 34.95
CA TYR H 47 3.13 1.97 34.20
C TYR H 47 3.13 0.82 33.18
N PRO H 48 2.13 -0.08 33.27
CA PRO H 48 2.10 -1.31 32.47
C PRO H 48 1.84 -1.08 30.98
N THR H 49 1.12 -0.01 30.65
CA THR H 49 0.91 0.42 29.27
C THR H 49 1.21 1.91 29.17
N ASP H 50 1.18 2.43 27.94
CA ASP H 50 1.18 3.88 27.73
C ASP H 50 -0.13 4.45 28.26
N TYR H 51 -0.02 5.55 28.99
CA TYR H 51 -1.12 6.11 29.78
C TYR H 51 -1.30 7.59 29.46
N GLY H 52 -2.55 8.02 29.38
CA GLY H 52 -2.85 9.43 29.11
C GLY H 52 -4.29 9.87 29.32
N PHE H 53 -4.85 10.51 28.30
CA PHE H 53 -6.25 10.94 28.28
C PHE H 53 -6.76 11.17 26.86
N ILE H 54 -8.09 11.17 26.73
CA ILE H 54 -8.77 11.33 25.45
C ILE H 54 -8.99 12.82 25.20
N GLU H 55 -8.50 13.32 24.07
CA GLU H 55 -8.71 14.71 23.65
C GLU H 55 -10.18 15.00 23.38
N ASP H 56 -10.58 16.24 23.61
CA ASP H 56 -11.96 16.72 23.40
C ASP H 56 -13.02 15.92 24.19
N THR H 57 -12.64 15.51 25.40
CA THR H 57 -13.57 14.87 26.33
C THR H 57 -13.54 15.59 27.65
N LEU H 58 -14.58 15.37 28.44
CA LEU H 58 -14.72 15.97 29.74
C LEU H 58 -15.33 14.96 30.70
N GLY H 59 -14.56 14.59 31.73
CA GLY H 59 -15.07 13.78 32.81
C GLY H 59 -16.05 14.57 33.65
N ASP H 60 -16.83 13.86 34.45
CA ASP H 60 -17.73 14.48 35.43
C ASP H 60 -16.98 15.36 36.45
N ASP H 61 -15.70 15.04 36.67
CA ASP H 61 -14.85 15.78 37.61
C ASP H 61 -14.16 17.04 37.06
N GLY H 62 -14.33 17.32 35.78
CA GLY H 62 -13.71 18.50 35.14
C GLY H 62 -12.42 18.23 34.36
N ASP H 63 -11.83 17.05 34.56
CA ASP H 63 -10.65 16.63 33.82
C ASP H 63 -11.05 15.76 32.62
N PRO H 64 -10.20 15.70 31.58
CA PRO H 64 -10.42 14.74 30.48
C PRO H 64 -10.45 13.27 30.92
N LEU H 65 -11.11 12.45 30.13
CA LEU H 65 -11.24 11.02 30.39
C LEU H 65 -9.91 10.33 30.19
N ASP H 66 -9.45 9.59 31.21
CA ASP H 66 -8.17 8.90 31.15
C ASP H 66 -8.24 7.70 30.20
N ALA H 67 -7.10 7.38 29.59
CA ALA H 67 -7.01 6.30 28.61
C ALA H 67 -5.70 5.53 28.75
N LEU H 68 -5.79 4.22 28.51
CA LEU H 68 -4.65 3.31 28.43
C LEU H 68 -4.60 2.79 27.01
N VAL H 69 -3.40 2.74 26.42
CA VAL H 69 -3.23 2.33 25.03
C VAL H 69 -2.19 1.22 24.92
N LEU H 70 -2.61 0.07 24.39
CA LEU H 70 -1.71 -1.04 24.08
C LEU H 70 -0.93 -0.69 22.81
N LEU H 71 0.39 -0.85 22.87
CA LEU H 71 1.27 -0.50 21.75
C LEU H 71 2.40 -1.52 21.57
N PRO H 72 2.91 -1.66 20.33
CA PRO H 72 4.11 -2.48 20.11
C PRO H 72 5.38 -1.81 20.62
N GLN H 73 5.38 -0.48 20.68
CA GLN H 73 6.48 0.29 21.23
C GLN H 73 5.94 1.57 21.87
N PRO H 74 6.47 1.95 23.05
CA PRO H 74 5.99 3.18 23.70
C PRO H 74 6.40 4.45 22.97
N VAL H 75 5.61 5.50 23.18
CA VAL H 75 5.88 6.82 22.60
C VAL H 75 6.52 7.68 23.70
N PHE H 76 6.49 9.01 23.55
CA PHE H 76 7.02 10.00 24.50
CA PHE H 76 6.98 9.88 24.61
C PHE H 76 5.86 10.81 25.08
N PRO H 77 6.07 11.48 26.24
CA PRO H 77 4.99 12.34 26.72
C PRO H 77 4.65 13.48 25.76
N GLY H 78 3.37 13.69 25.52
CA GLY H 78 2.87 14.72 24.61
C GLY H 78 2.37 14.21 23.27
N VAL H 79 2.74 12.98 22.90
CA VAL H 79 2.39 12.41 21.60
C VAL H 79 0.91 12.04 21.48
N LEU H 80 0.33 12.36 20.33
CA LEU H 80 -1.04 11.97 19.98
C LEU H 80 -1.07 10.60 19.30
N VAL H 81 -2.12 9.83 19.59
CA VAL H 81 -2.34 8.51 18.97
C VAL H 81 -3.84 8.34 18.70
N ALA H 82 -4.19 8.12 17.44
CA ALA H 82 -5.57 7.79 17.07
C ALA H 82 -5.87 6.39 17.59
N ALA H 83 -6.89 6.27 18.43
CA ALA H 83 -7.19 5.04 19.14
C ALA H 83 -8.68 4.73 19.15
N ARG H 84 -9.01 3.44 19.31
CA ARG H 84 -10.39 2.99 19.50
C ARG H 84 -10.48 2.15 20.79
N PRO H 85 -11.62 2.25 21.51
CA PRO H 85 -11.76 1.57 22.80
C PRO H 85 -12.16 0.10 22.67
N VAL H 86 -11.64 -0.73 23.56
CA VAL H 86 -11.99 -2.16 23.65
C VAL H 86 -12.52 -2.60 25.02
N GLY H 87 -12.51 -1.69 25.99
CA GLY H 87 -12.90 -1.99 27.36
C GLY H 87 -12.52 -0.83 28.27
N MET H 88 -12.89 -0.94 29.55
CA MET H 88 -12.63 0.12 30.52
C MET H 88 -12.36 -0.45 31.91
N PHE H 89 -11.44 0.22 32.61
CA PHE H 89 -11.04 -0.14 33.96
C PHE H 89 -11.65 0.85 34.96
N ARG H 90 -12.73 0.43 35.62
CA ARG H 90 -13.37 1.20 36.66
C ARG H 90 -12.62 1.04 37.98
N MET H 91 -12.57 2.12 38.76
CA MET H 91 -11.82 2.13 40.02
C MET H 91 -12.21 3.33 40.91
N VAL H 92 -11.96 3.20 42.20
CA VAL H 92 -12.27 4.25 43.19
C VAL H 92 -11.03 4.54 44.04
N ASP H 93 -10.56 5.80 43.99
CA ASP H 93 -9.41 6.26 44.79
C ASP H 93 -9.83 7.30 45.86
N GLU H 94 -8.86 7.96 46.48
CA GLU H 94 -9.11 9.00 47.50
C GLU H 94 -10.08 10.12 47.08
N HIS H 95 -10.11 10.44 45.79
CA HIS H 95 -11.05 11.42 45.23
C HIS H 95 -12.29 10.78 44.58
N GLY H 96 -12.58 9.52 44.91
CA GLY H 96 -13.74 8.81 44.40
C GLY H 96 -13.50 8.18 43.03
N GLY H 97 -14.55 8.18 42.21
CA GLY H 97 -14.56 7.52 40.89
C GLY H 97 -13.40 7.89 39.98
N ASP H 98 -12.96 6.92 39.20
CA ASP H 98 -11.79 7.07 38.33
C ASP H 98 -11.79 5.97 37.26
N ASP H 99 -12.27 6.32 36.07
CA ASP H 99 -12.39 5.39 34.95
C ASP H 99 -11.23 5.55 33.98
N LYS H 100 -10.80 4.45 33.38
CA LYS H 100 -9.64 4.42 32.48
C LYS H 100 -9.95 3.53 31.28
N VAL H 101 -10.11 4.14 30.12
CA VAL H 101 -10.53 3.45 28.90
C VAL H 101 -9.33 2.75 28.28
N LEU H 102 -9.46 1.43 28.07
CA LEU H 102 -8.42 0.66 27.41
C LEU H 102 -8.59 0.76 25.90
N CYS H 103 -7.50 1.05 25.19
CA CYS H 103 -7.54 1.27 23.74
C CYS H 103 -6.45 0.54 22.97
N VAL H 104 -6.63 0.50 21.65
CA VAL H 104 -5.64 0.02 20.69
C VAL H 104 -5.55 1.05 19.58
N PRO H 105 -4.46 1.04 18.77
CA PRO H 105 -4.39 1.97 17.64
C PRO H 105 -5.47 1.74 16.58
N ALA H 106 -6.21 2.80 16.26
CA ALA H 106 -7.29 2.77 15.28
C ALA H 106 -6.70 2.85 13.87
N GLY H 107 -7.27 2.06 12.96
CA GLY H 107 -6.79 1.98 11.58
C GLY H 107 -5.51 1.21 11.40
N ASP H 108 -5.16 0.38 12.39
CA ASP H 108 -3.99 -0.49 12.32
C ASP H 108 -4.49 -1.94 12.25
N PRO H 109 -4.30 -2.62 11.11
CA PRO H 109 -4.80 -3.99 10.95
C PRO H 109 -4.10 -5.03 11.83
N ARG H 110 -2.94 -4.68 12.39
CA ARG H 110 -2.25 -5.50 13.38
C ARG H 110 -2.98 -5.62 14.73
N TRP H 111 -3.97 -4.74 14.96
CA TRP H 111 -4.80 -4.77 16.17
C TRP H 111 -6.27 -5.12 15.89
N ASP H 112 -6.58 -5.56 14.67
CA ASP H 112 -7.95 -5.97 14.29
C ASP H 112 -8.47 -7.18 15.07
N HIS H 113 -7.56 -8.03 15.54
CA HIS H 113 -7.91 -9.18 16.39
C HIS H 113 -8.46 -8.80 17.78
N VAL H 114 -8.21 -7.57 18.23
CA VAL H 114 -8.71 -7.06 19.51
C VAL H 114 -9.95 -6.17 19.29
N GLN H 115 -11.12 -6.76 19.49
CA GLN H 115 -12.41 -6.05 19.34
C GLN H 115 -13.18 -5.83 20.65
N ASP H 116 -12.77 -6.48 21.74
CA ASP H 116 -13.46 -6.34 23.03
C ASP H 116 -12.51 -6.79 24.16
N ILE H 117 -12.94 -6.62 25.41
CA ILE H 117 -12.11 -6.94 26.59
C ILE H 117 -11.64 -8.40 26.64
N GLY H 118 -12.48 -9.31 26.14
CA GLY H 118 -12.14 -10.73 26.06
C GLY H 118 -10.93 -11.05 25.20
N ASP H 119 -10.71 -10.25 24.17
CA ASP H 119 -9.59 -10.43 23.24
C ASP H 119 -8.22 -10.05 23.83
N VAL H 120 -8.22 -9.28 24.91
CA VAL H 120 -6.99 -8.96 25.63
C VAL H 120 -6.71 -10.12 26.59
N PRO H 121 -5.46 -10.64 26.59
CA PRO H 121 -5.11 -11.71 27.54
C PRO H 121 -5.36 -11.31 28.99
N ALA H 122 -5.93 -12.24 29.77
CA ALA H 122 -6.16 -12.04 31.20
C ALA H 122 -4.89 -11.60 31.95
N PHE H 123 -3.74 -12.08 31.48
CA PHE H 123 -2.46 -11.74 32.11
C PHE H 123 -2.06 -10.26 31.98
N GLU H 124 -2.38 -9.64 30.84
CA GLU H 124 -2.18 -8.19 30.68
C GLU H 124 -3.21 -7.38 31.50
N LEU H 125 -4.45 -7.85 31.54
CA LEU H 125 -5.52 -7.17 32.30
C LEU H 125 -5.30 -7.23 33.81
N ASP H 126 -4.88 -8.38 34.31
CA ASP H 126 -4.54 -8.55 35.73
C ASP H 126 -3.35 -7.69 36.16
N ALA H 127 -2.38 -7.53 35.27
CA ALA H 127 -1.19 -6.71 35.55
C ALA H 127 -1.50 -5.21 35.58
N ILE H 128 -2.36 -4.76 34.68
CA ILE H 128 -2.85 -3.37 34.70
C ILE H 128 -3.63 -3.09 35.97
N LYS H 129 -4.54 -4.00 36.32
CA LYS H 129 -5.32 -3.91 37.55
C LYS H 129 -4.41 -3.87 38.77
N HIS H 130 -3.42 -4.75 38.80
CA HIS H 130 -2.47 -4.82 39.90
C HIS H 130 -1.66 -3.53 40.07
N PHE H 131 -1.35 -2.85 38.96
CA PHE H 131 -0.67 -1.56 39.03
C PHE H 131 -1.50 -0.55 39.80
N PHE H 132 -2.72 -0.32 39.33
CA PHE H 132 -3.59 0.70 39.90
C PHE H 132 -4.08 0.38 41.31
N VAL H 133 -4.18 -0.91 41.65
CA VAL H 133 -4.51 -1.30 43.02
C VAL H 133 -3.38 -0.94 44.00
N HIS H 134 -2.13 -1.08 43.56
CA HIS H 134 -0.96 -1.04 44.47
C HIS H 134 0.00 0.16 44.36
N TYR H 135 -0.05 0.93 43.28
CA TYR H 135 0.95 1.99 43.04
C TYR H 135 0.99 3.14 44.06
N LYS H 136 -0.12 3.37 44.77
CA LYS H 136 -0.18 4.39 45.83
C LYS H 136 -0.24 3.83 47.25
N ASP H 137 0.12 2.56 47.41
CA ASP H 137 0.20 1.94 48.73
C ASP H 137 1.06 2.82 49.65
N LEU H 138 2.30 3.05 49.22
CA LEU H 138 3.30 3.81 50.01
C LEU H 138 3.21 5.35 49.87
N GLU H 139 2.25 5.82 49.07
CA GLU H 139 1.94 7.24 49.02
C GLU H 139 1.07 7.62 50.22
N PRO H 140 1.55 8.56 51.07
CA PRO H 140 0.79 8.99 52.25
C PRO H 140 -0.54 9.66 51.89
N GLY H 141 -1.63 9.12 52.47
CA GLY H 141 -2.97 9.69 52.28
C GLY H 141 -3.71 9.25 51.03
N LYS H 142 -3.02 8.53 50.14
CA LYS H 142 -3.59 8.07 48.88
C LYS H 142 -3.89 6.58 48.98
N PHE H 143 -5.01 6.19 48.38
CA PHE H 143 -5.45 4.81 48.32
C PHE H 143 -6.33 4.55 47.11
N VAL H 144 -6.41 3.28 46.76
CA VAL H 144 -7.29 2.76 45.72
C VAL H 144 -8.01 1.59 46.39
N LYS H 145 -9.33 1.49 46.24
CA LYS H 145 -10.12 0.51 47.02
C LYS H 145 -10.95 -0.47 46.18
N ALA H 146 -11.77 0.05 45.28
CA ALA H 146 -12.54 -0.80 44.35
C ALA H 146 -11.86 -0.74 42.97
N ALA H 147 -11.91 -1.85 42.24
CA ALA H 147 -11.26 -1.96 40.93
C ALA H 147 -11.72 -3.20 40.14
N ASP H 148 -12.30 -2.98 38.97
CA ASP H 148 -12.74 -4.07 38.08
C ASP H 148 -12.75 -3.63 36.62
N TRP H 149 -12.98 -4.60 35.74
CA TRP H 149 -13.02 -4.37 34.29
C TRP H 149 -14.46 -4.43 33.76
N VAL H 150 -14.74 -3.60 32.76
CA VAL H 150 -16.00 -3.68 32.00
C VAL H 150 -15.68 -3.69 30.50
N ASP H 151 -16.66 -4.15 29.72
CA ASP H 151 -16.47 -4.40 28.28
C ASP H 151 -16.53 -3.13 27.42
N ARG H 152 -16.29 -3.31 26.13
CA ARG H 152 -16.32 -2.23 25.13
C ARG H 152 -17.59 -1.37 25.15
N ALA H 153 -18.74 -2.01 25.23
CA ALA H 153 -20.04 -1.30 25.25
C ALA H 153 -20.12 -0.28 26.38
N GLU H 154 -19.79 -0.73 27.59
CA GLU H 154 -19.71 0.16 28.76
C GLU H 154 -18.66 1.27 28.60
N ALA H 155 -17.52 0.92 28.02
CA ALA H 155 -16.45 1.89 27.73
C ALA H 155 -16.91 2.97 26.78
N GLU H 156 -17.50 2.56 25.65
CA GLU H 156 -18.03 3.47 24.63
C GLU H 156 -19.10 4.43 25.16
N ALA H 157 -19.96 3.95 26.06
CA ALA H 157 -20.97 4.78 26.71
C ALA H 157 -20.33 5.91 27.51
N GLU H 158 -19.32 5.57 28.31
CA GLU H 158 -18.57 6.55 29.11
C GLU H 158 -17.83 7.59 28.24
N VAL H 159 -17.30 7.14 27.10
CA VAL H 159 -16.68 8.05 26.13
C VAL H 159 -17.74 8.99 25.56
N GLN H 160 -18.87 8.42 25.11
CA GLN H 160 -19.98 9.21 24.56
C GLN H 160 -20.47 10.27 25.55
N ARG H 161 -20.62 9.88 26.82
CA ARG H 161 -20.96 10.81 27.90
C ARG H 161 -19.94 11.95 28.03
N SER H 162 -18.66 11.60 28.01
CA SER H 162 -17.58 12.57 28.20
C SER H 162 -17.35 13.48 26.99
N VAL H 163 -17.65 12.98 25.79
CA VAL H 163 -17.71 13.82 24.59
C VAL H 163 -18.84 14.83 24.74
N GLU H 164 -20.01 14.33 25.15
CA GLU H 164 -21.20 15.16 25.43
C GLU H 164 -20.91 16.33 26.39
N ARG H 165 -20.39 16.01 27.57
CA ARG H 165 -20.05 17.01 28.59
C ARG H 165 -19.09 18.08 28.06
N PHE H 166 -18.13 17.64 27.26
CA PHE H 166 -17.14 18.53 26.64
C PHE H 166 -17.79 19.55 25.69
N LYS H 167 -18.71 19.08 24.84
CA LYS H 167 -19.35 19.94 23.84
C LYS H 167 -20.27 21.02 24.43
N ALA H 168 -20.84 20.76 25.60
CA ALA H 168 -21.73 21.72 26.27
C ALA H 168 -20.96 22.95 26.77
N ALA I 9 26.85 30.95 2.72
CA ALA I 9 26.31 29.60 3.10
C ALA I 9 24.87 29.70 3.58
N MET I 10 23.96 29.05 2.84
CA MET I 10 22.57 28.92 3.24
C MET I 10 22.46 28.12 4.53
N GLN I 11 21.55 28.54 5.40
CA GLN I 11 21.21 27.77 6.60
C GLN I 11 19.76 28.01 7.02
N PHE I 12 19.24 27.03 7.75
CA PHE I 12 17.84 27.02 8.18
C PHE I 12 17.67 26.19 9.45
N ASP I 13 16.48 26.27 10.03
CA ASP I 13 16.12 25.48 11.22
C ASP I 13 15.31 24.26 10.83
N VAL I 14 15.84 23.08 11.16
CA VAL I 14 15.17 21.80 10.94
C VAL I 14 14.55 21.35 12.26
N THR I 15 13.23 21.15 12.28
CA THR I 15 12.57 20.44 13.36
C THR I 15 12.72 18.93 13.12
N ILE I 16 13.25 18.22 14.11
CA ILE I 16 13.40 16.77 14.03
C ILE I 16 12.11 16.12 14.55
N GLU I 17 11.54 15.26 13.70
CA GLU I 17 10.36 14.47 14.03
C GLU I 17 10.74 13.10 14.56
N ILE I 18 11.71 12.46 13.92
CA ILE I 18 12.10 11.09 14.23
C ILE I 18 13.61 11.00 14.47
N PRO I 19 14.03 10.65 15.70
CA PRO I 19 15.46 10.40 15.97
C PRO I 19 15.98 9.17 15.24
N LYS I 20 17.29 9.18 14.99
CA LYS I 20 17.99 8.04 14.41
C LYS I 20 17.77 6.81 15.30
N GLY I 21 17.41 5.68 14.67
CA GLY I 21 17.19 4.41 15.38
C GLY I 21 15.75 4.09 15.71
N GLN I 22 14.82 4.93 15.26
CA GLN I 22 13.39 4.78 15.59
C GLN I 22 12.61 3.99 14.54
N ARG I 23 11.78 3.07 15.03
CA ARG I 23 10.75 2.41 14.22
C ARG I 23 9.36 3.08 14.37
N ASN I 24 9.17 3.89 15.40
CA ASN I 24 7.96 4.73 15.52
C ASN I 24 8.05 5.90 14.54
N LYS I 25 7.04 6.01 13.68
CA LYS I 25 7.00 7.04 12.65
C LYS I 25 6.22 8.25 13.18
N TYR I 26 6.93 9.13 13.88
CA TYR I 26 6.34 10.36 14.41
C TYR I 26 6.18 11.42 13.32
N GLU I 27 5.16 12.26 13.46
CA GLU I 27 4.92 13.38 12.55
C GLU I 27 4.33 14.56 13.31
N VAL I 28 4.88 15.75 13.08
CA VAL I 28 4.29 16.99 13.56
C VAL I 28 3.05 17.30 12.71
N ASP I 29 1.96 17.64 13.38
CA ASP I 29 0.77 18.19 12.74
C ASP I 29 1.06 19.69 12.55
N HIS I 30 1.16 20.12 11.30
CA HIS I 30 1.59 21.49 10.98
C HIS I 30 0.53 22.56 11.25
N GLU I 31 -0.72 22.13 11.43
CA GLU I 31 -1.80 23.01 11.86
C GLU I 31 -1.62 23.43 13.32
N THR I 32 -1.44 22.43 14.18
CA THR I 32 -1.46 22.61 15.65
C THR I 32 -0.08 22.57 16.34
N GLY I 33 0.91 21.94 15.70
CA GLY I 33 2.26 21.80 16.28
C GLY I 33 2.48 20.56 17.13
N ARG I 34 1.40 19.83 17.39
CA ARG I 34 1.43 18.57 18.15
C ARG I 34 2.17 17.48 17.39
N VAL I 35 2.93 16.67 18.14
CA VAL I 35 3.57 15.48 17.61
C VAL I 35 2.54 14.34 17.65
N ARG I 36 2.51 13.55 16.59
CA ARG I 36 1.57 12.44 16.45
C ARG I 36 2.32 11.19 16.02
N LEU I 37 1.96 10.05 16.59
CA LEU I 37 2.38 8.75 16.07
C LEU I 37 1.55 8.44 14.85
N ASP I 38 2.15 8.57 13.67
CA ASP I 38 1.49 8.23 12.41
C ASP I 38 1.27 6.72 12.37
N ARG I 39 2.35 5.97 12.59
CA ARG I 39 2.32 4.52 12.57
C ARG I 39 3.64 3.92 13.08
N TYR I 40 3.56 2.70 13.60
CA TYR I 40 4.71 1.86 13.85
C TYR I 40 5.04 1.19 12.52
N LEU I 41 6.29 1.33 12.06
CA LEU I 41 6.67 0.81 10.75
C LEU I 41 6.42 -0.69 10.65
N TYR I 42 6.00 -1.12 9.47
CA TYR I 42 5.63 -2.51 9.20
C TYR I 42 6.85 -3.38 8.86
N THR I 43 7.99 -2.73 8.61
CA THR I 43 9.24 -3.43 8.33
C THR I 43 10.22 -3.32 9.51
N PRO I 44 11.14 -4.29 9.66
CA PRO I 44 12.12 -4.29 10.76
C PRO I 44 13.29 -3.34 10.47
N MET I 45 12.95 -2.07 10.36
CA MET I 45 13.89 -1.04 9.93
C MET I 45 13.78 0.15 10.86
N ALA I 46 14.85 0.94 10.87
CA ALA I 46 14.97 2.10 11.75
C ALA I 46 15.51 3.27 10.96
N TYR I 47 15.07 4.48 11.30
CA TYR I 47 15.51 5.67 10.58
C TYR I 47 17.04 5.85 10.71
N PRO I 48 17.76 5.85 9.58
CA PRO I 48 19.23 5.83 9.58
C PRO I 48 19.88 7.14 10.04
N THR I 49 19.15 8.24 9.93
CA THR I 49 19.57 9.54 10.46
C THR I 49 18.39 10.18 11.15
N ASP I 50 18.64 11.27 11.86
CA ASP I 50 17.56 12.09 12.40
C ASP I 50 16.78 12.70 11.23
N TYR I 51 15.46 12.69 11.34
CA TYR I 51 14.55 12.98 10.22
C TYR I 51 13.50 14.01 10.66
N GLY I 52 13.17 14.93 9.76
CA GLY I 52 12.13 15.92 10.04
C GLY I 52 11.66 16.77 8.86
N PHE I 53 11.74 18.09 9.05
CA PHE I 53 11.38 19.07 8.02
C PHE I 53 11.99 20.44 8.32
N ILE I 54 12.11 21.26 7.29
CA ILE I 54 12.68 22.61 7.39
C ILE I 54 11.55 23.58 7.77
N GLU I 55 11.73 24.30 8.88
CA GLU I 55 10.78 25.32 9.32
C GLU I 55 10.71 26.47 8.32
N ASP I 56 9.53 27.06 8.18
CA ASP I 56 9.27 28.16 7.22
C ASP I 56 9.61 27.79 5.77
N THR I 57 9.15 26.61 5.35
CA THR I 57 9.24 26.18 3.96
C THR I 57 7.88 25.62 3.54
N LEU I 58 7.66 25.60 2.23
CA LEU I 58 6.45 25.04 1.65
C LEU I 58 6.79 24.40 0.31
N GLY I 59 6.79 23.07 0.29
CA GLY I 59 6.86 22.31 -0.96
C GLY I 59 5.52 22.37 -1.68
N ASP I 60 5.49 21.83 -2.88
CA ASP I 60 4.25 21.80 -3.70
C ASP I 60 3.20 20.80 -3.22
N ASP I 61 3.58 19.86 -2.35
CA ASP I 61 2.63 18.95 -1.70
C ASP I 61 1.76 19.60 -0.61
N GLY I 62 2.12 20.82 -0.17
CA GLY I 62 1.35 21.56 0.83
C GLY I 62 1.95 21.56 2.23
N ASP I 63 2.89 20.65 2.47
CA ASP I 63 3.60 20.54 3.76
C ASP I 63 5.01 21.10 3.63
N PRO I 64 5.67 21.39 4.78
CA PRO I 64 7.09 21.74 4.80
C PRO I 64 8.02 20.74 4.12
N LEU I 65 9.17 21.25 3.67
CA LEU I 65 10.15 20.45 2.95
C LEU I 65 10.88 19.53 3.93
N ASP I 66 10.89 18.22 3.63
CA ASP I 66 11.51 17.21 4.49
C ASP I 66 13.03 17.36 4.55
N ALA I 67 13.62 16.87 5.64
CA ALA I 67 15.07 17.00 5.87
C ALA I 67 15.67 15.88 6.71
N LEU I 68 16.86 15.44 6.30
CA LEU I 68 17.72 14.54 7.07
C LEU I 68 18.87 15.37 7.64
N VAL I 69 19.26 15.07 8.88
CA VAL I 69 20.34 15.77 9.57
C VAL I 69 21.31 14.75 10.14
N LEU I 70 22.57 14.83 9.71
CA LEU I 70 23.64 14.00 10.27
C LEU I 70 24.08 14.58 11.61
N LEU I 71 24.18 13.72 12.62
CA LEU I 71 24.54 14.14 13.99
C LEU I 71 25.44 13.10 14.66
N PRO I 72 26.26 13.54 15.64
CA PRO I 72 27.05 12.58 16.43
C PRO I 72 26.19 11.81 17.43
N GLN I 73 25.08 12.43 17.87
CA GLN I 73 24.11 11.82 18.78
C GLN I 73 22.70 12.30 18.39
N PRO I 74 21.69 11.40 18.46
CA PRO I 74 20.31 11.82 18.16
C PRO I 74 19.71 12.80 19.16
N VAL I 75 18.76 13.60 18.68
CA VAL I 75 17.97 14.50 19.55
C VAL I 75 16.64 13.84 19.89
N PHE I 76 15.77 14.57 20.58
CA PHE I 76 14.40 14.13 20.88
C PHE I 76 13.45 14.65 19.82
N PRO I 77 12.24 14.05 19.69
CA PRO I 77 11.26 14.56 18.75
C PRO I 77 10.72 15.94 19.14
N GLY I 78 10.63 16.84 18.15
CA GLY I 78 10.21 18.23 18.36
C GLY I 78 11.35 19.23 18.53
N VAL I 79 12.59 18.75 18.45
CA VAL I 79 13.78 19.56 18.70
C VAL I 79 14.26 20.26 17.42
N LEU I 80 14.57 21.55 17.56
CA LEU I 80 15.14 22.35 16.48
C LEU I 80 16.65 22.16 16.36
N VAL I 81 17.14 22.03 15.13
CA VAL I 81 18.57 22.01 14.84
C VAL I 81 18.85 22.99 13.69
N ALA I 82 19.75 23.95 13.94
CA ALA I 82 20.23 24.85 12.91
C ALA I 82 21.16 24.06 11.98
N ALA I 83 20.79 23.95 10.71
CA ALA I 83 21.51 23.10 9.76
C ALA I 83 21.75 23.78 8.41
N ARG I 84 22.65 23.17 7.64
CA ARG I 84 22.97 23.60 6.27
C ARG I 84 22.96 22.39 5.34
N PRO I 85 22.48 22.57 4.09
CA PRO I 85 22.35 21.44 3.17
C PRO I 85 23.67 21.08 2.51
N VAL I 86 23.85 19.78 2.23
CA VAL I 86 25.01 19.27 1.48
C VAL I 86 24.59 18.35 0.32
N GLY I 87 23.30 18.32 0.01
CA GLY I 87 22.75 17.38 -0.96
C GLY I 87 21.27 17.18 -0.75
N MET I 88 20.69 16.27 -1.53
CA MET I 88 19.25 16.00 -1.49
C MET I 88 18.93 14.60 -2.02
N PHE I 89 18.09 13.89 -1.27
CA PHE I 89 17.57 12.59 -1.65
C PHE I 89 16.28 12.79 -2.40
N ARG I 90 16.27 12.36 -3.66
CA ARG I 90 15.09 12.47 -4.53
C ARG I 90 14.50 11.09 -4.73
N MET I 91 13.26 10.90 -4.27
CA MET I 91 12.57 9.61 -4.39
C MET I 91 11.18 9.80 -4.98
N VAL I 92 10.58 8.67 -5.34
CA VAL I 92 9.21 8.63 -5.83
C VAL I 92 8.46 7.54 -5.09
N ASP I 93 7.29 7.88 -4.55
CA ASP I 93 6.44 6.94 -3.83
C ASP I 93 5.00 6.99 -4.37
N GLU I 94 4.04 6.52 -3.57
CA GLU I 94 2.62 6.51 -3.95
C GLU I 94 1.91 7.87 -4.06
N HIS I 95 2.57 8.95 -3.64
CA HIS I 95 2.09 10.33 -3.94
C HIS I 95 3.05 11.05 -4.91
N GLY I 96 3.68 10.28 -5.80
CA GLY I 96 4.62 10.82 -6.78
C GLY I 96 5.96 11.21 -6.17
N GLY I 97 6.55 12.27 -6.71
CA GLY I 97 7.86 12.77 -6.27
C GLY I 97 7.90 13.17 -4.81
N ASP I 98 9.09 13.06 -4.21
CA ASP I 98 9.29 13.35 -2.80
C ASP I 98 10.77 13.62 -2.56
N ASP I 99 11.08 14.87 -2.24
CA ASP I 99 12.46 15.31 -2.03
C ASP I 99 12.76 15.48 -0.54
N LYS I 100 13.97 15.08 -0.14
CA LYS I 100 14.41 15.11 1.25
C LYS I 100 15.83 15.67 1.31
N VAL I 101 15.99 16.81 1.97
CA VAL I 101 17.27 17.54 1.99
C VAL I 101 18.21 16.96 3.06
N LEU I 102 19.38 16.48 2.62
CA LEU I 102 20.41 16.00 3.54
C LEU I 102 21.23 17.17 4.07
N CYS I 103 21.35 17.24 5.39
CA CYS I 103 21.99 18.38 6.07
C CYS I 103 23.02 17.97 7.10
N VAL I 104 23.80 18.95 7.54
CA VAL I 104 24.69 18.84 8.69
C VAL I 104 24.47 20.08 9.57
N PRO I 105 24.88 20.04 10.86
CA PRO I 105 24.67 21.20 11.73
C PRO I 105 25.43 22.45 11.28
N ALA I 106 24.77 23.60 11.39
CA ALA I 106 25.33 24.88 10.95
C ALA I 106 26.15 25.50 12.06
N GLY I 107 27.29 26.08 11.68
CA GLY I 107 28.20 26.71 12.64
C GLY I 107 28.97 25.73 13.52
N ASP I 108 29.15 24.51 13.03
CA ASP I 108 29.89 23.47 13.75
C ASP I 108 31.13 23.08 12.93
N PRO I 109 32.34 23.39 13.44
CA PRO I 109 33.56 23.07 12.69
C PRO I 109 33.89 21.57 12.53
N ARG I 110 33.30 20.72 13.38
CA ARG I 110 33.42 19.26 13.22
C ARG I 110 32.76 18.71 11.95
N TRP I 111 31.89 19.51 11.31
CA TRP I 111 31.26 19.15 10.03
C TRP I 111 31.71 19.97 8.81
N ASP I 112 32.66 20.87 8.99
CA ASP I 112 33.20 21.70 7.88
C ASP I 112 33.79 20.89 6.73
N HIS I 113 34.33 19.71 7.03
CA HIS I 113 34.84 18.79 6.00
C HIS I 113 33.77 18.27 5.03
N VAL I 114 32.50 18.35 5.44
CA VAL I 114 31.36 18.00 4.58
C VAL I 114 30.75 19.26 3.95
N GLN I 115 31.05 19.44 2.66
CA GLN I 115 30.55 20.58 1.87
C GLN I 115 29.63 20.21 0.70
N ASP I 116 29.74 18.99 0.18
CA ASP I 116 28.86 18.49 -0.88
C ASP I 116 28.58 17.01 -0.67
N ILE I 117 27.66 16.47 -1.47
CA ILE I 117 27.22 15.07 -1.37
C ILE I 117 28.37 14.04 -1.44
N GLY I 118 29.40 14.35 -2.22
CA GLY I 118 30.59 13.49 -2.35
C GLY I 118 31.43 13.35 -1.09
N ASP I 119 31.31 14.32 -0.17
CA ASP I 119 32.00 14.28 1.12
C ASP I 119 31.39 13.31 2.13
N VAL I 120 30.14 12.89 1.89
CA VAL I 120 29.46 11.89 2.71
C VAL I 120 29.88 10.49 2.22
N PRO I 121 30.27 9.58 3.15
CA PRO I 121 30.65 8.22 2.73
C PRO I 121 29.54 7.49 1.97
N ALA I 122 29.93 6.74 0.94
CA ALA I 122 28.99 5.92 0.15
C ALA I 122 28.19 4.94 1.01
N PHE I 123 28.85 4.40 2.04
CA PHE I 123 28.22 3.49 3.01
C PHE I 123 27.02 4.11 3.72
N GLU I 124 27.15 5.37 4.11
CA GLU I 124 26.07 6.11 4.78
C GLU I 124 24.94 6.46 3.81
N LEU I 125 25.29 6.95 2.63
CA LEU I 125 24.31 7.29 1.59
C LEU I 125 23.51 6.09 1.11
N ASP I 126 24.20 4.97 0.92
CA ASP I 126 23.55 3.73 0.49
C ASP I 126 22.61 3.16 1.54
N ALA I 127 23.00 3.28 2.81
CA ALA I 127 22.14 2.87 3.93
C ALA I 127 20.88 3.73 4.01
N ILE I 128 21.03 5.04 3.86
CA ILE I 128 19.87 5.95 3.81
C ILE I 128 18.97 5.61 2.61
N LYS I 129 19.57 5.40 1.44
CA LYS I 129 18.82 5.00 0.24
C LYS I 129 18.05 3.71 0.50
N HIS I 130 18.76 2.72 1.04
CA HIS I 130 18.18 1.41 1.36
C HIS I 130 16.99 1.47 2.33
N PHE I 131 17.02 2.42 3.27
CA PHE I 131 15.91 2.62 4.19
C PHE I 131 14.66 3.01 3.40
N PHE I 132 14.73 4.15 2.74
CA PHE I 132 13.58 4.73 2.03
C PHE I 132 13.07 3.88 0.87
N VAL I 133 13.93 3.04 0.29
CA VAL I 133 13.53 2.09 -0.75
C VAL I 133 12.67 0.94 -0.17
N HIS I 134 12.95 0.53 1.06
CA HIS I 134 12.37 -0.69 1.65
C HIS I 134 11.42 -0.55 2.84
N TYR I 135 11.37 0.60 3.48
CA TYR I 135 10.57 0.76 4.71
C TYR I 135 9.05 0.57 4.57
N LYS I 136 8.51 0.84 3.38
CA LYS I 136 7.07 0.63 3.08
C LYS I 136 6.78 -0.63 2.23
N ASP I 137 7.75 -1.55 2.15
CA ASP I 137 7.58 -2.82 1.43
C ASP I 137 6.32 -3.53 1.90
N LEU I 138 6.29 -3.84 3.19
CA LEU I 138 5.18 -4.58 3.82
C LEU I 138 3.98 -3.73 4.21
N GLU I 139 4.05 -2.42 3.93
CA GLU I 139 2.90 -1.54 4.11
C GLU I 139 1.91 -1.67 2.96
N PRO I 140 0.61 -1.92 3.28
CA PRO I 140 -0.45 -2.00 2.26
C PRO I 140 -0.71 -0.67 1.54
N GLY I 141 -0.76 -0.74 0.21
CA GLY I 141 -1.03 0.43 -0.63
C GLY I 141 0.09 1.46 -0.69
N LYS I 142 1.33 0.98 -0.50
CA LYS I 142 2.50 1.85 -0.47
C LYS I 142 3.70 1.19 -1.14
N PHE I 143 4.44 1.98 -1.90
CA PHE I 143 5.52 1.50 -2.75
C PHE I 143 6.51 2.62 -3.01
N VAL I 144 7.73 2.25 -3.38
CA VAL I 144 8.79 3.20 -3.70
C VAL I 144 9.34 2.88 -5.08
N LYS I 145 9.33 3.89 -5.94
CA LYS I 145 9.66 3.74 -7.35
C LYS I 145 11.15 3.89 -7.60
N ALA I 146 11.67 5.06 -7.26
CA ALA I 146 13.05 5.43 -7.55
C ALA I 146 13.67 6.14 -6.37
N ALA I 147 15.00 6.25 -6.42
CA ALA I 147 15.77 6.87 -5.35
C ALA I 147 17.18 7.22 -5.84
N ASP I 148 17.48 8.52 -5.88
CA ASP I 148 18.79 9.01 -6.33
C ASP I 148 19.24 10.16 -5.44
N TRP I 149 20.56 10.37 -5.40
CA TRP I 149 21.16 11.51 -4.71
C TRP I 149 21.53 12.60 -5.70
N VAL I 150 21.18 13.84 -5.39
CA VAL I 150 21.66 15.01 -6.15
C VAL I 150 22.53 15.88 -5.24
N ASP I 151 23.29 16.77 -5.87
CA ASP I 151 24.29 17.58 -5.16
C ASP I 151 23.69 18.76 -4.39
N ARG I 152 24.54 19.45 -3.64
CA ARG I 152 24.17 20.61 -2.81
C ARG I 152 23.49 21.73 -3.58
N ALA I 153 24.01 22.04 -4.77
CA ALA I 153 23.46 23.08 -5.63
C ALA I 153 21.99 22.84 -5.95
N GLU I 154 21.67 21.59 -6.29
CA GLU I 154 20.30 21.16 -6.54
C GLU I 154 19.42 21.28 -5.29
N ALA I 155 19.97 20.91 -4.14
CA ALA I 155 19.28 21.00 -2.85
C ALA I 155 18.95 22.44 -2.49
N GLU I 156 19.95 23.31 -2.58
CA GLU I 156 19.78 24.75 -2.31
C GLU I 156 18.73 25.43 -3.19
N ALA I 157 18.67 25.02 -4.47
CA ALA I 157 17.64 25.52 -5.39
C ALA I 157 16.23 25.15 -4.93
N GLU I 158 16.07 23.89 -4.52
CA GLU I 158 14.79 23.39 -3.99
C GLU I 158 14.40 24.08 -2.69
N VAL I 159 15.37 24.26 -1.79
CA VAL I 159 15.14 24.98 -0.53
C VAL I 159 14.67 26.40 -0.80
N GLN I 160 15.39 27.11 -1.68
CA GLN I 160 15.06 28.49 -2.02
C GLN I 160 13.65 28.65 -2.60
N ARG I 161 13.30 27.74 -3.53
CA ARG I 161 11.92 27.65 -4.05
C ARG I 161 10.88 27.52 -2.94
N SER I 162 11.13 26.60 -2.02
CA SER I 162 10.21 26.30 -0.91
C SER I 162 10.07 27.45 0.08
N VAL I 163 11.15 28.19 0.29
CA VAL I 163 11.12 29.42 1.10
C VAL I 163 10.23 30.49 0.46
N GLU I 164 10.29 30.62 -0.86
CA GLU I 164 9.46 31.60 -1.58
C GLU I 164 7.98 31.25 -1.55
N ARG I 165 7.66 29.98 -1.80
CA ARG I 165 6.28 29.50 -1.73
C ARG I 165 5.66 29.62 -0.34
N PHE I 166 6.48 29.55 0.70
CA PHE I 166 6.02 29.78 2.07
C PHE I 166 5.62 31.24 2.29
N LYS I 167 6.44 32.16 1.80
CA LYS I 167 6.16 33.60 1.87
C LYS I 167 5.00 34.01 0.96
N ALA I 168 4.94 33.42 -0.23
CA ALA I 168 3.82 33.62 -1.16
C ALA I 168 2.62 32.76 -0.74
N HIS J 8 4.19 -33.39 29.50
CA HIS J 8 4.80 -32.08 29.07
C HIS J 8 5.30 -32.16 27.61
N ALA J 9 6.07 -31.17 27.17
CA ALA J 9 6.42 -30.96 25.76
C ALA J 9 7.94 -31.01 25.52
N MET J 10 8.36 -30.64 24.30
CA MET J 10 9.78 -30.52 23.94
C MET J 10 10.30 -29.14 24.32
N GLN J 11 11.51 -29.10 24.90
CA GLN J 11 12.17 -27.84 25.22
C GLN J 11 13.69 -27.97 25.23
N PHE J 12 14.36 -26.82 25.10
CA PHE J 12 15.81 -26.73 25.05
C PHE J 12 16.26 -25.35 25.52
N ASP J 13 17.57 -25.21 25.73
CA ASP J 13 18.18 -23.95 26.13
C ASP J 13 18.71 -23.19 24.92
N VAL J 14 18.20 -21.97 24.73
CA VAL J 14 18.64 -21.06 23.68
C VAL J 14 19.55 -20.01 24.31
N THR J 15 20.77 -19.89 23.77
CA THR J 15 21.67 -18.80 24.12
C THR J 15 21.40 -17.65 23.16
N ILE J 16 20.96 -16.51 23.69
CA ILE J 16 20.72 -15.31 22.89
C ILE J 16 22.03 -14.59 22.63
N GLU J 17 22.31 -14.37 21.34
CA GLU J 17 23.48 -13.62 20.88
C GLU J 17 23.15 -12.14 20.66
N ILE J 18 22.01 -11.88 20.03
CA ILE J 18 21.60 -10.52 19.64
C ILE J 18 20.21 -10.24 20.21
N PRO J 19 20.08 -9.21 21.07
CA PRO J 19 18.74 -8.75 21.49
C PRO J 19 17.97 -8.07 20.37
N LYS J 20 16.64 -8.07 20.50
CA LYS J 20 15.76 -7.36 19.58
C LYS J 20 16.10 -5.88 19.55
N GLY J 21 16.03 -5.27 18.37
CA GLY J 21 16.31 -3.84 18.18
C GLY J 21 17.76 -3.49 17.88
N GLN J 22 18.61 -4.50 17.71
CA GLN J 22 20.06 -4.31 17.54
C GLN J 22 20.50 -4.25 16.08
N ARG J 23 21.43 -3.33 15.80
CA ARG J 23 22.17 -3.29 14.53
C ARG J 23 23.57 -3.91 14.67
N ASN J 24 24.05 -4.08 15.90
CA ASN J 24 25.32 -4.77 16.15
C ASN J 24 25.13 -6.28 16.10
N LYS J 25 25.71 -6.92 15.07
CA LYS J 25 25.67 -8.37 14.95
C LYS J 25 26.75 -9.02 15.82
N TYR J 26 26.30 -9.56 16.95
CA TYR J 26 27.15 -10.33 17.86
C TYR J 26 27.11 -11.83 17.52
N GLU J 27 28.20 -12.51 17.84
CA GLU J 27 28.33 -13.96 17.69
C GLU J 27 29.07 -14.55 18.89
N VAL J 28 28.67 -15.75 19.31
CA VAL J 28 29.42 -16.51 20.31
C VAL J 28 30.43 -17.40 19.59
N ASP J 29 31.69 -17.31 20.00
CA ASP J 29 32.72 -18.26 19.61
C ASP J 29 32.44 -19.57 20.35
N HIS J 30 32.09 -20.62 19.61
CA HIS J 30 31.59 -21.87 20.19
C HIS J 30 32.67 -22.77 20.80
N GLU J 31 33.94 -22.44 20.60
CA GLU J 31 35.06 -23.14 21.26
C GLU J 31 35.39 -22.53 22.62
N THR J 32 35.38 -21.21 22.71
CA THR J 32 35.73 -20.47 23.94
C THR J 32 34.51 -20.06 24.78
N GLY J 33 33.40 -19.73 24.12
CA GLY J 33 32.18 -19.25 24.79
C GLY J 33 32.13 -17.73 24.94
N ARG J 34 33.09 -17.03 24.33
CA ARG J 34 33.16 -15.57 24.38
C ARG J 34 32.21 -14.95 23.36
N VAL J 35 31.61 -13.82 23.74
CA VAL J 35 30.77 -13.03 22.84
C VAL J 35 31.68 -12.11 22.02
N ARG J 36 31.53 -12.16 20.71
CA ARG J 36 32.32 -11.37 19.77
C ARG J 36 31.39 -10.48 18.94
N LEU J 37 31.87 -9.28 18.60
CA LEU J 37 31.22 -8.47 17.55
C LEU J 37 31.71 -8.96 16.19
N ASP J 38 30.79 -9.52 15.41
CA ASP J 38 31.09 -9.91 14.04
C ASP J 38 31.19 -8.65 13.17
N ARG J 39 30.13 -7.85 13.15
CA ARG J 39 30.07 -6.61 12.36
C ARG J 39 28.85 -5.75 12.68
N TYR J 40 29.02 -4.43 12.55
CA TYR J 40 27.90 -3.49 12.50
C TYR J 40 27.23 -3.66 11.14
N LEU J 41 25.90 -3.80 11.13
CA LEU J 41 25.18 -4.10 9.89
C LEU J 41 25.28 -2.94 8.89
N TYR J 42 25.39 -3.30 7.61
CA TYR J 42 25.57 -2.33 6.54
C TYR J 42 24.25 -1.71 6.10
N THR J 43 23.13 -2.35 6.45
CA THR J 43 21.79 -1.84 6.18
C THR J 43 21.20 -1.20 7.44
N PRO J 44 20.26 -0.25 7.28
CA PRO J 44 19.60 0.39 8.43
C PRO J 44 18.45 -0.46 8.94
N MET J 45 18.82 -1.62 9.48
CA MET J 45 17.87 -2.62 9.94
C MET J 45 18.25 -3.07 11.34
N ALA J 46 17.26 -3.60 12.05
CA ALA J 46 17.45 -4.05 13.42
C ALA J 46 16.78 -5.41 13.60
N TYR J 47 17.43 -6.29 14.35
CA TYR J 47 16.93 -7.65 14.58
C TYR J 47 15.53 -7.62 15.19
N PRO J 48 14.54 -8.20 14.48
CA PRO J 48 13.13 -8.08 14.89
C PRO J 48 12.75 -8.91 16.11
N THR J 49 13.52 -9.96 16.39
CA THR J 49 13.38 -10.77 17.60
C THR J 49 14.76 -10.99 18.19
N ASP J 50 14.80 -11.46 19.43
CA ASP J 50 16.05 -11.93 20.03
C ASP J 50 16.55 -13.14 19.24
N TYR J 51 17.85 -13.15 18.99
CA TYR J 51 18.46 -14.08 18.04
C TYR J 51 19.67 -14.78 18.65
N GLY J 52 19.78 -16.08 18.42
CA GLY J 52 20.90 -16.86 18.94
C GLY J 52 20.95 -18.28 18.39
N PHE J 53 21.24 -19.24 19.26
CA PHE J 53 21.37 -20.64 18.87
C PHE J 53 20.98 -21.59 20.01
N ILE J 54 20.60 -22.80 19.66
CA ILE J 54 20.23 -23.83 20.63
C ILE J 54 21.50 -24.50 21.15
N GLU J 55 21.70 -24.46 22.47
CA GLU J 55 22.83 -25.12 23.11
C GLU J 55 22.77 -26.64 22.91
N ASP J 56 23.95 -27.25 22.78
CA ASP J 56 24.08 -28.69 22.53
C ASP J 56 23.31 -29.17 21.29
N THR J 57 23.45 -28.42 20.21
CA THR J 57 23.01 -28.85 18.88
C THR J 57 24.16 -28.68 17.90
N LEU J 58 24.01 -29.32 16.74
CA LEU J 58 25.02 -29.29 15.70
C LEU J 58 24.36 -29.47 14.33
N GLY J 59 24.56 -28.48 13.45
CA GLY J 59 24.08 -28.55 12.08
C GLY J 59 25.09 -29.24 11.17
N ASP J 60 24.68 -29.48 9.93
CA ASP J 60 25.59 -29.97 8.86
C ASP J 60 26.84 -29.09 8.70
N ASP J 61 26.63 -27.79 8.77
CA ASP J 61 27.72 -26.80 8.61
C ASP J 61 28.79 -26.78 9.71
N GLY J 62 28.52 -27.44 10.83
CA GLY J 62 29.47 -27.53 11.95
C GLY J 62 29.24 -26.50 13.06
N ASP J 63 28.12 -25.77 12.97
CA ASP J 63 27.72 -24.81 14.00
C ASP J 63 26.44 -25.28 14.69
N PRO J 64 26.13 -24.72 15.88
CA PRO J 64 24.84 -25.02 16.51
C PRO J 64 23.66 -24.44 15.72
N LEU J 65 22.51 -25.09 15.83
CA LEU J 65 21.29 -24.69 15.14
C LEU J 65 20.81 -23.33 15.64
N ASP J 66 20.47 -22.44 14.70
CA ASP J 66 20.03 -21.08 15.02
C ASP J 66 18.62 -21.06 15.62
N ALA J 67 18.36 -20.05 16.46
CA ALA J 67 17.06 -19.89 17.13
C ALA J 67 16.64 -18.43 17.24
N LEU J 68 15.34 -18.20 17.01
CA LEU J 68 14.68 -16.92 17.26
C LEU J 68 13.71 -17.11 18.42
N VAL J 69 13.70 -16.16 19.37
CA VAL J 69 12.83 -16.25 20.55
C VAL J 69 11.95 -15.00 20.67
N LEU J 70 10.63 -15.22 20.67
CA LEU J 70 9.65 -14.16 20.91
C LEU J 70 9.56 -13.88 22.41
N LEU J 71 9.77 -12.62 22.80
CA LEU J 71 9.76 -12.21 24.21
C LEU J 71 8.99 -10.91 24.42
N PRO J 72 8.43 -10.71 25.63
CA PRO J 72 7.81 -9.42 25.96
C PRO J 72 8.83 -8.31 26.23
N GLN J 73 10.03 -8.70 26.68
CA GLN J 73 11.16 -7.78 26.82
C GLN J 73 12.46 -8.51 26.42
N PRO J 74 13.37 -7.82 25.68
CA PRO J 74 14.63 -8.47 25.30
C PRO J 74 15.57 -8.75 26.47
N VAL J 75 16.57 -9.59 26.21
CA VAL J 75 17.61 -9.92 27.20
C VAL J 75 18.95 -9.31 26.76
N PHE J 76 20.03 -9.70 27.43
CA PHE J 76 21.40 -9.28 27.07
C PHE J 76 22.08 -10.37 26.22
N PRO J 77 23.14 -10.00 25.48
CA PRO J 77 23.91 -11.03 24.77
C PRO J 77 24.56 -12.02 25.73
N GLY J 78 24.48 -13.31 25.38
CA GLY J 78 25.02 -14.39 26.21
C GLY J 78 24.08 -14.97 27.25
N VAL J 79 22.86 -14.43 27.36
CA VAL J 79 21.86 -14.93 28.31
C VAL J 79 21.20 -16.20 27.78
N LEU J 80 20.87 -17.10 28.71
CA LEU J 80 20.16 -18.35 28.40
C LEU J 80 18.65 -18.16 28.57
N VAL J 81 17.89 -18.80 27.68
CA VAL J 81 16.42 -18.86 27.79
C VAL J 81 15.96 -20.28 27.50
N ALA J 82 15.24 -20.87 28.46
CA ALA J 82 14.58 -22.16 28.25
C ALA J 82 13.39 -21.89 27.35
N ALA J 83 13.38 -22.52 26.18
CA ALA J 83 12.38 -22.23 25.14
C ALA J 83 11.81 -23.51 24.54
N ARG J 84 10.69 -23.36 23.83
CA ARG J 84 10.04 -24.45 23.11
C ARG J 84 9.70 -24.02 21.68
N PRO J 85 9.80 -24.94 20.71
CA PRO J 85 9.63 -24.57 19.31
C PRO J 85 8.17 -24.41 18.91
N VAL J 86 7.90 -23.45 18.01
CA VAL J 86 6.58 -23.29 17.38
C VAL J 86 6.62 -23.24 15.84
N GLY J 87 7.80 -23.41 15.25
CA GLY J 87 7.98 -23.31 13.80
C GLY J 87 9.44 -23.08 13.43
N MET J 88 9.70 -22.96 12.13
CA MET J 88 11.06 -22.79 11.62
C MET J 88 11.10 -21.95 10.35
N PHE J 89 12.05 -21.01 10.32
CA PHE J 89 12.33 -20.20 9.15
C PHE J 89 13.41 -20.89 8.32
N ARG J 90 13.08 -21.24 7.09
CA ARG J 90 14.00 -21.90 6.17
C ARG J 90 14.62 -20.88 5.23
N MET J 91 15.95 -20.86 5.19
CA MET J 91 16.70 -19.83 4.47
C MET J 91 17.86 -20.46 3.69
N VAL J 92 18.27 -19.80 2.60
CA VAL J 92 19.47 -20.17 1.85
C VAL J 92 20.26 -18.91 1.54
N ASP J 93 21.56 -18.93 1.86
CA ASP J 93 22.46 -17.80 1.60
C ASP J 93 23.74 -18.29 0.88
N GLU J 94 24.73 -17.40 0.74
CA GLU J 94 26.03 -17.73 0.14
C GLU J 94 26.70 -19.03 0.63
N HIS J 95 26.47 -19.41 1.88
CA HIS J 95 27.02 -20.66 2.47
C HIS J 95 26.02 -21.83 2.48
N GLY J 96 24.94 -21.72 1.71
CA GLY J 96 23.92 -22.76 1.61
C GLY J 96 22.80 -22.60 2.62
N GLY J 97 22.16 -23.72 2.95
CA GLY J 97 21.00 -23.74 3.84
C GLY J 97 21.25 -23.15 5.21
N ASP J 98 20.25 -22.44 5.72
CA ASP J 98 20.31 -21.81 7.04
C ASP J 98 18.90 -21.87 7.63
N ASP J 99 18.71 -22.78 8.58
CA ASP J 99 17.43 -22.96 9.24
C ASP J 99 17.46 -22.28 10.61
N LYS J 100 16.38 -21.58 10.93
CA LYS J 100 16.25 -20.85 12.19
C LYS J 100 14.95 -21.23 12.87
N VAL J 101 15.07 -21.80 14.08
CA VAL J 101 13.91 -22.28 14.83
C VAL J 101 13.25 -21.12 15.57
N LEU J 102 11.95 -20.94 15.34
CA LEU J 102 11.17 -19.93 16.05
C LEU J 102 10.66 -20.52 17.35
N CYS J 103 10.95 -19.85 18.46
CA CYS J 103 10.61 -20.33 19.80
C CYS J 103 9.86 -19.30 20.63
N VAL J 104 9.21 -19.80 21.69
CA VAL J 104 8.65 -18.98 22.76
C VAL J 104 9.23 -19.51 24.08
N PRO J 105 9.14 -18.73 25.17
CA PRO J 105 9.65 -19.21 26.46
C PRO J 105 8.90 -20.44 26.99
N ALA J 106 9.66 -21.38 27.55
CA ALA J 106 9.11 -22.62 28.08
C ALA J 106 8.58 -22.42 29.51
N GLY J 107 7.52 -23.15 29.85
CA GLY J 107 6.92 -23.09 31.18
C GLY J 107 6.31 -21.73 31.52
N ASP J 108 5.82 -21.04 30.51
CA ASP J 108 5.27 -19.70 30.65
C ASP J 108 3.84 -19.67 30.09
N PRO J 109 2.81 -19.60 30.96
CA PRO J 109 1.42 -19.64 30.51
C PRO J 109 0.95 -18.46 29.64
N ARG J 110 1.70 -17.37 29.63
CA ARG J 110 1.42 -16.23 28.75
C ARG J 110 1.62 -16.54 27.26
N TRP J 111 2.32 -17.64 26.96
CA TRP J 111 2.52 -18.13 25.59
C TRP J 111 1.70 -19.37 25.24
N ASP J 112 0.69 -19.69 26.05
CA ASP J 112 -0.18 -20.87 25.84
C ASP J 112 -0.95 -20.85 24.53
N HIS J 113 -1.26 -19.66 24.05
CA HIS J 113 -1.97 -19.46 22.78
C HIS J 113 -1.12 -19.67 21.52
N VAL J 114 0.20 -19.79 21.69
CA VAL J 114 1.14 -19.99 20.58
C VAL J 114 1.73 -21.40 20.63
N GLN J 115 1.18 -22.29 19.80
CA GLN J 115 1.61 -23.68 19.73
C GLN J 115 2.23 -24.10 18.39
N ASP J 116 1.73 -23.55 17.30
CA ASP J 116 2.29 -23.80 15.97
C ASP J 116 2.52 -22.48 15.23
N ILE J 117 3.08 -22.55 14.02
CA ILE J 117 3.46 -21.36 13.24
C ILE J 117 2.27 -20.46 12.87
N GLY J 118 1.09 -21.06 12.69
CA GLY J 118 -0.14 -20.32 12.39
C GLY J 118 -0.70 -19.49 13.54
N ASP J 119 -0.18 -19.67 14.75
CA ASP J 119 -0.58 -18.87 15.92
C ASP J 119 0.19 -17.56 16.06
N VAL J 120 1.31 -17.44 15.37
CA VAL J 120 2.07 -16.19 15.31
C VAL J 120 1.45 -15.34 14.21
N PRO J 121 1.14 -14.05 14.50
CA PRO J 121 0.50 -13.22 13.47
C PRO J 121 1.40 -13.01 12.25
N ALA J 122 0.78 -12.97 11.07
CA ALA J 122 1.50 -12.89 9.79
C ALA J 122 2.37 -11.64 9.64
N PHE J 123 1.94 -10.53 10.24
CA PHE J 123 2.71 -9.28 10.23
C PHE J 123 4.10 -9.47 10.86
N GLU J 124 4.14 -10.20 11.97
CA GLU J 124 5.40 -10.51 12.66
C GLU J 124 6.27 -11.49 11.89
N LEU J 125 5.65 -12.48 11.25
CA LEU J 125 6.38 -13.46 10.44
C LEU J 125 6.92 -12.83 9.15
N ASP J 126 6.14 -11.96 8.52
CA ASP J 126 6.59 -11.20 7.35
C ASP J 126 7.76 -10.28 7.68
N ALA J 127 7.68 -9.59 8.81
CA ALA J 127 8.74 -8.70 9.28
C ALA J 127 10.06 -9.44 9.53
N ILE J 128 9.96 -10.59 10.20
CA ILE J 128 11.14 -11.45 10.44
C ILE J 128 11.74 -11.93 9.11
N LYS J 129 10.89 -12.38 8.20
CA LYS J 129 11.31 -12.79 6.86
C LYS J 129 12.01 -11.65 6.13
N HIS J 130 11.35 -10.49 6.11
CA HIS J 130 11.88 -9.28 5.50
C HIS J 130 13.28 -8.90 6.00
N PHE J 131 13.52 -9.07 7.30
CA PHE J 131 14.82 -8.76 7.88
C PHE J 131 15.91 -9.60 7.23
N PHE J 132 15.73 -10.92 7.30
CA PHE J 132 16.74 -11.84 6.81
C PHE J 132 16.93 -11.79 5.31
N VAL J 133 15.87 -11.47 4.55
CA VAL J 133 15.97 -11.29 3.10
C VAL J 133 16.86 -10.08 2.73
N HIS J 134 16.75 -8.99 3.49
CA HIS J 134 17.32 -7.69 3.11
C HIS J 134 18.54 -7.19 3.90
N TYR J 135 18.81 -7.75 5.08
CA TYR J 135 19.87 -7.22 5.96
C TYR J 135 21.31 -7.27 5.39
N LYS J 136 21.55 -8.16 4.44
CA LYS J 136 22.85 -8.27 3.73
C LYS J 136 22.83 -7.77 2.27
N ASP J 137 21.82 -6.99 1.91
CA ASP J 137 21.72 -6.43 0.55
C ASP J 137 23.01 -5.70 0.17
N LEU J 138 23.41 -4.75 1.03
CA LEU J 138 24.59 -3.92 0.80
C LEU J 138 25.95 -4.55 1.17
N GLU J 139 25.97 -5.86 1.34
CA GLU J 139 27.21 -6.60 1.47
C GLU J 139 27.47 -7.40 0.18
N PRO J 140 28.67 -7.23 -0.42
CA PRO J 140 29.00 -7.91 -1.67
C PRO J 140 29.32 -9.39 -1.47
N GLY J 141 28.79 -10.22 -2.36
CA GLY J 141 28.89 -11.68 -2.23
C GLY J 141 28.01 -12.27 -1.15
N LYS J 142 27.07 -11.48 -0.63
CA LYS J 142 26.11 -11.91 0.38
C LYS J 142 24.72 -11.67 -0.18
N PHE J 143 23.86 -12.67 -0.01
CA PHE J 143 22.50 -12.66 -0.54
C PHE J 143 21.65 -13.66 0.23
N VAL J 144 20.35 -13.60 0.00
CA VAL J 144 19.40 -14.53 0.62
C VAL J 144 18.40 -14.94 -0.45
N LYS J 145 18.33 -16.25 -0.69
CA LYS J 145 17.73 -16.81 -1.92
C LYS J 145 16.34 -17.40 -1.76
N ALA J 146 16.08 -18.05 -0.62
CA ALA J 146 14.83 -18.80 -0.42
C ALA J 146 14.34 -18.72 1.03
N ALA J 147 13.38 -17.82 1.26
CA ALA J 147 12.80 -17.61 2.59
C ALA J 147 11.40 -18.24 2.66
N ASP J 148 11.25 -19.28 3.47
CA ASP J 148 9.97 -19.95 3.69
C ASP J 148 9.79 -20.32 5.16
N TRP J 149 8.53 -20.30 5.60
CA TRP J 149 8.15 -20.73 6.95
C TRP J 149 7.58 -22.14 6.91
N VAL J 150 7.98 -22.96 7.88
CA VAL J 150 7.40 -24.30 8.06
C VAL J 150 6.90 -24.48 9.50
N ASP J 151 6.06 -25.49 9.68
CA ASP J 151 5.37 -25.71 10.95
C ASP J 151 6.28 -26.31 12.04
N ARG J 152 5.72 -26.44 13.25
CA ARG J 152 6.43 -26.95 14.43
C ARG J 152 6.99 -28.36 14.24
N ALA J 153 6.23 -29.23 13.59
CA ALA J 153 6.65 -30.62 13.35
C ALA J 153 7.99 -30.71 12.62
N GLU J 154 8.11 -29.96 11.52
CA GLU J 154 9.38 -29.86 10.77
C GLU J 154 10.50 -29.23 11.60
N ALA J 155 10.16 -28.21 12.39
CA ALA J 155 11.10 -27.59 13.32
C ALA J 155 11.63 -28.61 14.33
N GLU J 156 10.72 -29.32 14.97
CA GLU J 156 11.06 -30.37 15.95
C GLU J 156 11.94 -31.46 15.36
N ALA J 157 11.63 -31.88 14.13
CA ALA J 157 12.42 -32.89 13.41
C ALA J 157 13.87 -32.45 13.22
N GLU J 158 14.04 -31.23 12.72
CA GLU J 158 15.37 -30.62 12.53
C GLU J 158 16.17 -30.46 13.83
N VAL J 159 15.48 -30.13 14.93
CA VAL J 159 16.11 -30.05 16.24
C VAL J 159 16.64 -31.42 16.65
N GLN J 160 15.76 -32.42 16.61
CA GLN J 160 16.12 -33.81 16.92
C GLN J 160 17.30 -34.29 16.07
N ARG J 161 17.24 -33.98 14.78
CA ARG J 161 18.33 -34.24 13.83
C ARG J 161 19.65 -33.62 14.31
N SER J 162 19.59 -32.35 14.70
CA SER J 162 20.75 -31.58 15.13
C SER J 162 21.31 -31.99 16.51
N VAL J 163 20.45 -32.55 17.36
CA VAL J 163 20.88 -33.09 18.66
C VAL J 163 21.69 -34.38 18.48
N GLU J 164 21.25 -35.23 17.55
CA GLU J 164 21.94 -36.48 17.22
C GLU J 164 23.31 -36.25 16.61
N ARG J 165 23.41 -35.26 15.71
CA ARG J 165 24.70 -34.84 15.14
C ARG J 165 25.66 -34.31 16.21
N PHE J 166 25.12 -33.61 17.20
CA PHE J 166 25.90 -33.10 18.33
C PHE J 166 26.50 -34.23 19.16
N LYS J 167 25.70 -35.28 19.40
CA LYS J 167 26.17 -36.49 20.09
C LYS J 167 27.24 -37.23 19.30
N ALA J 168 27.03 -37.37 17.99
CA ALA J 168 28.03 -37.96 17.09
C ALA J 168 29.13 -36.95 16.80
N ALA K 9 36.48 -4.37 59.36
CA ALA K 9 35.07 -4.33 58.84
C ALA K 9 34.84 -5.42 57.81
N MET K 10 33.73 -6.15 57.97
CA MET K 10 33.36 -7.22 57.04
C MET K 10 33.10 -6.65 55.65
N GLN K 11 33.64 -7.31 54.64
CA GLN K 11 33.32 -7.03 53.25
C GLN K 11 33.37 -8.32 52.43
N PHE K 12 32.66 -8.31 51.31
CA PHE K 12 32.51 -9.50 50.46
C PHE K 12 32.20 -9.10 49.02
N ASP K 13 32.29 -10.09 48.12
CA ASP K 13 31.97 -9.90 46.70
C ASP K 13 30.52 -10.28 46.41
N VAL K 14 29.79 -9.34 45.81
CA VAL K 14 28.42 -9.54 45.35
C VAL K 14 28.44 -9.64 43.83
N THR K 15 27.83 -10.71 43.31
CA THR K 15 27.53 -10.83 41.87
C THR K 15 26.12 -10.31 41.65
N ILE K 16 25.99 -9.22 40.91
CA ILE K 16 24.69 -8.65 40.56
C ILE K 16 24.05 -9.50 39.46
N GLU K 17 22.87 -10.05 39.76
CA GLU K 17 22.05 -10.81 38.82
C GLU K 17 21.10 -9.88 38.05
N ILE K 18 20.42 -9.00 38.78
CA ILE K 18 19.38 -8.12 38.22
C ILE K 18 19.71 -6.65 38.53
N PRO K 19 19.95 -5.83 37.48
CA PRO K 19 20.09 -4.39 37.72
C PRO K 19 18.79 -3.72 38.12
N LYS K 20 18.91 -2.60 38.81
CA LYS K 20 17.77 -1.77 39.20
C LYS K 20 16.95 -1.34 37.97
N GLY K 21 15.63 -1.31 38.13
CA GLY K 21 14.71 -0.91 37.06
C GLY K 21 14.24 -2.02 36.12
N GLN K 22 14.62 -3.26 36.43
CA GLN K 22 14.35 -4.41 35.54
C GLN K 22 13.08 -5.17 35.93
N ARG K 23 12.27 -5.48 34.91
CA ARG K 23 11.16 -6.43 35.05
C ARG K 23 11.58 -7.85 34.63
N ASN K 24 12.68 -7.98 33.90
CA ASN K 24 13.27 -9.30 33.61
C ASN K 24 14.01 -9.85 34.83
N LYS K 25 13.59 -11.03 35.26
CA LYS K 25 14.17 -11.70 36.42
C LYS K 25 15.29 -12.64 35.95
N TYR K 26 16.50 -12.10 35.88
CA TYR K 26 17.69 -12.90 35.57
C TYR K 26 18.20 -13.62 36.80
N GLU K 27 18.88 -14.74 36.59
CA GLU K 27 19.59 -15.45 37.66
C GLU K 27 20.85 -16.10 37.11
N VAL K 28 21.87 -16.16 37.96
CA VAL K 28 23.14 -16.82 37.60
C VAL K 28 23.08 -18.29 38.03
N ASP K 29 23.47 -19.17 37.11
CA ASP K 29 23.66 -20.58 37.42
C ASP K 29 24.97 -20.73 38.19
N HIS K 30 24.95 -21.51 39.26
CA HIS K 30 26.06 -21.56 40.21
C HIS K 30 27.11 -22.63 39.89
N GLU K 31 26.71 -23.67 39.16
CA GLU K 31 27.66 -24.62 38.57
C GLU K 31 28.43 -24.00 37.41
N THR K 32 27.71 -23.41 36.47
CA THR K 32 28.27 -22.96 35.19
C THR K 32 28.71 -21.49 35.16
N GLY K 33 28.01 -20.62 35.88
CA GLY K 33 28.25 -19.17 35.86
C GLY K 33 27.51 -18.42 34.75
N ARG K 34 26.69 -19.13 33.98
CA ARG K 34 25.90 -18.52 32.91
C ARG K 34 24.73 -17.74 33.50
N VAL K 35 24.42 -16.60 32.88
CA VAL K 35 23.23 -15.82 33.23
C VAL K 35 22.05 -16.39 32.45
N ARG K 36 20.94 -16.61 33.15
CA ARG K 36 19.71 -17.14 32.56
C ARG K 36 18.57 -16.19 32.86
N LEU K 37 17.63 -16.06 31.91
CA LEU K 37 16.35 -15.42 32.17
C LEU K 37 15.44 -16.45 32.83
N ASP K 38 15.19 -16.27 34.14
CA ASP K 38 14.25 -17.14 34.85
C ASP K 38 12.85 -16.90 34.32
N ARG K 39 12.40 -15.65 34.41
CA ARG K 39 11.09 -15.25 33.90
C ARG K 39 10.91 -13.73 33.84
N TYR K 40 10.02 -13.29 32.97
CA TYR K 40 9.48 -11.94 32.97
C TYR K 40 8.49 -11.88 34.12
N LEU K 41 8.60 -10.88 34.99
CA LEU K 41 7.69 -10.75 36.14
C LEU K 41 6.25 -10.57 35.68
N TYR K 42 5.33 -11.17 36.43
CA TYR K 42 3.91 -11.12 36.11
C TYR K 42 3.24 -9.84 36.62
N THR K 43 3.91 -9.15 37.54
CA THR K 43 3.40 -7.87 38.06
C THR K 43 4.10 -6.70 37.37
N PRO K 44 3.44 -5.52 37.31
CA PRO K 44 4.02 -4.31 36.71
C PRO K 44 4.98 -3.63 37.69
N MET K 45 6.04 -4.34 38.05
CA MET K 45 6.98 -3.91 39.07
C MET K 45 8.39 -4.09 38.56
N ALA K 46 9.32 -3.41 39.21
CA ALA K 46 10.72 -3.42 38.82
C ALA K 46 11.60 -3.40 40.05
N TYR K 47 12.72 -4.12 39.98
CA TYR K 47 13.63 -4.25 41.12
C TYR K 47 14.12 -2.86 41.56
N PRO K 48 13.82 -2.46 42.82
CA PRO K 48 14.14 -1.12 43.30
C PRO K 48 15.62 -0.84 43.53
N THR K 49 16.41 -1.92 43.66
CA THR K 49 17.87 -1.82 43.77
C THR K 49 18.50 -2.89 42.91
N ASP K 50 19.82 -2.81 42.75
CA ASP K 50 20.60 -3.88 42.13
C ASP K 50 20.58 -5.10 43.04
N TYR K 51 20.34 -6.26 42.44
CA TYR K 51 19.99 -7.50 43.16
C TYR K 51 20.90 -8.64 42.73
N GLY K 52 21.24 -9.50 43.68
CA GLY K 52 22.08 -10.64 43.38
C GLY K 52 22.34 -11.53 44.59
N PHE K 53 23.59 -11.95 44.74
CA PHE K 53 23.99 -12.84 45.82
C PHE K 53 25.46 -12.65 46.19
N ILE K 54 25.78 -12.99 47.43
CA ILE K 54 27.16 -12.91 47.93
C ILE K 54 27.92 -14.15 47.47
N GLU K 55 29.09 -13.93 46.88
CA GLU K 55 29.96 -15.02 46.42
C GLU K 55 30.48 -15.84 47.60
N ASP K 56 30.67 -17.14 47.37
CA ASP K 56 31.20 -18.08 48.38
C ASP K 56 30.34 -18.12 49.65
N THR K 57 29.01 -18.13 49.47
CA THR K 57 28.06 -18.31 50.56
C THR K 57 27.03 -19.39 50.22
N LEU K 58 26.37 -19.90 51.26
CA LEU K 58 25.35 -20.93 51.11
C LEU K 58 24.34 -20.87 52.24
N GLY K 59 23.07 -20.64 51.88
CA GLY K 59 21.95 -20.76 52.83
C GLY K 59 21.47 -22.20 52.88
N ASP K 60 20.67 -22.51 53.90
CA ASP K 60 20.11 -23.88 54.06
C ASP K 60 18.99 -24.27 53.06
N ASP K 61 18.68 -23.38 52.13
CA ASP K 61 17.84 -23.71 50.95
C ASP K 61 18.65 -24.28 49.78
N GLY K 62 19.97 -24.19 49.85
CA GLY K 62 20.88 -24.70 48.81
C GLY K 62 21.46 -23.66 47.87
N ASP K 63 20.95 -22.43 47.95
CA ASP K 63 21.39 -21.32 47.11
C ASP K 63 22.18 -20.29 47.93
N PRO K 64 23.07 -19.52 47.27
CA PRO K 64 23.78 -18.43 47.94
C PRO K 64 22.87 -17.39 48.59
N LEU K 65 23.41 -16.67 49.56
CA LEU K 65 22.67 -15.67 50.31
C LEU K 65 22.38 -14.48 49.40
N ASP K 66 21.11 -14.09 49.32
CA ASP K 66 20.68 -12.96 48.48
C ASP K 66 21.31 -11.66 48.98
N ALA K 67 21.46 -10.71 48.06
CA ALA K 67 22.11 -9.42 48.35
C ALA K 67 21.47 -8.29 47.55
N LEU K 68 21.25 -7.16 48.23
CA LEU K 68 20.77 -5.92 47.63
C LEU K 68 21.91 -4.90 47.78
N VAL K 69 22.26 -4.24 46.68
CA VAL K 69 23.35 -3.26 46.69
C VAL K 69 22.84 -1.91 46.22
N LEU K 70 23.05 -0.88 47.05
CA LEU K 70 22.72 0.50 46.70
C LEU K 70 23.84 1.09 45.84
N LEU K 71 23.46 1.60 44.67
CA LEU K 71 24.44 2.16 43.73
C LEU K 71 23.95 3.51 43.17
N PRO K 72 24.90 4.38 42.76
CA PRO K 72 24.52 5.61 42.06
C PRO K 72 24.09 5.34 40.61
N GLN K 73 24.64 4.28 40.01
CA GLN K 73 24.26 3.83 38.67
C GLN K 73 24.25 2.29 38.67
N PRO K 74 23.24 1.68 38.02
CA PRO K 74 23.22 0.21 37.96
C PRO K 74 24.39 -0.40 37.18
N VAL K 75 24.62 -1.69 37.38
CA VAL K 75 25.60 -2.46 36.60
C VAL K 75 24.83 -3.36 35.62
N PHE K 76 25.45 -4.45 35.19
CA PHE K 76 24.88 -5.45 34.25
CA PHE K 76 24.71 -5.41 34.35
C PHE K 76 24.82 -6.82 34.94
N PRO K 77 23.97 -7.74 34.45
CA PRO K 77 24.02 -9.10 35.03
C PRO K 77 25.39 -9.76 34.93
N GLY K 78 25.86 -10.31 36.05
CA GLY K 78 27.14 -11.02 36.12
C GLY K 78 28.32 -10.20 36.62
N VAL K 79 28.09 -8.91 36.90
CA VAL K 79 29.15 -8.01 37.35
C VAL K 79 29.45 -8.19 38.83
N LEU K 80 30.73 -8.24 39.17
CA LEU K 80 31.19 -8.30 40.55
C LEU K 80 31.27 -6.92 41.17
N VAL K 81 30.92 -6.84 42.46
CA VAL K 81 31.02 -5.61 43.24
C VAL K 81 31.48 -6.00 44.65
N ALA K 82 32.56 -5.38 45.10
CA ALA K 82 32.99 -5.49 46.49
C ALA K 82 32.06 -4.62 47.33
N ALA K 83 31.44 -5.22 48.36
CA ALA K 83 30.44 -4.53 49.17
C ALA K 83 30.57 -4.86 50.65
N ARG K 84 29.90 -4.05 51.47
CA ARG K 84 29.83 -4.25 52.91
C ARG K 84 28.38 -4.09 53.40
N PRO K 85 27.95 -4.92 54.37
CA PRO K 85 26.55 -4.94 54.77
C PRO K 85 26.19 -3.83 55.75
N VAL K 86 24.97 -3.31 55.64
CA VAL K 86 24.43 -2.28 56.55
C VAL K 86 23.08 -2.66 57.17
N GLY K 87 22.63 -3.89 56.92
CA GLY K 87 21.30 -4.34 57.36
C GLY K 87 20.85 -5.55 56.57
N MET K 88 19.66 -6.04 56.88
CA MET K 88 19.12 -7.25 56.24
C MET K 88 17.59 -7.23 56.22
N PHE K 89 17.03 -7.67 55.10
CA PHE K 89 15.58 -7.79 54.92
C PHE K 89 15.15 -9.23 55.21
N ARG K 90 14.26 -9.39 56.20
CA ARG K 90 13.77 -10.72 56.63
C ARG K 90 12.35 -10.96 56.15
N MET K 91 12.12 -12.14 55.56
CA MET K 91 10.84 -12.48 54.94
C MET K 91 10.40 -13.90 55.30
N VAL K 92 9.08 -14.09 55.45
CA VAL K 92 8.47 -15.41 55.43
C VAL K 92 7.44 -15.42 54.31
N ASP K 93 7.64 -16.31 53.34
CA ASP K 93 6.70 -16.50 52.22
C ASP K 93 6.20 -17.95 52.23
N GLU K 94 5.55 -18.39 51.15
CA GLU K 94 5.19 -19.81 50.96
C GLU K 94 6.34 -20.82 51.15
N HIS K 95 7.56 -20.44 50.76
CA HIS K 95 8.76 -21.28 50.98
C HIS K 95 9.31 -21.27 52.41
N GLY K 96 8.80 -20.37 53.25
CA GLY K 96 9.33 -20.13 54.59
C GLY K 96 10.30 -18.96 54.59
N GLY K 97 11.39 -19.10 55.32
CA GLY K 97 12.32 -17.99 55.57
C GLY K 97 13.15 -17.58 54.36
N ASP K 98 13.29 -16.27 54.17
CA ASP K 98 14.15 -15.70 53.12
C ASP K 98 14.83 -14.42 53.63
N ASP K 99 16.16 -14.44 53.61
CA ASP K 99 16.98 -13.30 54.05
C ASP K 99 17.69 -12.65 52.87
N LYS K 100 17.69 -11.31 52.85
CA LYS K 100 18.34 -10.52 51.79
C LYS K 100 19.18 -9.41 52.43
N VAL K 101 20.49 -9.45 52.20
CA VAL K 101 21.43 -8.52 52.86
C VAL K 101 21.52 -7.21 52.09
N LEU K 102 21.23 -6.10 52.77
CA LEU K 102 21.39 -4.77 52.18
C LEU K 102 22.83 -4.30 52.32
N CYS K 103 23.45 -3.91 51.19
CA CYS K 103 24.85 -3.52 51.14
C CYS K 103 25.08 -2.19 50.44
N VAL K 104 26.29 -1.67 50.61
CA VAL K 104 26.80 -0.52 49.87
C VAL K 104 28.19 -0.88 49.35
N PRO K 105 28.72 -0.12 48.36
CA PRO K 105 30.07 -0.43 47.87
C PRO K 105 31.17 -0.23 48.91
N ALA K 106 32.12 -1.16 48.94
CA ALA K 106 33.20 -1.17 49.93
C ALA K 106 34.42 -0.45 49.39
N GLY K 107 35.14 0.23 50.29
CA GLY K 107 36.29 1.06 49.91
C GLY K 107 35.91 2.29 49.09
N ASP K 108 34.68 2.77 49.31
CA ASP K 108 34.14 3.92 48.59
C ASP K 108 33.70 4.96 49.62
N PRO K 109 34.47 6.07 49.76
CA PRO K 109 34.13 7.12 50.75
C PRO K 109 32.74 7.76 50.59
N ARG K 110 32.18 7.72 49.39
CA ARG K 110 30.82 8.18 49.12
C ARG K 110 29.71 7.48 49.91
N TRP K 111 30.03 6.34 50.53
CA TRP K 111 29.07 5.59 51.36
C TRP K 111 29.46 5.41 52.82
N ASP K 112 30.48 6.14 53.30
CA ASP K 112 30.91 6.07 54.70
C ASP K 112 29.87 6.58 55.70
N HIS K 113 28.97 7.45 55.23
CA HIS K 113 27.83 7.93 56.04
C HIS K 113 26.74 6.87 56.28
N VAL K 114 26.69 5.85 55.41
CA VAL K 114 25.77 4.72 55.59
C VAL K 114 26.51 3.60 56.33
N GLN K 115 26.26 3.48 57.63
CA GLN K 115 26.90 2.46 58.49
C GLN K 115 25.94 1.42 59.09
N ASP K 116 24.63 1.72 59.12
CA ASP K 116 23.65 0.76 59.65
C ASP K 116 22.27 1.10 59.07
N ILE K 117 21.29 0.22 59.31
CA ILE K 117 19.96 0.30 58.69
C ILE K 117 19.23 1.63 58.91
N GLY K 118 19.48 2.26 60.06
CA GLY K 118 18.95 3.61 60.35
C GLY K 118 19.42 4.72 59.41
N ASP K 119 20.60 4.54 58.83
CA ASP K 119 21.19 5.51 57.88
C ASP K 119 20.60 5.45 56.46
N VAL K 120 19.83 4.40 56.16
CA VAL K 120 19.12 4.30 54.87
C VAL K 120 17.75 4.95 55.07
N PRO K 121 17.36 5.89 54.18
CA PRO K 121 16.05 6.53 54.33
C PRO K 121 14.89 5.53 54.35
N ALA K 122 13.93 5.77 55.22
CA ALA K 122 12.77 4.89 55.40
C ALA K 122 11.99 4.63 54.11
N PHE K 123 11.90 5.66 53.26
CA PHE K 123 11.21 5.57 51.98
C PHE K 123 11.82 4.55 51.01
N GLU K 124 13.15 4.45 50.99
CA GLU K 124 13.85 3.44 50.20
C GLU K 124 13.64 2.01 50.74
N LEU K 125 13.67 1.87 52.06
CA LEU K 125 13.47 0.57 52.72
C LEU K 125 12.05 0.04 52.54
N ASP K 126 11.07 0.94 52.60
CA ASP K 126 9.67 0.59 52.36
C ASP K 126 9.44 0.13 50.92
N ALA K 127 10.01 0.88 49.97
CA ALA K 127 9.94 0.53 48.55
C ALA K 127 10.47 -0.87 48.29
N ILE K 128 11.65 -1.17 48.82
CA ILE K 128 12.24 -2.51 48.76
C ILE K 128 11.29 -3.57 49.32
N LYS K 129 10.79 -3.32 50.54
CA LYS K 129 9.84 -4.24 51.19
C LYS K 129 8.61 -4.47 50.33
N HIS K 130 8.05 -3.38 49.80
CA HIS K 130 6.86 -3.42 48.93
C HIS K 130 7.06 -4.28 47.68
N PHE K 131 8.26 -4.21 47.09
CA PHE K 131 8.59 -5.03 45.92
C PHE K 131 8.45 -6.51 46.24
N PHE K 132 9.19 -6.95 47.24
CA PHE K 132 9.26 -8.36 47.60
C PHE K 132 7.96 -8.91 48.21
N VAL K 133 7.17 -8.03 48.84
CA VAL K 133 5.84 -8.40 49.32
C VAL K 133 4.86 -8.66 48.17
N HIS K 134 4.95 -7.84 47.10
CA HIS K 134 3.92 -7.82 46.04
C HIS K 134 4.30 -8.34 44.65
N TYR K 135 5.58 -8.59 44.39
CA TYR K 135 6.01 -8.95 43.02
C TYR K 135 5.57 -10.31 42.48
N LYS K 136 5.18 -11.23 43.38
CA LYS K 136 4.59 -12.51 42.97
C LYS K 136 3.08 -12.61 43.25
N ASP K 137 2.40 -11.46 43.35
CA ASP K 137 0.95 -11.43 43.63
C ASP K 137 0.10 -12.12 42.55
N LEU K 138 0.55 -12.05 41.29
CA LEU K 138 -0.15 -12.68 40.16
C LEU K 138 0.43 -14.05 39.74
N GLU K 139 1.24 -14.64 40.61
CA GLU K 139 1.70 -16.01 40.45
C GLU K 139 0.90 -16.92 41.38
N PRO K 140 0.46 -18.10 40.89
CA PRO K 140 -0.36 -18.98 41.71
C PRO K 140 0.40 -19.68 42.82
N GLY K 141 -0.27 -19.88 43.96
CA GLY K 141 0.30 -20.61 45.09
C GLY K 141 1.35 -19.85 45.89
N LYS K 142 1.33 -18.52 45.78
CA LYS K 142 2.31 -17.65 46.45
C LYS K 142 1.62 -16.78 47.50
N PHE K 143 2.27 -16.61 48.65
CA PHE K 143 1.82 -15.67 49.69
C PHE K 143 2.98 -15.21 50.56
N VAL K 144 2.73 -14.14 51.31
CA VAL K 144 3.72 -13.52 52.20
C VAL K 144 3.11 -13.34 53.59
N LYS K 145 3.71 -13.99 54.59
CA LYS K 145 3.20 -13.94 55.97
C LYS K 145 3.82 -12.80 56.78
N ALA K 146 5.08 -12.48 56.53
CA ALA K 146 5.80 -11.46 57.29
C ALA K 146 6.95 -10.85 56.50
N ALA K 147 7.24 -9.58 56.78
CA ALA K 147 8.32 -8.83 56.14
C ALA K 147 8.80 -7.72 57.06
N ASP K 148 10.09 -7.75 57.41
CA ASP K 148 10.67 -6.71 58.28
C ASP K 148 12.19 -6.58 58.12
N TRP K 149 12.70 -5.46 58.62
CA TRP K 149 14.12 -5.08 58.51
C TRP K 149 14.84 -5.32 59.84
N VAL K 150 16.08 -5.80 59.74
CA VAL K 150 16.97 -5.93 60.89
C VAL K 150 18.30 -5.24 60.62
N ASP K 151 19.07 -5.02 61.69
CA ASP K 151 20.28 -4.19 61.64
C ASP K 151 21.52 -4.91 61.09
N ARG K 152 22.63 -4.18 61.05
CA ARG K 152 23.92 -4.67 60.53
C ARG K 152 24.47 -5.87 61.30
N ALA K 153 24.32 -5.87 62.63
CA ALA K 153 24.81 -6.96 63.47
C ALA K 153 24.13 -8.29 63.14
N GLU K 154 22.81 -8.26 62.97
CA GLU K 154 22.05 -9.44 62.51
C GLU K 154 22.44 -9.88 61.10
N ALA K 155 22.74 -8.90 60.25
CA ALA K 155 23.14 -9.14 58.86
C ALA K 155 24.51 -9.81 58.78
N GLU K 156 25.49 -9.23 59.46
CA GLU K 156 26.85 -9.80 59.53
C GLU K 156 26.87 -11.20 60.16
N ALA K 157 25.98 -11.43 61.12
CA ALA K 157 25.83 -12.76 61.73
C ALA K 157 25.35 -13.80 60.72
N GLU K 158 24.33 -13.44 59.94
CA GLU K 158 23.79 -14.33 58.90
C GLU K 158 24.77 -14.57 57.74
N VAL K 159 25.52 -13.53 57.37
CA VAL K 159 26.59 -13.67 56.37
C VAL K 159 27.63 -14.67 56.87
N GLN K 160 28.06 -14.51 58.12
CA GLN K 160 29.04 -15.41 58.73
C GLN K 160 28.56 -16.87 58.78
N ARG K 161 27.28 -17.07 59.09
CA ARG K 161 26.66 -18.40 59.03
C ARG K 161 26.71 -18.99 57.62
N SER K 162 26.34 -18.17 56.63
CA SER K 162 26.30 -18.60 55.24
C SER K 162 27.68 -18.87 54.65
N VAL K 163 28.69 -18.11 55.08
CA VAL K 163 30.09 -18.38 54.73
C VAL K 163 30.52 -19.73 55.29
N GLU K 164 30.22 -19.95 56.57
CA GLU K 164 30.50 -21.23 57.24
C GLU K 164 29.83 -22.42 56.56
N ARG K 165 28.56 -22.27 56.20
CA ARG K 165 27.83 -23.32 55.47
C ARG K 165 28.45 -23.63 54.10
N PHE K 166 28.98 -22.59 53.44
CA PHE K 166 29.67 -22.77 52.16
C PHE K 166 30.94 -23.59 52.30
N LYS K 167 31.72 -23.33 53.35
CA LYS K 167 32.99 -24.03 53.58
C LYS K 167 32.83 -25.53 53.97
N ALA K 168 31.62 -25.93 54.34
CA ALA K 168 31.31 -27.33 54.66
C ALA K 168 30.31 -27.91 53.65
N ALA L 9 49.96 -7.02 7.76
CA ALA L 9 49.06 -6.03 8.43
C ALA L 9 48.62 -6.54 9.80
N MET L 10 49.11 -5.87 10.86
CA MET L 10 48.86 -6.29 12.23
C MET L 10 47.40 -6.15 12.62
N GLN L 11 46.86 -7.19 13.23
CA GLN L 11 45.55 -7.15 13.88
C GLN L 11 45.50 -8.08 15.09
N PHE L 12 44.53 -7.84 15.95
CA PHE L 12 44.40 -8.56 17.22
C PHE L 12 42.99 -8.45 17.77
N ASP L 13 42.69 -9.26 18.78
CA ASP L 13 41.41 -9.23 19.49
C ASP L 13 41.48 -8.30 20.70
N VAL L 14 40.54 -7.37 20.76
CA VAL L 14 40.38 -6.47 21.91
C VAL L 14 39.15 -6.90 22.68
N THR L 15 39.30 -7.00 24.01
CA THR L 15 38.17 -7.18 24.92
C THR L 15 37.77 -5.81 25.44
N ILE L 16 36.54 -5.40 25.14
CA ILE L 16 36.00 -4.12 25.59
C ILE L 16 35.49 -4.27 27.03
N GLU L 17 36.06 -3.50 27.94
CA GLU L 17 35.63 -3.43 29.34
C GLU L 17 34.56 -2.37 29.55
N ILE L 18 34.77 -1.19 28.98
CA ILE L 18 33.89 -0.04 29.17
C ILE L 18 33.38 0.46 27.83
N PRO L 19 32.06 0.37 27.58
CA PRO L 19 31.49 0.99 26.38
C PRO L 19 31.53 2.52 26.44
N LYS L 20 31.60 3.13 25.27
CA LYS L 20 31.51 4.58 25.11
C LYS L 20 30.27 5.14 25.82
N GLY L 21 30.45 6.23 26.56
CA GLY L 21 29.35 6.88 27.29
C GLY L 21 29.16 6.44 28.74
N GLN L 22 30.04 5.57 29.23
CA GLN L 22 29.90 5.02 30.59
C GLN L 22 30.64 5.82 31.65
N ARG L 23 29.97 6.04 32.78
CA ARG L 23 30.61 6.53 34.01
C ARG L 23 30.99 5.40 34.98
N ASN L 24 30.38 4.22 34.82
CA ASN L 24 30.81 3.02 35.56
C ASN L 24 32.13 2.50 34.99
N LYS L 25 33.13 2.40 35.87
CA LYS L 25 34.47 1.95 35.51
C LYS L 25 34.56 0.44 35.71
N TYR L 26 34.26 -0.31 34.66
CA TYR L 26 34.34 -1.77 34.66
C TYR L 26 35.76 -2.27 34.38
N GLU L 27 36.11 -3.39 35.00
CA GLU L 27 37.38 -4.08 34.77
C GLU L 27 37.17 -5.58 34.71
N VAL L 28 37.86 -6.24 33.78
CA VAL L 28 37.94 -7.69 33.76
C VAL L 28 39.07 -8.14 34.69
N ASP L 29 38.77 -9.11 35.54
CA ASP L 29 39.77 -9.80 36.34
C ASP L 29 40.43 -10.81 35.40
N HIS L 30 41.73 -10.66 35.19
CA HIS L 30 42.46 -11.44 34.17
C HIS L 30 42.80 -12.86 34.63
N GLU L 31 42.68 -13.12 35.92
CA GLU L 31 42.82 -14.48 36.47
C GLU L 31 41.58 -15.33 36.20
N THR L 32 40.40 -14.75 36.39
CA THR L 32 39.11 -15.48 36.30
C THR L 32 38.24 -15.16 35.07
N GLY L 33 38.32 -13.93 34.58
CA GLY L 33 37.53 -13.48 33.42
C GLY L 33 36.17 -12.88 33.74
N ARG L 34 35.88 -12.72 35.04
CA ARG L 34 34.69 -12.02 35.52
C ARG L 34 34.85 -10.52 35.29
N VAL L 35 33.73 -9.86 35.01
CA VAL L 35 33.69 -8.40 34.92
C VAL L 35 33.37 -7.86 36.32
N ARG L 36 34.12 -6.84 36.74
CA ARG L 36 33.97 -6.23 38.06
C ARG L 36 33.73 -4.73 37.90
N LEU L 37 32.86 -4.19 38.75
CA LEU L 37 32.75 -2.74 38.89
C LEU L 37 33.89 -2.28 39.77
N ASP L 38 34.91 -1.68 39.16
CA ASP L 38 36.03 -1.12 39.90
C ASP L 38 35.55 0.07 40.72
N ARG L 39 34.95 1.05 40.04
CA ARG L 39 34.38 2.23 40.69
C ARG L 39 33.45 3.03 39.77
N TYR L 40 32.60 3.84 40.38
CA TYR L 40 31.84 4.89 39.70
C TYR L 40 32.79 6.09 39.65
N LEU L 41 33.04 6.63 38.46
CA LEU L 41 33.98 7.77 38.32
C LEU L 41 33.55 8.94 39.20
N TYR L 42 34.52 9.53 39.88
CA TYR L 42 34.26 10.66 40.79
C TYR L 42 34.01 11.97 40.04
N THR L 43 34.45 12.03 38.78
CA THR L 43 34.19 13.16 37.89
C THR L 43 32.96 12.92 37.01
N PRO L 44 32.32 14.02 36.52
CA PRO L 44 31.13 13.94 35.66
C PRO L 44 31.50 13.72 34.18
N MET L 45 32.25 12.66 33.92
CA MET L 45 32.80 12.38 32.60
C MET L 45 32.40 10.98 32.18
N ALA L 46 32.61 10.69 30.90
CA ALA L 46 32.26 9.41 30.31
C ALA L 46 33.30 9.02 29.28
N TYR L 47 33.56 7.71 29.18
CA TYR L 47 34.58 7.21 28.26
C TYR L 47 34.20 7.58 26.82
N PRO L 48 35.06 8.36 26.13
CA PRO L 48 34.72 8.88 24.80
C PRO L 48 34.72 7.83 23.69
N THR L 49 35.39 6.71 23.92
CA THR L 49 35.33 5.54 23.02
C THR L 49 35.11 4.29 23.86
N ASP L 50 34.88 3.17 23.18
CA ASP L 50 34.87 1.86 23.83
C ASP L 50 36.30 1.53 24.27
N TYR L 51 36.44 1.12 25.53
CA TYR L 51 37.73 0.99 26.20
C TYR L 51 37.94 -0.44 26.71
N GLY L 52 39.18 -0.91 26.65
CA GLY L 52 39.53 -2.23 27.14
C GLY L 52 41.00 -2.56 27.00
N PHE L 53 41.28 -3.82 26.64
CA PHE L 53 42.66 -4.32 26.55
C PHE L 53 42.82 -5.33 25.41
N ILE L 54 44.08 -5.59 25.05
CA ILE L 54 44.41 -6.48 23.94
C ILE L 54 44.70 -7.87 24.49
N GLU L 55 43.97 -8.87 23.99
CA GLU L 55 44.16 -10.27 24.40
C GLU L 55 45.56 -10.78 24.01
N ASP L 56 46.14 -11.59 24.90
CA ASP L 56 47.49 -12.15 24.74
C ASP L 56 48.59 -11.08 24.67
N THR L 57 48.54 -10.12 25.60
CA THR L 57 49.57 -9.07 25.71
C THR L 57 49.94 -8.83 27.16
N LEU L 58 51.08 -8.16 27.34
CA LEU L 58 51.62 -7.87 28.67
C LEU L 58 52.51 -6.62 28.66
N GLY L 59 52.14 -5.63 29.45
CA GLY L 59 52.97 -4.43 29.64
C GLY L 59 54.12 -4.69 30.61
N ASP L 60 54.90 -3.65 30.89
CA ASP L 60 55.92 -3.71 31.94
C ASP L 60 55.29 -3.92 33.32
N ASP L 61 54.16 -3.25 33.53
CA ASP L 61 53.44 -3.29 34.81
C ASP L 61 52.80 -4.64 35.18
N GLY L 62 52.71 -5.56 34.22
CA GLY L 62 52.14 -6.89 34.44
C GLY L 62 50.67 -7.03 34.08
N ASP L 63 50.00 -5.91 33.76
CA ASP L 63 48.66 -5.93 33.20
C ASP L 63 48.76 -5.94 31.67
N PRO L 64 47.67 -6.36 30.98
CA PRO L 64 47.64 -6.26 29.52
C PRO L 64 47.72 -4.84 28.96
N LEU L 65 48.06 -4.75 27.68
CA LEU L 65 48.16 -3.49 26.98
C LEU L 65 46.75 -2.95 26.71
N ASP L 66 46.49 -1.74 27.20
CA ASP L 66 45.15 -1.13 27.08
C ASP L 66 44.88 -0.72 25.64
N ALA L 67 43.60 -0.60 25.30
CA ALA L 67 43.17 -0.31 23.93
C ALA L 67 41.91 0.54 23.89
N LEU L 68 41.85 1.43 22.90
CA LEU L 68 40.65 2.21 22.55
C LEU L 68 40.22 1.77 21.17
N VAL L 69 38.91 1.62 20.97
CA VAL L 69 38.36 1.21 19.68
C VAL L 69 37.27 2.20 19.24
N LEU L 70 37.42 2.70 18.02
CA LEU L 70 36.43 3.59 17.42
C LEU L 70 35.36 2.76 16.73
N LEU L 71 34.10 3.02 17.07
CA LEU L 71 32.97 2.23 16.59
C LEU L 71 31.80 3.13 16.19
N PRO L 72 30.95 2.68 15.25
CA PRO L 72 29.70 3.39 14.95
C PRO L 72 28.68 3.26 16.08
N GLN L 73 28.69 2.11 16.76
CA GLN L 73 27.82 1.85 17.90
C GLN L 73 28.64 1.14 18.99
N PRO L 74 28.44 1.51 20.27
CA PRO L 74 29.15 0.80 21.35
C PRO L 74 28.77 -0.69 21.46
N VAL L 75 29.60 -1.44 22.14
CA VAL L 75 29.32 -2.86 22.45
C VAL L 75 28.95 -2.98 23.94
N PHE L 76 28.80 -4.21 24.42
CA PHE L 76 28.61 -4.50 25.84
C PHE L 76 29.97 -4.81 26.47
N PRO L 77 30.08 -4.67 27.80
CA PRO L 77 31.33 -5.08 28.46
C PRO L 77 31.60 -6.57 28.32
N GLY L 78 32.86 -6.92 28.10
CA GLY L 78 33.28 -8.31 27.86
C GLY L 78 33.19 -8.80 26.42
N VAL L 79 32.88 -7.91 25.48
CA VAL L 79 32.74 -8.26 24.06
C VAL L 79 34.10 -8.18 23.36
N LEU L 80 34.37 -9.17 22.51
CA LEU L 80 35.59 -9.21 21.70
C LEU L 80 35.38 -8.46 20.38
N VAL L 81 36.37 -7.64 20.02
CA VAL L 81 36.39 -6.94 18.73
C VAL L 81 37.73 -7.17 18.06
N ALA L 82 37.72 -7.78 16.88
CA ALA L 82 38.89 -7.87 16.03
C ALA L 82 39.26 -6.47 15.56
N ALA L 83 40.48 -6.04 15.85
CA ALA L 83 40.90 -4.65 15.63
C ALA L 83 42.35 -4.53 15.15
N ARG L 84 42.63 -3.42 14.46
CA ARG L 84 43.99 -3.09 13.99
C ARG L 84 44.39 -1.70 14.49
N PRO L 85 45.68 -1.50 14.82
CA PRO L 85 46.10 -0.22 15.39
C PRO L 85 46.31 0.87 14.33
N VAL L 86 45.99 2.10 14.72
CA VAL L 86 46.27 3.30 13.90
C VAL L 86 47.04 4.40 14.66
N GLY L 87 47.36 4.16 15.93
CA GLY L 87 48.02 5.13 16.78
C GLY L 87 48.05 4.67 18.22
N MET L 88 48.69 5.45 19.09
CA MET L 88 48.78 5.15 20.51
C MET L 88 48.82 6.44 21.33
N PHE L 89 48.19 6.37 22.50
CA PHE L 89 48.12 7.49 23.44
C PHE L 89 49.08 7.19 24.58
N ARG L 90 50.21 7.89 24.59
CA ARG L 90 51.25 7.70 25.61
C ARG L 90 51.01 8.66 26.77
N MET L 91 50.86 8.10 27.98
CA MET L 91 50.66 8.91 29.18
C MET L 91 51.47 8.39 30.37
N VAL L 92 51.47 9.19 31.43
CA VAL L 92 52.06 8.82 32.72
C VAL L 92 51.06 9.24 33.78
N ASP L 93 50.83 8.37 34.77
CA ASP L 93 49.98 8.67 35.92
C ASP L 93 50.69 8.32 37.23
N GLU L 94 49.98 8.42 38.36
CA GLU L 94 50.50 8.00 39.68
C GLU L 94 51.22 6.65 39.73
N HIS L 95 50.73 5.69 38.95
CA HIS L 95 51.37 4.37 38.82
C HIS L 95 52.46 4.27 37.75
N GLY L 96 52.81 5.40 37.13
CA GLY L 96 53.91 5.47 36.16
C GLY L 96 53.43 5.41 34.72
N GLY L 97 54.22 4.75 33.88
CA GLY L 97 53.93 4.65 32.45
C GLY L 97 52.64 3.92 32.14
N ASP L 98 51.89 4.43 31.17
CA ASP L 98 50.61 3.85 30.77
C ASP L 98 50.31 4.22 29.31
N ASP L 99 50.34 3.21 28.45
CA ASP L 99 50.08 3.39 27.02
C ASP L 99 48.73 2.78 26.64
N LYS L 100 48.06 3.41 25.68
CA LYS L 100 46.73 3.01 25.23
C LYS L 100 46.67 3.04 23.70
N VAL L 101 46.51 1.86 23.10
CA VAL L 101 46.54 1.70 21.65
C VAL L 101 45.18 2.06 21.06
N LEU L 102 45.15 3.06 20.17
CA LEU L 102 43.92 3.45 19.48
C LEU L 102 43.73 2.58 18.24
N CYS L 103 42.58 1.93 18.15
CA CYS L 103 42.28 0.97 17.09
C CYS L 103 41.00 1.28 16.33
N VAL L 104 40.81 0.57 15.23
CA VAL L 104 39.57 0.54 14.47
C VAL L 104 39.23 -0.93 14.20
N PRO L 105 37.99 -1.24 13.78
CA PRO L 105 37.65 -2.63 13.45
C PRO L 105 38.43 -3.19 12.26
N ALA L 106 38.98 -4.39 12.43
CA ALA L 106 39.78 -5.06 11.41
C ALA L 106 38.89 -5.75 10.39
N GLY L 107 39.27 -5.66 9.12
CA GLY L 107 38.51 -6.26 8.02
C GLY L 107 37.24 -5.53 7.64
N ASP L 108 37.07 -4.29 8.12
CA ASP L 108 35.88 -3.49 7.89
C ASP L 108 36.24 -2.37 6.90
N PRO L 109 35.67 -2.41 5.66
CA PRO L 109 36.00 -1.38 4.66
C PRO L 109 35.51 0.04 4.98
N ARG L 110 34.59 0.18 5.93
CA ARG L 110 34.15 1.50 6.42
C ARG L 110 35.22 2.26 7.22
N TRP L 111 36.30 1.58 7.60
CA TRP L 111 37.44 2.20 8.32
C TRP L 111 38.76 2.15 7.55
N ASP L 112 38.71 1.80 6.26
CA ASP L 112 39.90 1.76 5.39
C ASP L 112 40.52 3.14 5.14
N HIS L 113 39.70 4.19 5.23
CA HIS L 113 40.19 5.57 5.17
C HIS L 113 41.02 6.01 6.39
N VAL L 114 40.90 5.27 7.50
CA VAL L 114 41.68 5.50 8.72
C VAL L 114 42.85 4.50 8.78
N GLN L 115 44.03 4.98 8.36
CA GLN L 115 45.26 4.17 8.34
C GLN L 115 46.36 4.61 9.31
N ASP L 116 46.34 5.87 9.75
CA ASP L 116 47.31 6.39 10.71
C ASP L 116 46.68 7.49 11.57
N ILE L 117 47.41 7.92 12.61
CA ILE L 117 46.92 8.91 13.58
C ILE L 117 46.44 10.23 12.96
N GLY L 118 47.07 10.66 11.87
CA GLY L 118 46.66 11.84 11.12
C GLY L 118 45.25 11.76 10.54
N ASP L 119 44.83 10.54 10.21
CA ASP L 119 43.50 10.29 9.62
C ASP L 119 42.32 10.45 10.58
N VAL L 120 42.57 10.40 11.89
CA VAL L 120 41.52 10.62 12.89
C VAL L 120 41.36 12.13 13.11
N PRO L 121 40.11 12.65 13.06
CA PRO L 121 39.88 14.08 13.31
C PRO L 121 40.43 14.56 14.66
N ALA L 122 40.96 15.77 14.67
CA ALA L 122 41.59 16.36 15.87
C ALA L 122 40.62 16.49 17.05
N PHE L 123 39.35 16.76 16.76
CA PHE L 123 38.31 16.88 17.78
C PHE L 123 38.12 15.60 18.60
N GLU L 124 38.18 14.46 17.92
CA GLU L 124 38.07 13.15 18.58
C GLU L 124 39.29 12.83 19.43
N LEU L 125 40.49 13.13 18.92
CA LEU L 125 41.75 12.93 19.67
C LEU L 125 41.86 13.86 20.88
N ASP L 126 41.50 15.13 20.69
CA ASP L 126 41.47 16.10 21.80
C ASP L 126 40.51 15.67 22.90
N ALA L 127 39.36 15.13 22.51
CA ALA L 127 38.35 14.64 23.45
C ALA L 127 38.87 13.45 24.25
N ILE L 128 39.54 12.52 23.58
CA ILE L 128 40.15 11.36 24.24
C ILE L 128 41.24 11.79 25.24
N LYS L 129 42.14 12.65 24.79
CA LYS L 129 43.20 13.20 25.65
C LYS L 129 42.60 13.89 26.88
N HIS L 130 41.59 14.71 26.65
CA HIS L 130 40.91 15.45 27.72
C HIS L 130 40.27 14.54 28.77
N PHE L 131 39.71 13.42 28.35
CA PHE L 131 39.10 12.47 29.28
C PHE L 131 40.14 11.96 30.26
N PHE L 132 41.17 11.32 29.72
CA PHE L 132 42.22 10.71 30.52
C PHE L 132 42.99 11.71 31.38
N VAL L 133 43.11 12.95 30.91
CA VAL L 133 43.72 14.01 31.71
C VAL L 133 42.90 14.38 32.94
N HIS L 134 41.57 14.35 32.82
CA HIS L 134 40.69 14.89 33.86
C HIS L 134 39.83 13.88 34.65
N TYR L 135 39.72 12.64 34.18
CA TYR L 135 38.80 11.66 34.81
C TYR L 135 39.12 11.31 36.28
N LYS L 136 40.40 11.35 36.66
CA LYS L 136 40.85 11.13 38.06
C LYS L 136 41.26 12.42 38.81
N ASP L 137 40.75 13.56 38.36
CA ASP L 137 41.02 14.84 39.01
C ASP L 137 40.58 14.81 40.47
N LEU L 138 39.30 14.50 40.67
CA LEU L 138 38.70 14.49 42.01
C LEU L 138 39.07 13.29 42.90
N GLU L 139 39.74 12.29 42.33
CA GLU L 139 40.31 11.21 43.14
C GLU L 139 41.62 11.66 43.80
N PRO L 140 41.68 11.64 45.15
CA PRO L 140 42.92 12.01 45.85
C PRO L 140 44.06 11.02 45.60
N GLY L 141 45.26 11.56 45.36
CA GLY L 141 46.44 10.75 45.07
C GLY L 141 46.63 10.37 43.61
N LYS L 142 45.68 10.73 42.76
CA LYS L 142 45.70 10.36 41.35
C LYS L 142 45.81 11.58 40.45
N PHE L 143 46.77 11.50 39.54
CA PHE L 143 47.09 12.56 38.59
C PHE L 143 47.39 11.91 37.26
N VAL L 144 47.13 12.63 36.20
CA VAL L 144 47.71 12.33 34.90
C VAL L 144 48.87 13.31 34.78
N LYS L 145 50.02 12.83 34.33
CA LYS L 145 51.19 13.68 34.22
C LYS L 145 51.35 14.22 32.80
N ALA L 146 51.74 13.36 31.87
CA ALA L 146 51.96 13.75 30.47
C ALA L 146 50.96 13.01 29.59
N ALA L 147 50.72 13.53 28.40
CA ALA L 147 49.75 12.97 27.48
C ALA L 147 50.02 13.44 26.06
N ASP L 148 50.50 12.51 25.22
CA ASP L 148 50.86 12.81 23.83
C ASP L 148 50.45 11.65 22.91
N TRP L 149 50.19 11.97 21.65
CA TRP L 149 49.79 10.99 20.64
C TRP L 149 50.98 10.59 19.77
N VAL L 150 51.03 9.31 19.41
CA VAL L 150 52.06 8.78 18.50
C VAL L 150 51.42 7.95 17.39
N ASP L 151 52.21 7.68 16.35
CA ASP L 151 51.70 7.07 15.11
C ASP L 151 51.57 5.55 15.16
N ARG L 152 51.01 4.99 14.09
CA ARG L 152 50.82 3.54 13.93
C ARG L 152 52.09 2.71 14.17
N ALA L 153 53.20 3.15 13.59
CA ALA L 153 54.50 2.47 13.73
C ALA L 153 54.96 2.37 15.19
N GLU L 154 54.75 3.44 15.94
CA GLU L 154 55.06 3.47 17.37
C GLU L 154 54.17 2.50 18.16
N ALA L 155 52.90 2.45 17.78
CA ALA L 155 51.92 1.55 18.40
C ALA L 155 52.25 0.09 18.13
N GLU L 156 52.47 -0.25 16.87
CA GLU L 156 52.79 -1.62 16.44
C GLU L 156 54.04 -2.18 17.14
N ALA L 157 55.04 -1.33 17.38
CA ALA L 157 56.25 -1.72 18.11
C ALA L 157 55.93 -2.05 19.57
N GLU L 158 55.11 -1.22 20.21
CA GLU L 158 54.67 -1.45 21.59
C GLU L 158 53.82 -2.71 21.73
N VAL L 159 52.97 -2.97 20.72
CA VAL L 159 52.18 -4.20 20.66
C VAL L 159 53.10 -5.41 20.54
N GLN L 160 54.02 -5.36 19.58
CA GLN L 160 54.98 -6.44 19.34
C GLN L 160 55.79 -6.79 20.59
N ARG L 161 56.27 -5.77 21.29
CA ARG L 161 57.00 -5.94 22.55
C ARG L 161 56.12 -6.58 23.63
N SER L 162 54.87 -6.12 23.72
CA SER L 162 53.90 -6.65 24.68
C SER L 162 53.48 -8.09 24.40
N VAL L 163 53.51 -8.48 23.12
CA VAL L 163 53.26 -9.87 22.71
C VAL L 163 54.40 -10.79 23.15
N GLU L 164 55.63 -10.38 22.90
CA GLU L 164 56.84 -11.11 23.31
C GLU L 164 56.87 -11.36 24.82
N ARG L 165 56.61 -10.29 25.57
CA ARG L 165 56.61 -10.29 27.03
C ARG L 165 55.57 -11.24 27.62
N PHE L 166 54.39 -11.26 26.99
CA PHE L 166 53.32 -12.22 27.30
C PHE L 166 53.75 -13.64 26.96
N LYS L 167 54.28 -13.82 25.76
CA LYS L 167 54.75 -15.12 25.25
C LYS L 167 55.86 -15.79 26.09
N ALA L 168 56.59 -14.99 26.87
CA ALA L 168 57.61 -15.50 27.79
C ALA L 168 57.06 -16.48 28.84
P1 POP M . -26.09 11.78 -47.39
O1 POP M . -24.99 10.76 -47.37
O2 POP M . -27.42 11.21 -46.93
O3 POP M . -26.18 12.61 -48.65
O POP M . -25.71 12.85 -46.22
P2 POP M . -24.28 13.59 -46.07
O4 POP M . -24.07 13.62 -44.57
O5 POP M . -24.48 14.94 -46.71
O6 POP M . -23.25 12.76 -46.81
CA CA N . -26.90 3.80 -55.42
CA CA O . -24.17 13.75 -48.71
CA CA P . -22.80 16.19 -41.38
CA CA Q . -22.46 18.42 -47.31
P1 POP R . -10.34 17.67 -13.61
O1 POP R . -9.67 17.49 -12.27
O2 POP R . -11.49 16.75 -13.86
O3 POP R . -10.60 19.11 -13.99
O POP R . -9.24 17.17 -14.68
P2 POP R . -7.92 18.00 -15.03
O4 POP R . -7.46 18.56 -13.69
O5 POP R . -7.03 16.96 -15.63
O6 POP R . -8.38 19.05 -16.01
CA CA S . -15.76 17.23 -13.50
CA CA T . -7.83 18.59 -11.39
CA CA U . 3.15 15.84 -15.65
CA CA V . -12.36 19.96 -8.79
P1 POP W . -42.02 1.59 -17.43
O1 POP W . -40.91 1.87 -18.44
O2 POP W . -43.29 2.48 -17.44
O3 POP W . -42.45 0.15 -17.28
O POP W . -41.34 1.99 -16.02
P2 POP W . -41.23 0.95 -14.80
O4 POP W . -40.60 1.78 -13.71
O5 POP W . -42.68 0.56 -14.57
O6 POP W . -40.35 -0.15 -15.31
CA CA X . -46.19 4.99 -20.52
CA CA Y . -41.87 -8.07 -7.58
CA CA Z . -40.81 5.25 -21.93
CA CA AA . -44.38 0.81 -16.16
P1 POP BA . -9.46 -13.81 -49.57
O1 POP BA . -7.97 -13.62 -49.40
O2 POP BA . -10.27 -12.64 -49.06
O3 POP BA . -9.87 -14.32 -50.93
O POP BA . -9.80 -15.00 -48.54
P2 POP BA . -11.09 -15.97 -48.67
O4 POP BA . -10.55 -17.33 -48.29
O5 POP BA . -12.05 -15.38 -47.67
O6 POP BA . -11.55 -15.87 -50.10
CA CA CA . -11.25 -15.49 -52.38
CA CA DA . -7.67 -4.62 -55.57
CA CA EA . -13.12 -19.59 -44.62
CA CA FA . -13.06 -21.03 -51.56
P1 POP GA . 4.33 -10.30 -14.55
O1 POP GA . 5.80 -10.19 -14.18
O2 POP GA . 3.64 -11.51 -13.97
O3 POP GA . 3.54 -9.02 -14.43
O POP GA . 4.31 -10.56 -16.14
P2 POP GA . 5.46 -10.01 -17.13
O4 POP GA . 6.65 -10.90 -16.82
O5 POP GA . 5.63 -8.55 -16.78
O6 POP GA . 4.85 -10.24 -18.50
CA CA HA . 4.07 -12.47 -22.99
CA CA IA . 7.80 -9.73 -15.25
CA CA JA . 9.63 -13.48 -20.70
P1 POP KA . 25.11 28.70 29.75
O1 POP KA . 25.33 28.82 31.24
O2 POP KA . 25.04 30.06 29.09
O3 POP KA . 24.05 27.69 29.33
O POP KA . 26.51 28.06 29.18
P2 POP KA . 26.87 28.14 27.59
O4 POP KA . 27.44 29.53 27.38
O5 POP KA . 27.85 27.01 27.43
O6 POP KA . 25.56 27.90 26.86
CA CA LA . 26.78 30.52 30.56
CA CA MA . 22.82 31.83 32.74
CA CA NA . 37.87 26.46 25.81
CA CA OA . 19.25 27.65 31.06
P1 POP PA . -28.95 -26.82 -20.30
O1 POP PA . -29.32 -27.69 -19.10
O2 POP PA . -29.19 -27.44 -21.67
O3 POP PA . -29.43 -25.40 -20.20
O POP PA . -27.35 -26.69 -20.19
P2 POP PA . -26.62 -26.41 -18.78
O4 POP PA . -25.28 -27.09 -18.95
O5 POP PA . -27.50 -27.06 -17.73
O6 POP PA . -26.54 -24.90 -18.68
CA CA QA . -29.26 -28.27 -16.84
CA CA RA . -24.19 -29.08 -14.58
CA CA SA . -20.85 -26.01 -17.52
P1 POP TA . -4.62 9.70 38.20
O1 POP TA . -4.80 8.29 38.72
O2 POP TA . -4.00 9.85 36.82
O3 POP TA . -5.89 10.48 38.47
O POP TA . -3.52 10.40 39.14
P2 POP TA . -3.23 9.88 40.65
O4 POP TA . -2.60 11.07 41.33
O5 POP TA . -2.26 8.74 40.44
O6 POP TA . -4.59 9.48 41.17
CA CA UA . -1.09 4.98 50.43
CA CA VA . -6.56 8.92 40.09
CA CA WA . -4.47 10.90 32.38
CA CA XA . -9.62 9.71 35.78
P1 POP YA . 7.12 10.88 4.61
O1 POP YA . 8.29 10.68 5.54
O2 POP YA . 7.42 10.57 3.17
O3 POP YA . 6.35 12.17 4.82
O POP YA . 6.09 9.73 5.13
P2 POP YA . 5.50 8.55 4.21
O4 POP YA . 6.17 7.32 4.76
O5 POP YA . 4.02 8.62 4.54
O6 POP YA . 5.87 8.90 2.78
CA CA ZA . 7.02 9.81 1.03
CA CA AB . 9.01 15.35 7.58
CA CA BB . 4.12 -1.92 0.37
CA CA CB . 8.09 15.39 1.18
P1 POP DB . 23.71 -16.04 10.18
O1 POP DB . 23.61 -15.71 11.65
O2 POP DB . 23.71 -17.52 9.80
O3 POP DB . 22.81 -15.30 9.23
O POP DB . 25.23 -15.58 9.84
P2 POP DB . 25.58 -14.58 8.61
O4 POP DB . 27.09 -14.45 8.68
O5 POP DB . 25.05 -15.32 7.40
O6 POP DB . 24.87 -13.29 8.92
CA CA EB . 23.37 -16.85 7.58
CA CA FB . 24.32 -8.27 -0.79
CA CA GB . 23.41 -17.98 15.72
CA CA HB . 23.24 -21.13 10.77
P1 POP IB . 14.26 -15.45 44.95
O1 POP IB . 14.08 -16.30 46.20
O2 POP IB . 13.43 -14.20 44.93
O3 POP IB . 15.70 -15.24 44.55
O POP IB . 13.67 -16.37 43.75
P2 POP IB . 12.09 -16.60 43.48
O4 POP IB . 11.51 -16.92 44.85
O5 POP IB . 11.61 -15.31 42.88
O6 POP IB . 12.06 -17.77 42.52
CA CA JB . 18.45 -16.23 48.03
CA CA KB . 19.63 -14.30 44.31
P1 POP LB . 43.31 2.10 33.99
O1 POP LB . 44.17 1.17 34.83
O2 POP LB . 44.08 2.81 32.90
O3 POP LB . 42.02 1.47 33.53
O POP LB . 42.84 3.30 34.96
P2 POP LB . 42.91 3.26 36.57
O4 POP LB . 44.38 3.26 36.90
O5 POP LB . 42.18 4.51 36.97
O6 POP LB . 42.18 1.98 36.95
CA CA MB . 45.62 4.16 33.96
CA CA NB . 43.17 13.58 41.45
CA CA OB . 47.40 -1.24 30.76
CA CA PB . 42.11 -2.12 30.63
#